data_5IYE
# 
_entry.id   5IYE 
# 
_audit_conform.dict_name       mmcif_pdbx.dic 
_audit_conform.dict_version    5.380 
_audit_conform.dict_location   http://mmcif.pdb.org/dictionaries/ascii/mmcif_pdbx.dic 
# 
loop_
_database_2.database_id 
_database_2.database_code 
_database_2.pdbx_database_accession 
_database_2.pdbx_DOI 
PDB   5IYE         pdb_00005iye 10.2210/pdb5iye/pdb 
WWPDB D_1000219623 ?            ?                   
# 
loop_
_pdbx_database_related.db_name 
_pdbx_database_related.details 
_pdbx_database_related.db_id 
_pdbx_database_related.content_type 
PDB . 5IYG unspecified 
PDB . 5IYJ unspecified 
# 
_pdbx_database_status.status_code                     REL 
_pdbx_database_status.status_code_sf                  REL 
_pdbx_database_status.status_code_mr                  ? 
_pdbx_database_status.entry_id                        5IYE 
_pdbx_database_status.recvd_initial_deposition_date   2016-03-24 
_pdbx_database_status.SG_entry                        N 
_pdbx_database_status.deposit_site                    RCSB 
_pdbx_database_status.process_site                    PDBJ 
_pdbx_database_status.status_code_cs                  ? 
_pdbx_database_status.methods_development_category    ? 
_pdbx_database_status.pdb_format_compatible           Y 
_pdbx_database_status.status_code_nmr_data            ? 
# 
loop_
_audit_author.name 
_audit_author.pdbx_ordinal 
_audit_author.identifier_ORCID 
'Karthik, S.'             1 ? 
'Thirugnanasambandam, A.' 2 ? 
'Mandal, P.K.'            3 ? 
'Gautham, N.'             4 ? 
# 
_citation.abstract                  ? 
_citation.abstract_id_CAS           ? 
_citation.book_id_ISBN              ? 
_citation.book_publisher            ? 
_citation.book_publisher_city       ? 
_citation.book_title                ? 
_citation.coordinate_linkage        ? 
_citation.country                   US 
_citation.database_id_Medline       ? 
_citation.details                   ? 
_citation.id                        primary 
_citation.journal_abbrev            'Nucleosides Nucleotides Nucleic Acids' 
_citation.journal_id_ASTM           ? 
_citation.journal_id_CSD            ? 
_citation.journal_id_ISSN           1532-2335 
_citation.journal_full              ? 
_citation.journal_issue             ? 
_citation.journal_volume            36 
_citation.language                  ? 
_citation.page_first                343 
_citation.page_last                 354 
_citation.title                     
'Comparison of X-ray crystal structures of a tetradecamer sequence d(CCCGGGTACCCGGG)2 at 1.7 angstrom resolution.' 
_citation.year                      2017 
_citation.database_id_CSD           ? 
_citation.pdbx_database_id_DOI      10.1080/15257770.2017.1287378 
_citation.pdbx_database_id_PubMed   28387634 
_citation.unpublished_flag          ? 
# 
loop_
_citation_author.citation_id 
_citation_author.name 
_citation_author.ordinal 
_citation_author.identifier_ORCID 
primary 'Karthik, S.'             1 ? 
primary 'Thirugnanasambandam, A.' 2 ? 
primary 'Mandal, P.K.'            3 ? 
primary 'Gautham, N.'             4 ? 
# 
_cell.length_a           29.283 
_cell.length_b           29.283 
_cell.length_c           88.213 
_cell.angle_alpha        90.000 
_cell.angle_beta         90.000 
_cell.angle_gamma        90.000 
_cell.entry_id           5IYE 
_cell.Z_PDB              8 
_cell.pdbx_unique_axis   ? 
# 
_symmetry.space_group_name_H-M             'P 41' 
_symmetry.entry_id                         5IYE 
_symmetry.Int_Tables_number                76 
_symmetry.pdbx_full_space_group_name_H-M   ? 
_symmetry.cell_setting                     ? 
# 
loop_
_entity.id 
_entity.type 
_entity.src_method 
_entity.pdbx_description 
_entity.formula_weight 
_entity.pdbx_number_of_molecules 
_entity.pdbx_ec 
_entity.pdbx_mutation 
_entity.pdbx_fragment 
_entity.details 
1 polymer     syn 
;DNA (5'-D(*CP*CP*CP*GP*GP*GP*TP*AP*CP*CP*CP*GP*GP*G)-3')
;
4282.768 2  ? ? ? ? 
2 non-polymer syn 'ZINC ION'                                                 65.409   2  ? ? ? ? 
3 water       nat water                                                      18.015   46 ? ? ? ? 
# 
_entity_poly.entity_id                      1 
_entity_poly.type                           polydeoxyribonucleotide 
_entity_poly.nstd_linkage                   no 
_entity_poly.nstd_monomer                   no 
_entity_poly.pdbx_seq_one_letter_code       '(DC)(DC)(DC)(DG)(DG)(DG)(DT)(DA)(DC)(DC)(DC)(DG)(DG)(DG)' 
_entity_poly.pdbx_seq_one_letter_code_can   CCCGGGTACCCGGG 
_entity_poly.pdbx_strand_id                 A,B 
_entity_poly.pdbx_target_identifier         ? 
# 
loop_
_entity_poly_seq.entity_id 
_entity_poly_seq.num 
_entity_poly_seq.mon_id 
_entity_poly_seq.hetero 
1 1  DC n 
1 2  DC n 
1 3  DC n 
1 4  DG n 
1 5  DG n 
1 6  DG n 
1 7  DT n 
1 8  DA n 
1 9  DC n 
1 10 DC n 
1 11 DC n 
1 12 DG n 
1 13 DG n 
1 14 DG n 
# 
_pdbx_entity_src_syn.entity_id              1 
_pdbx_entity_src_syn.pdbx_src_id            1 
_pdbx_entity_src_syn.pdbx_alt_source_flag   sample 
_pdbx_entity_src_syn.pdbx_beg_seq_num       1 
_pdbx_entity_src_syn.pdbx_end_seq_num       14 
_pdbx_entity_src_syn.organism_scientific    'synthetic construct' 
_pdbx_entity_src_syn.organism_common_name   ? 
_pdbx_entity_src_syn.ncbi_taxonomy_id       32630 
_pdbx_entity_src_syn.details                ? 
# 
_struct_ref.id                         1 
_struct_ref.db_name                    PDB 
_struct_ref.db_code                    5IYE 
_struct_ref.pdbx_db_accession          5IYE 
_struct_ref.pdbx_db_isoform            ? 
_struct_ref.entity_id                  1 
_struct_ref.pdbx_seq_one_letter_code   ? 
_struct_ref.pdbx_align_begin           1 
# 
loop_
_struct_ref_seq.align_id 
_struct_ref_seq.ref_id 
_struct_ref_seq.pdbx_PDB_id_code 
_struct_ref_seq.pdbx_strand_id 
_struct_ref_seq.seq_align_beg 
_struct_ref_seq.pdbx_seq_align_beg_ins_code 
_struct_ref_seq.seq_align_end 
_struct_ref_seq.pdbx_seq_align_end_ins_code 
_struct_ref_seq.pdbx_db_accession 
_struct_ref_seq.db_align_beg 
_struct_ref_seq.pdbx_db_align_beg_ins_code 
_struct_ref_seq.db_align_end 
_struct_ref_seq.pdbx_db_align_end_ins_code 
_struct_ref_seq.pdbx_auth_seq_align_beg 
_struct_ref_seq.pdbx_auth_seq_align_end 
1 1 5IYE A 1 ? 14 ? 5IYE 1 ? 14 ? 1 14 
2 1 5IYE B 1 ? 14 ? 5IYE 1 ? 14 ? 1 14 
# 
loop_
_chem_comp.id 
_chem_comp.type 
_chem_comp.mon_nstd_flag 
_chem_comp.name 
_chem_comp.pdbx_synonyms 
_chem_comp.formula 
_chem_comp.formula_weight 
DA  'DNA linking' y "2'-DEOXYADENOSINE-5'-MONOPHOSPHATE" ? 'C10 H14 N5 O6 P' 331.222 
DC  'DNA linking' y "2'-DEOXYCYTIDINE-5'-MONOPHOSPHATE"  ? 'C9 H14 N3 O7 P'  307.197 
DG  'DNA linking' y "2'-DEOXYGUANOSINE-5'-MONOPHOSPHATE" ? 'C10 H14 N5 O7 P' 347.221 
DT  'DNA linking' y "THYMIDINE-5'-MONOPHOSPHATE"         ? 'C10 H15 N2 O8 P' 322.208 
HOH non-polymer   . WATER                                ? 'H2 O'            18.015  
ZN  non-polymer   . 'ZINC ION'                           ? 'Zn 2'            65.409  
# 
_exptl.absorpt_coefficient_mu     ? 
_exptl.absorpt_correction_T_max   ? 
_exptl.absorpt_correction_T_min   ? 
_exptl.absorpt_correction_type    ? 
_exptl.absorpt_process_details    ? 
_exptl.entry_id                   5IYE 
_exptl.crystals_number            1 
_exptl.details                    ? 
_exptl.method                     'X-RAY DIFFRACTION' 
_exptl.method_details             ? 
# 
_exptl_crystal.colour                      ? 
_exptl_crystal.density_diffrn              ? 
_exptl_crystal.density_Matthews            2.03 
_exptl_crystal.density_method              ? 
_exptl_crystal.density_percent_sol         59.15 
_exptl_crystal.description                 
;Hexagonal shaped single large crystal. 
THE ENTRY CONTAINS FRIEDEL PAIRS IN F_PLUS/MINUS COLUMNS.
;
_exptl_crystal.F_000                       ? 
_exptl_crystal.id                          1 
_exptl_crystal.preparation                 ? 
_exptl_crystal.size_max                    ? 
_exptl_crystal.size_mid                    ? 
_exptl_crystal.size_min                    ? 
_exptl_crystal.size_rad                    ? 
_exptl_crystal.colour_lustre               ? 
_exptl_crystal.colour_modifier             ? 
_exptl_crystal.colour_primary              ? 
_exptl_crystal.density_meas                ? 
_exptl_crystal.density_meas_esd            ? 
_exptl_crystal.density_meas_gt             ? 
_exptl_crystal.density_meas_lt             ? 
_exptl_crystal.density_meas_temp           ? 
_exptl_crystal.density_meas_temp_esd       ? 
_exptl_crystal.density_meas_temp_gt        ? 
_exptl_crystal.density_meas_temp_lt        ? 
_exptl_crystal.pdbx_crystal_image_url      ? 
_exptl_crystal.pdbx_crystal_image_format   ? 
_exptl_crystal.pdbx_mosaicity              ? 
_exptl_crystal.pdbx_mosaicity_esd          ? 
# 
_exptl_crystal_grow.apparatus       ? 
_exptl_crystal_grow.atmosphere      ? 
_exptl_crystal_grow.crystal_id      1 
_exptl_crystal_grow.details         ? 
_exptl_crystal_grow.method          'VAPOR DIFFUSION, HANGING DROP' 
_exptl_crystal_grow.method_ref      ? 
_exptl_crystal_grow.pH              7.0 
_exptl_crystal_grow.pressure        ? 
_exptl_crystal_grow.pressure_esd    ? 
_exptl_crystal_grow.seeding         ? 
_exptl_crystal_grow.seeding_ref     ? 
_exptl_crystal_grow.temp            293 
_exptl_crystal_grow.temp_details    ? 
_exptl_crystal_grow.temp_esd        ? 
_exptl_crystal_grow.time            ? 
_exptl_crystal_grow.pdbx_details    '1mM DNA, 50mM sodium cacodylate buffer, 8mM Zncl2, 10mM spermine, 40% MPD' 
_exptl_crystal_grow.pdbx_pH_range   ? 
# 
_diffrn.ambient_environment    ? 
_diffrn.ambient_temp           100 
_diffrn.ambient_temp_details   ? 
_diffrn.ambient_temp_esd       ? 
_diffrn.crystal_id             1 
_diffrn.crystal_support        ? 
_diffrn.crystal_treatment      ? 
_diffrn.details                ? 
_diffrn.id                     1 
_diffrn.ambient_pressure       ? 
_diffrn.ambient_pressure_esd   ? 
_diffrn.ambient_pressure_gt    ? 
_diffrn.ambient_pressure_lt    ? 
_diffrn.ambient_temp_gt        ? 
_diffrn.ambient_temp_lt        ? 
# 
_diffrn_detector.details                      'Bent collimating mirror' 
_diffrn_detector.detector                     CCD 
_diffrn_detector.diffrn_id                    1 
_diffrn_detector.type                         'MARMOSAIC 225 mm CCD' 
_diffrn_detector.area_resol_mean              ? 
_diffrn_detector.dtime                        ? 
_diffrn_detector.pdbx_frames_total            ? 
_diffrn_detector.pdbx_collection_time_total   ? 
_diffrn_detector.pdbx_collection_date         2013-07-01 
# 
_diffrn_radiation.collimation                      ? 
_diffrn_radiation.diffrn_id                        1 
_diffrn_radiation.filter_edge                      ? 
_diffrn_radiation.inhomogeneity                    ? 
_diffrn_radiation.monochromator                    'Si(III) monochromator' 
_diffrn_radiation.polarisn_norm                    ? 
_diffrn_radiation.polarisn_ratio                   ? 
_diffrn_radiation.probe                            ? 
_diffrn_radiation.type                             ? 
_diffrn_radiation.xray_symbol                      ? 
_diffrn_radiation.wavelength_id                    1 
_diffrn_radiation.pdbx_monochromatic_or_laue_m_l   M 
_diffrn_radiation.pdbx_wavelength_list             ? 
_diffrn_radiation.pdbx_wavelength                  ? 
_diffrn_radiation.pdbx_diffrn_protocol             'SINGLE WAVELENGTH' 
_diffrn_radiation.pdbx_analyzer                    ? 
_diffrn_radiation.pdbx_scattering_type             x-ray 
# 
_diffrn_radiation_wavelength.id           1 
_diffrn_radiation_wavelength.wavelength   1.282 
_diffrn_radiation_wavelength.wt           1.0 
# 
_diffrn_source.current                     ? 
_diffrn_source.details                     ? 
_diffrn_source.diffrn_id                   1 
_diffrn_source.power                       ? 
_diffrn_source.size                        ? 
_diffrn_source.source                      SYNCHROTRON 
_diffrn_source.target                      ? 
_diffrn_source.type                        'ESRF BEAMLINE BM14' 
_diffrn_source.voltage                     ? 
_diffrn_source.take-off_angle              ? 
_diffrn_source.pdbx_wavelength_list        1.282 
_diffrn_source.pdbx_wavelength             ? 
_diffrn_source.pdbx_synchrotron_beamline   BM14 
_diffrn_source.pdbx_synchrotron_site       ESRF 
# 
_reflns.d_resolution_high            1.690 
_reflns.d_resolution_low             27.792 
_reflns.pdbx_number_measured_all     118422 
_reflns.number_obs                   16064 
_reflns.pdbx_Rmerge_I_obs            0.045 
_reflns.pdbx_netI_over_sigmaI        21.740 
_reflns.pdbx_chi_squared             1.007 
_reflns.percent_possible_obs         98.400 
_reflns.observed_criterion_sigma_I   -3.000 
_reflns.pdbx_Rrim_I_all              0.049 
_reflns.pdbx_CC_half                 0.999 
_reflns.B_iso_Wilson_estimate        27.710 
_reflns.pdbx_diffrn_id               1 
_reflns.pdbx_ordinal                 1 
_reflns.entry_id                     5IYE 
_reflns.observed_criterion_sigma_F   ? 
_reflns.number_all                   ? 
_reflns.pdbx_Rsym_value              ? 
_reflns.pdbx_redundancy              ? 
# 
loop_
_reflns_shell.pdbx_diffrn_id 
_reflns_shell.pdbx_ordinal 
_reflns_shell.d_res_high 
_reflns_shell.d_res_low 
_reflns_shell.number_measured_obs 
_reflns_shell.number_measured_all 
_reflns_shell.number_unique_obs 
_reflns_shell.pdbx_rejects 
_reflns_shell.Rmerge_I_obs 
_reflns_shell.meanI_over_sigI_obs 
_reflns_shell.pdbx_Rsym_value 
_reflns_shell.pdbx_chi_squared 
_reflns_shell.pdbx_redundancy 
_reflns_shell.percent_possible_obs 
_reflns_shell.pdbx_netI_over_sigmaI_obs 
_reflns_shell.number_possible 
_reflns_shell.number_unique_all 
_reflns_shell.Rmerge_F_all 
_reflns_shell.Rmerge_F_obs 
_reflns_shell.Rmerge_I_all 
_reflns_shell.meanI_over_sigI_all 
_reflns_shell.percent_possible_all 
_reflns_shell.pdbx_Rrim_I_all 
_reflns_shell.pdbx_Rpim_I_all 
_reflns_shell.pdbx_CC_half 
1 1 1.690 1.800  17576 ? 2457 0 0.276 5.690  ? ? ? ? ? 2644 ? ? ? ? ? 92.900  0.298 ? 0.968 
1 2 1.800 1.920  18535 ? 2500 0 0.178 9.280  ? ? ? ? ? 2500 ? ? ? ? ? 100.000 0.191 ? 0.988 
1 3 1.920 2.070  17157 ? 2302 0 0.116 14.400 ? ? ? ? ? 2302 ? ? ? ? ? 100.000 0.125 ? 0.996 
1 4 2.070 2.270  15780 ? 2116 0 0.081 20.520 ? ? ? ? ? 2116 ? ? ? ? ? 100.000 0.087 ? 0.997 
1 5 2.270 2.530  14174 ? 1884 0 0.059 28.100 ? ? ? ? ? 1884 ? ? ? ? ? 100.000 0.063 ? 0.999 
1 6 2.530 2.920  12874 ? 1732 0 0.048 34.150 ? ? ? ? ? 1732 ? ? ? ? ? 100.000 0.052 ? 0.999 
1 7 2.920 3.570  10449 ? 1410 0 0.040 39.430 ? ? ? ? ? 1410 ? ? ? ? ? 100.000 0.043 ? 0.999 
1 8 3.570 5.010  8111  ? 1107 0 0.039 41.510 ? ? ? ? ? 1110 ? ? ? ? ? 99.700  0.042 ? 0.999 
1 9 5.010 27.792 3766  ? 556  0 0.036 39.430 ? ? ? ? ? 629  ? ? ? ? ? 88.400  0.039 ? 0.999 
# 
_refine.entry_id                                 5IYE 
_refine.pdbx_refine_id                           'X-RAY DIFFRACTION' 
_refine.ls_d_res_high                            1.6940 
_refine.ls_d_res_low                             27.7920 
_refine.pdbx_ls_sigma_F                          1.450 
_refine.pdbx_data_cutoff_high_absF               ? 
_refine.pdbx_data_cutoff_low_absF                ? 
_refine.ls_percent_reflns_obs                    98.3200 
_refine.ls_number_reflns_obs                     16056 
_refine.ls_number_reflns_all                     ? 
_refine.pdbx_ls_cross_valid_method               'FREE R-VALUE' 
_refine.ls_matrix_type                           ? 
_refine.pdbx_R_Free_selection_details            Random 
_refine.details                                  'THE ENTRY CONTAINS FRIEDEL PAIRS IN F_PLUS/MINUS COLUMNS' 
_refine.ls_R_factor_all                          ? 
_refine.ls_R_factor_obs                          0.1914 
_refine.ls_R_factor_R_work                       0.1884 
_refine.ls_wR_factor_R_work                      ? 
_refine.ls_R_factor_R_free                       0.2195 
_refine.ls_wR_factor_R_free                      ? 
_refine.ls_percent_reflns_R_free                 9.9100 
_refine.ls_number_reflns_R_free                  1591 
_refine.ls_number_reflns_R_work                  14465 
_refine.ls_R_factor_R_free_error                 ? 
_refine.B_iso_mean                               34.4490 
_refine.solvent_model_param_bsol                 ? 
_refine.solvent_model_param_ksol                 ? 
_refine.pdbx_isotropic_thermal_model             ? 
_refine.aniso_B[1][1]                            ? 
_refine.aniso_B[2][2]                            ? 
_refine.aniso_B[3][3]                            ? 
_refine.aniso_B[1][2]                            ? 
_refine.aniso_B[1][3]                            ? 
_refine.aniso_B[2][3]                            ? 
_refine.correlation_coeff_Fo_to_Fc               ? 
_refine.correlation_coeff_Fo_to_Fc_free          ? 
_refine.overall_SU_R_Cruickshank_DPI             ? 
_refine.pdbx_overall_SU_R_free_Cruickshank_DPI   ? 
_refine.pdbx_overall_SU_R_Blow_DPI               ? 
_refine.pdbx_overall_SU_R_free_Blow_DPI          ? 
_refine.overall_SU_R_free                        ? 
_refine.pdbx_overall_ESU_R                       ? 
_refine.pdbx_overall_ESU_R_Free                  ? 
_refine.overall_SU_ML                            0.1700 
_refine.overall_SU_B                             ? 
_refine.solvent_model_details                    'FLAT BULK SOLVENT MODEL' 
_refine.pdbx_solvent_vdw_probe_radii             1.1100 
_refine.pdbx_solvent_ion_probe_radii             ? 
_refine.pdbx_solvent_shrinkage_radii             0.9000 
_refine.ls_number_parameters                     ? 
_refine.ls_number_restraints                     ? 
_refine.pdbx_starting_model                      3V9D 
_refine.pdbx_method_to_determine_struct          'MOLECULAR REPLACEMENT' 
_refine.pdbx_stereochemistry_target_values       ML 
_refine.pdbx_stereochem_target_val_spec_case     ? 
_refine.overall_FOM_work_R_set                   ? 
_refine.B_iso_max                                75.830 
_refine.B_iso_min                                24.060 
_refine.pdbx_overall_phase_error                 24.0800 
_refine.occupancy_max                            ? 
_refine.occupancy_min                            ? 
_refine.pdbx_diffrn_id                           1 
_refine.pdbx_TLS_residual_ADP_flag               ? 
_refine.pdbx_ls_sigma_I                          ? 
_refine.pdbx_data_cutoff_high_rms_absF           ? 
_refine.ls_R_factor_R_free_error_details         ? 
# 
_refine_hist.cycle_id                         final 
_refine_hist.pdbx_refine_id                   'X-RAY DIFFRACTION' 
_refine_hist.d_res_high                       1.6940 
_refine_hist.d_res_low                        27.7920 
_refine_hist.pdbx_number_atoms_ligand         2 
_refine_hist.number_atoms_solvent             46 
_refine_hist.number_atoms_total               616 
_refine_hist.pdbx_number_residues_total       28 
_refine_hist.pdbx_B_iso_mean_ligand           69.42 
_refine_hist.pdbx_B_iso_mean_solvent          42.68 
_refine_hist.pdbx_number_atoms_protein        0 
_refine_hist.pdbx_number_atoms_nucleic_acid   568 
# 
loop_
_refine_ls_restr.pdbx_refine_id 
_refine_ls_restr.type 
_refine_ls_restr.number 
_refine_ls_restr.dev_ideal 
_refine_ls_restr.dev_ideal_target 
_refine_ls_restr.weight 
_refine_ls_restr.pdbx_restraint_function 
'X-RAY DIFFRACTION' f_bond_d           636 0.013  ? ? ? 
'X-RAY DIFFRACTION' f_angle_d          978 1.553  ? ? ? 
'X-RAY DIFFRACTION' f_chiral_restr     110 0.078  ? ? ? 
'X-RAY DIFFRACTION' f_plane_restr      28  0.010  ? ? ? 
'X-RAY DIFFRACTION' f_dihedral_angle_d 272 14.044 ? ? ? 
# 
loop_
_refine_ls_shell.d_res_high 
_refine_ls_shell.d_res_low 
_refine_ls_shell.pdbx_total_number_of_bins_used 
_refine_ls_shell.percent_reflns_obs 
_refine_ls_shell.number_reflns_R_work 
_refine_ls_shell.R_factor_all 
_refine_ls_shell.R_factor_R_work 
_refine_ls_shell.R_factor_R_free 
_refine_ls_shell.percent_reflns_R_free 
_refine_ls_shell.number_reflns_R_free 
_refine_ls_shell.R_factor_R_free_error 
_refine_ls_shell.number_reflns_all 
_refine_ls_shell.number_reflns_obs 
_refine_ls_shell.pdbx_refine_id 
_refine_ls_shell.R_factor_obs 
1.6938 1.7484  5 87.0000  1179 . 0.2408 0.2542 . 132 . 1179 . 'X-RAY DIFFRACTION' . 
2.3727 2.6113  5 100.0000 1342 . 0.2189 0.2386 . 142 . 1342 . 'X-RAY DIFFRACTION' . 
2.6113 2.9888  5 100.0000 1341 . 0.2458 0.2674 . 154 . 1495 . 'X-RAY DIFFRACTION' . 
2.9888 3.7641  5 100.0000 1335 . 0.1606 0.2175 . 140 . 1475 . 'X-RAY DIFFRACTION' . 
3.7641 27.7955 5 95.0000  1257 . 0.1308 0.1505 . 139 . 1257 . 'X-RAY DIFFRACTION' . 
# 
_struct.entry_id                     5IYE 
_struct.title                        
'Comparison of X-ray crystal structures of a tetradecamer sequence d(CCCGGGTACCCGGG)2 at 1.7 resolution' 
_struct.pdbx_model_details           ? 
_struct.pdbx_formula_weight          ? 
_struct.pdbx_formula_weight_method   ? 
_struct.pdbx_model_type_details      ? 
_struct.pdbx_CASP_flag               N 
# 
_struct_keywords.entry_id        5IYE 
_struct_keywords.text            'A-DNA duplex, tetragonal space group, zinc interactions, DNA' 
_struct_keywords.pdbx_keywords   DNA 
# 
loop_
_struct_asym.id 
_struct_asym.pdbx_blank_PDB_chainid_flag 
_struct_asym.pdbx_modified 
_struct_asym.entity_id 
_struct_asym.details 
A N N 1 ? 
B N N 1 ? 
C N N 2 ? 
D N N 2 ? 
E N N 3 ? 
F N N 3 ? 
# 
loop_
_struct_conn.id 
_struct_conn.conn_type_id 
_struct_conn.pdbx_leaving_atom_flag 
_struct_conn.pdbx_PDB_id 
_struct_conn.ptnr1_label_asym_id 
_struct_conn.ptnr1_label_comp_id 
_struct_conn.ptnr1_label_seq_id 
_struct_conn.ptnr1_label_atom_id 
_struct_conn.pdbx_ptnr1_label_alt_id 
_struct_conn.pdbx_ptnr1_PDB_ins_code 
_struct_conn.pdbx_ptnr1_standard_comp_id 
_struct_conn.ptnr1_symmetry 
_struct_conn.ptnr2_label_asym_id 
_struct_conn.ptnr2_label_comp_id 
_struct_conn.ptnr2_label_seq_id 
_struct_conn.ptnr2_label_atom_id 
_struct_conn.pdbx_ptnr2_label_alt_id 
_struct_conn.pdbx_ptnr2_PDB_ins_code 
_struct_conn.ptnr1_auth_asym_id 
_struct_conn.ptnr1_auth_comp_id 
_struct_conn.ptnr1_auth_seq_id 
_struct_conn.ptnr2_auth_asym_id 
_struct_conn.ptnr2_auth_comp_id 
_struct_conn.ptnr2_auth_seq_id 
_struct_conn.ptnr2_symmetry 
_struct_conn.pdbx_ptnr3_label_atom_id 
_struct_conn.pdbx_ptnr3_label_seq_id 
_struct_conn.pdbx_ptnr3_label_comp_id 
_struct_conn.pdbx_ptnr3_label_asym_id 
_struct_conn.pdbx_ptnr3_label_alt_id 
_struct_conn.pdbx_ptnr3_PDB_ins_code 
_struct_conn.details 
_struct_conn.pdbx_dist_value 
_struct_conn.pdbx_value_order 
_struct_conn.pdbx_role 
metalc1  metalc ? ? A DG 13 N7 ? ? ? 1_555 C ZN  .  ZN ? ? A DG 13  A ZN  101 1_555 ? ? ? ? ? ? ?            2.556 ? ? 
metalc2  metalc ? ? C ZN .  ZN ? ? ? 1_555 E HOH .  O  ? ? A ZN 101 A HOH 214 1_555 ? ? ? ? ? ? ?            1.928 ? ? 
metalc3  metalc ? ? D ZN .  ZN ? ? ? 1_555 F HOH .  O  ? ? B ZN 101 B HOH 213 1_555 ? ? ? ? ? ? ?            2.466 ? ? 
hydrog1  hydrog ? ? A DC 1  N3 ? ? ? 1_555 B DG  14 N1 ? ? A DC 1   B DG  14  1_555 ? ? ? ? ? ? WATSON-CRICK ?     ? ? 
hydrog2  hydrog ? ? A DC 1  N4 ? ? ? 1_555 B DG  14 O6 ? ? A DC 1   B DG  14  1_555 ? ? ? ? ? ? WATSON-CRICK ?     ? ? 
hydrog3  hydrog ? ? A DC 1  O2 ? ? ? 1_555 B DG  14 N2 ? ? A DC 1   B DG  14  1_555 ? ? ? ? ? ? WATSON-CRICK ?     ? ? 
hydrog4  hydrog ? ? A DC 2  N3 ? ? ? 1_555 B DG  13 N1 ? ? A DC 2   B DG  13  1_555 ? ? ? ? ? ? WATSON-CRICK ?     ? ? 
hydrog5  hydrog ? ? A DC 2  N4 ? ? ? 1_555 B DG  13 O6 ? ? A DC 2   B DG  13  1_555 ? ? ? ? ? ? WATSON-CRICK ?     ? ? 
hydrog6  hydrog ? ? A DC 2  O2 ? ? ? 1_555 B DG  13 N2 ? ? A DC 2   B DG  13  1_555 ? ? ? ? ? ? WATSON-CRICK ?     ? ? 
hydrog7  hydrog ? ? A DC 3  N3 ? ? ? 1_555 B DG  12 N1 ? ? A DC 3   B DG  12  1_555 ? ? ? ? ? ? WATSON-CRICK ?     ? ? 
hydrog8  hydrog ? ? A DC 3  N4 ? ? ? 1_555 B DG  12 O6 ? ? A DC 3   B DG  12  1_555 ? ? ? ? ? ? WATSON-CRICK ?     ? ? 
hydrog9  hydrog ? ? A DC 3  O2 ? ? ? 1_555 B DG  12 N2 ? ? A DC 3   B DG  12  1_555 ? ? ? ? ? ? WATSON-CRICK ?     ? ? 
hydrog10 hydrog ? ? A DG 4  N1 ? ? ? 1_555 B DC  11 N3 ? ? A DG 4   B DC  11  1_555 ? ? ? ? ? ? WATSON-CRICK ?     ? ? 
hydrog11 hydrog ? ? A DG 4  N2 ? ? ? 1_555 B DC  11 O2 ? ? A DG 4   B DC  11  1_555 ? ? ? ? ? ? WATSON-CRICK ?     ? ? 
hydrog12 hydrog ? ? A DG 4  O6 ? ? ? 1_555 B DC  11 N4 ? ? A DG 4   B DC  11  1_555 ? ? ? ? ? ? WATSON-CRICK ?     ? ? 
hydrog13 hydrog ? ? A DG 5  N1 ? ? ? 1_555 B DC  10 N3 ? ? A DG 5   B DC  10  1_555 ? ? ? ? ? ? WATSON-CRICK ?     ? ? 
hydrog14 hydrog ? ? A DG 5  N2 ? ? ? 1_555 B DC  10 O2 ? ? A DG 5   B DC  10  1_555 ? ? ? ? ? ? WATSON-CRICK ?     ? ? 
hydrog15 hydrog ? ? A DG 5  O6 ? ? ? 1_555 B DC  10 N4 ? ? A DG 5   B DC  10  1_555 ? ? ? ? ? ? WATSON-CRICK ?     ? ? 
hydrog16 hydrog ? ? A DG 6  N1 ? ? ? 1_555 B DC  9  N3 ? ? A DG 6   B DC  9   1_555 ? ? ? ? ? ? WATSON-CRICK ?     ? ? 
hydrog17 hydrog ? ? A DG 6  N2 ? ? ? 1_555 B DC  9  O2 ? ? A DG 6   B DC  9   1_555 ? ? ? ? ? ? WATSON-CRICK ?     ? ? 
hydrog18 hydrog ? ? A DG 6  O6 ? ? ? 1_555 B DC  9  N4 ? ? A DG 6   B DC  9   1_555 ? ? ? ? ? ? WATSON-CRICK ?     ? ? 
hydrog19 hydrog ? ? A DT 7  N3 ? ? ? 1_555 B DA  8  N1 ? ? A DT 7   B DA  8   1_555 ? ? ? ? ? ? WATSON-CRICK ?     ? ? 
hydrog20 hydrog ? ? A DT 7  O4 ? ? ? 1_555 B DA  8  N6 ? ? A DT 7   B DA  8   1_555 ? ? ? ? ? ? WATSON-CRICK ?     ? ? 
hydrog21 hydrog ? ? A DA 8  N1 ? ? ? 1_555 B DT  7  N3 ? ? A DA 8   B DT  7   1_555 ? ? ? ? ? ? WATSON-CRICK ?     ? ? 
hydrog22 hydrog ? ? A DA 8  N6 ? ? ? 1_555 B DT  7  O4 ? ? A DA 8   B DT  7   1_555 ? ? ? ? ? ? WATSON-CRICK ?     ? ? 
hydrog23 hydrog ? ? A DC 9  N3 ? ? ? 1_555 B DG  6  N1 ? ? A DC 9   B DG  6   1_555 ? ? ? ? ? ? WATSON-CRICK ?     ? ? 
hydrog24 hydrog ? ? A DC 9  N4 ? ? ? 1_555 B DG  6  O6 ? ? A DC 9   B DG  6   1_555 ? ? ? ? ? ? WATSON-CRICK ?     ? ? 
hydrog25 hydrog ? ? A DC 9  O2 ? ? ? 1_555 B DG  6  N2 ? ? A DC 9   B DG  6   1_555 ? ? ? ? ? ? WATSON-CRICK ?     ? ? 
hydrog26 hydrog ? ? A DC 10 N3 ? ? ? 1_555 B DG  5  N1 ? ? A DC 10  B DG  5   1_555 ? ? ? ? ? ? WATSON-CRICK ?     ? ? 
hydrog27 hydrog ? ? A DC 10 N4 ? ? ? 1_555 B DG  5  O6 ? ? A DC 10  B DG  5   1_555 ? ? ? ? ? ? WATSON-CRICK ?     ? ? 
hydrog28 hydrog ? ? A DC 10 O2 ? ? ? 1_555 B DG  5  N2 ? ? A DC 10  B DG  5   1_555 ? ? ? ? ? ? WATSON-CRICK ?     ? ? 
hydrog29 hydrog ? ? A DC 11 N3 ? ? ? 1_555 B DG  4  N1 ? ? A DC 11  B DG  4   1_555 ? ? ? ? ? ? WATSON-CRICK ?     ? ? 
hydrog30 hydrog ? ? A DC 11 N4 ? ? ? 1_555 B DG  4  O6 ? ? A DC 11  B DG  4   1_555 ? ? ? ? ? ? WATSON-CRICK ?     ? ? 
hydrog31 hydrog ? ? A DC 11 O2 ? ? ? 1_555 B DG  4  N2 ? ? A DC 11  B DG  4   1_555 ? ? ? ? ? ? WATSON-CRICK ?     ? ? 
hydrog32 hydrog ? ? A DG 12 N1 ? ? ? 1_555 B DC  3  N3 ? ? A DG 12  B DC  3   1_555 ? ? ? ? ? ? WATSON-CRICK ?     ? ? 
hydrog33 hydrog ? ? A DG 12 N2 ? ? ? 1_555 B DC  3  O2 ? ? A DG 12  B DC  3   1_555 ? ? ? ? ? ? WATSON-CRICK ?     ? ? 
hydrog34 hydrog ? ? A DG 12 O6 ? ? ? 1_555 B DC  3  N4 ? ? A DG 12  B DC  3   1_555 ? ? ? ? ? ? WATSON-CRICK ?     ? ? 
hydrog35 hydrog ? ? A DG 13 N1 ? ? ? 1_555 B DC  2  N3 ? ? A DG 13  B DC  2   1_555 ? ? ? ? ? ? WATSON-CRICK ?     ? ? 
hydrog36 hydrog ? ? A DG 13 N2 ? ? ? 1_555 B DC  2  O2 ? ? A DG 13  B DC  2   1_555 ? ? ? ? ? ? WATSON-CRICK ?     ? ? 
hydrog37 hydrog ? ? A DG 13 O6 ? ? ? 1_555 B DC  2  N4 ? ? A DG 13  B DC  2   1_555 ? ? ? ? ? ? WATSON-CRICK ?     ? ? 
hydrog38 hydrog ? ? A DG 14 N1 ? ? ? 1_555 B DC  1  N3 ? ? A DG 14  B DC  1   1_555 ? ? ? ? ? ? WATSON-CRICK ?     ? ? 
hydrog39 hydrog ? ? A DG 14 N2 ? ? ? 1_555 B DC  1  O2 ? ? A DG 14  B DC  1   1_555 ? ? ? ? ? ? WATSON-CRICK ?     ? ? 
hydrog40 hydrog ? ? A DG 14 O6 ? ? ? 1_555 B DC  1  N4 ? ? A DG 14  B DC  1   1_555 ? ? ? ? ? ? WATSON-CRICK ?     ? ? 
# 
loop_
_struct_conn_type.id 
_struct_conn_type.criteria 
_struct_conn_type.reference 
metalc ? ? 
hydrog ? ? 
# 
loop_
_struct_site.id 
_struct_site.pdbx_evidence_code 
_struct_site.pdbx_auth_asym_id 
_struct_site.pdbx_auth_comp_id 
_struct_site.pdbx_auth_seq_id 
_struct_site.pdbx_auth_ins_code 
_struct_site.pdbx_num_residues 
_struct_site.details 
AC1 Software A ZN 101 ? 2 'binding site for residue ZN A 101' 
AC2 Software B ZN 101 ? 4 'binding site for residue ZN B 101' 
# 
loop_
_struct_site_gen.id 
_struct_site_gen.site_id 
_struct_site_gen.pdbx_num_res 
_struct_site_gen.label_comp_id 
_struct_site_gen.label_asym_id 
_struct_site_gen.label_seq_id 
_struct_site_gen.pdbx_auth_ins_code 
_struct_site_gen.auth_comp_id 
_struct_site_gen.auth_asym_id 
_struct_site_gen.auth_seq_id 
_struct_site_gen.label_atom_id 
_struct_site_gen.label_alt_id 
_struct_site_gen.symmetry 
_struct_site_gen.details 
1 AC1 2 DG  A 13 ? DG  A 13  . ? 1_555 ? 
2 AC1 2 HOH E .  ? HOH A 214 . ? 1_555 ? 
3 AC2 4 DG  B 13 ? DG  B 13  . ? 1_555 ? 
4 AC2 4 HOH F .  ? HOH B 207 . ? 1_555 ? 
5 AC2 4 HOH F .  ? HOH B 210 . ? 1_555 ? 
6 AC2 4 HOH F .  ? HOH B 213 . ? 1_555 ? 
# 
_atom_sites.entry_id                    5IYE 
_atom_sites.fract_transf_matrix[1][1]   -0.03286429 
_atom_sites.fract_transf_matrix[1][2]   0.00653772 
_atom_sites.fract_transf_matrix[1][3]   -0.00658931 
_atom_sites.fract_transf_matrix[2][1]   -0.00681931 
_atom_sites.fract_transf_matrix[2][2]   -0.03345213 
_atom_sites.fract_transf_matrix[2][3]   0.00082118 
_atom_sites.fract_transf_matrix[3][1]   -0.00209042 
_atom_sites.fract_transf_matrix[3][2]   0.00069910 
_atom_sites.fract_transf_matrix[3][3]   0.01111964 
_atom_sites.fract_transf_vector[1]      0.072866 
_atom_sites.fract_transf_vector[2]      0.501418 
_atom_sites.fract_transf_vector[3]      -0.002482 
# 
loop_
_atom_type.symbol 
C  
N  
O  
P  
ZN 
# 
loop_
_atom_site.group_PDB 
_atom_site.id 
_atom_site.type_symbol 
_atom_site.label_atom_id 
_atom_site.label_alt_id 
_atom_site.label_comp_id 
_atom_site.label_asym_id 
_atom_site.label_entity_id 
_atom_site.label_seq_id 
_atom_site.pdbx_PDB_ins_code 
_atom_site.Cartn_x 
_atom_site.Cartn_y 
_atom_site.Cartn_z 
_atom_site.occupancy 
_atom_site.B_iso_or_equiv 
_atom_site.pdbx_formal_charge 
_atom_site.auth_seq_id 
_atom_site.auth_comp_id 
_atom_site.auth_asym_id 
_atom_site.auth_atom_id 
_atom_site.pdbx_PDB_model_num 
ATOM   1   O  "O5'" . DC  A 1 1  ? -6.726  -16.104 9.683   1.00 36.79 ? 1   DC  A "O5'" 1 
ATOM   2   C  "C5'" . DC  A 1 1  ? -7.851  -16.674 8.996   1.00 36.53 ? 1   DC  A "C5'" 1 
ATOM   3   C  "C4'" . DC  A 1 1  ? -9.044  -15.714 9.027   1.00 34.38 ? 1   DC  A "C4'" 1 
ATOM   4   O  "O4'" . DC  A 1 1  ? -9.542  -15.590 10.371  1.00 34.65 ? 1   DC  A "O4'" 1 
ATOM   5   C  "C3'" . DC  A 1 1  ? -8.760  -14.276 8.594   1.00 32.31 ? 1   DC  A "C3'" 1 
ATOM   6   O  "O3'" . DC  A 1 1  ? -8.773  -14.156 7.192   1.00 32.06 ? 1   DC  A "O3'" 1 
ATOM   7   C  "C2'" . DC  A 1 1  ? -9.951  -13.553 9.214   1.00 32.06 ? 1   DC  A "C2'" 1 
ATOM   8   C  "C1'" . DC  A 1 1  ? -10.043 -14.253 10.562  1.00 33.11 ? 1   DC  A "C1'" 1 
ATOM   9   N  N1    . DC  A 1 1  ? -9.245  -13.547 11.647  1.00 32.39 ? 1   DC  A N1    1 
ATOM   10  C  C2    . DC  A 1 1  ? -9.688  -12.310 12.118  1.00 31.44 ? 1   DC  A C2    1 
ATOM   11  O  O2    . DC  A 1 1  ? -10.708 -11.809 11.628  1.00 31.46 ? 1   DC  A O2    1 
ATOM   12  N  N3    . DC  A 1 1  ? -8.985  -11.684 13.091  1.00 31.86 ? 1   DC  A N3    1 
ATOM   13  C  C4    . DC  A 1 1  ? -7.889  -12.241 13.598  1.00 33.52 ? 1   DC  A C4    1 
ATOM   14  N  N4    . DC  A 1 1  ? -7.233  -11.561 14.553  1.00 34.19 ? 1   DC  A N4    1 
ATOM   15  C  C5    . DC  A 1 1  ? -7.415  -13.509 13.139  1.00 32.25 ? 1   DC  A C5    1 
ATOM   16  C  C6    . DC  A 1 1  ? -8.115  -14.126 12.179  1.00 32.46 ? 1   DC  A C6    1 
ATOM   17  P  P     . DC  A 1 2  ? -7.966  -12.973 6.461   1.00 34.04 ? 2   DC  A P     1 
ATOM   18  O  OP1   . DC  A 1 2  ? -7.997  -13.246 4.992   1.00 33.96 ? 2   DC  A OP1   1 
ATOM   19  O  OP2   . DC  A 1 2  ? -6.702  -12.662 7.159   1.00 33.39 ? 2   DC  A OP2   1 
ATOM   20  O  "O5'" . DC  A 1 2  ? -8.883  -11.663 6.731   1.00 33.51 ? 2   DC  A "O5'" 1 
ATOM   21  C  "C5'" . DC  A 1 2  ? -10.179 -11.573 6.143   1.00 34.34 ? 2   DC  A "C5'" 1 
ATOM   22  C  "C4'" . DC  A 1 2  ? -10.918 -10.323 6.602   1.00 34.36 ? 2   DC  A "C4'" 1 
ATOM   23  O  "O4'" . DC  A 1 2  ? -11.018 -10.317 8.055   1.00 33.93 ? 2   DC  A "O4'" 1 
ATOM   24  C  "C3'" . DC  A 1 2  ? -10.232 -9.032  6.269   1.00 35.10 ? 2   DC  A "C3'" 1 
ATOM   25  O  "O3'" . DC  A 1 2  ? -10.547 -8.627  4.928   1.00 38.27 ? 2   DC  A "O3'" 1 
ATOM   26  C  "C2'" . DC  A 1 2  ? -10.818 -8.077  7.310   1.00 33.47 ? 2   DC  A "C2'" 1 
ATOM   27  C  "C1'" . DC  A 1 2  ? -10.923 -8.979  8.536   1.00 33.26 ? 2   DC  A "C1'" 1 
ATOM   28  N  N1    . DC  A 1 2  ? -9.745  -8.885  9.486   1.00 32.42 ? 2   DC  A N1    1 
ATOM   29  C  C2    . DC  A 1 2  ? -9.579  -7.737  10.299  1.00 31.11 ? 2   DC  A C2    1 
ATOM   30  O  O2    . DC  A 1 2  ? -10.400 -6.784  10.217  1.00 29.78 ? 2   DC  A O2    1 
ATOM   31  N  N3    . DC  A 1 2  ? -8.519  -7.687  11.142  1.00 32.22 ? 2   DC  A N3    1 
ATOM   32  C  C4    . DC  A 1 2  ? -7.660  -8.706  11.225  1.00 32.56 ? 2   DC  A C4    1 
ATOM   33  N  N4    . DC  A 1 2  ? -6.648  -8.595  12.098  1.00 32.57 ? 2   DC  A N4    1 
ATOM   34  C  C5    . DC  A 1 2  ? -7.792  -9.880  10.403  1.00 33.00 ? 2   DC  A C5    1 
ATOM   35  C  C6    . DC  A 1 2  ? -8.841  -9.932  9.558   1.00 32.00 ? 2   DC  A C6    1 
ATOM   36  P  P     . DC  A 1 3  ? -9.496  -7.709  4.139   1.00 40.20 ? 3   DC  A P     1 
ATOM   37  O  OP1   . DC  A 1 3  ? -10.061 -7.471  2.765   1.00 41.59 ? 3   DC  A OP1   1 
ATOM   38  O  OP2   . DC  A 1 3  ? -8.124  -8.227  4.389   1.00 40.50 ? 3   DC  A OP2   1 
ATOM   39  O  "O5'" . DC  A 1 3  ? -9.550  -6.278  4.889   1.00 37.62 ? 3   DC  A "O5'" 1 
ATOM   40  C  "C5'" . DC  A 1 3  ? -10.667 -5.441  4.738   1.00 38.27 ? 3   DC  A "C5'" 1 
ATOM   41  C  "C4'" . DC  A 1 3  ? -10.574 -4.278  5.695   1.00 38.13 ? 3   DC  A "C4'" 1 
ATOM   42  O  "O4'" . DC  A 1 3  ? -10.304 -4.777  7.035   1.00 37.29 ? 3   DC  A "O4'" 1 
ATOM   43  C  "C3'" . DC  A 1 3  ? -9.443  -3.313  5.440   1.00 38.99 ? 3   DC  A "C3'" 1 
ATOM   44  O  "O3'" . DC  A 1 3  ? -9.804  -2.375  4.471   1.00 40.86 ? 3   DC  A "O3'" 1 
ATOM   45  C  "C2'" . DC  A 1 3  ? -9.318  -2.636  6.797   1.00 38.62 ? 3   DC  A "C2'" 1 
ATOM   46  C  "C1'" . DC  A 1 3  ? -9.614  -3.774  7.757   1.00 37.09 ? 3   DC  A "C1'" 1 
ATOM   47  N  N1    . DC  A 1 3  ? -8.409  -4.337  8.386   1.00 34.75 ? 3   DC  A N1    1 
ATOM   48  C  C2    . DC  A 1 3  ? -7.761  -3.595  9.375   1.00 34.05 ? 3   DC  A C2    1 
ATOM   49  O  O2    . DC  A 1 3  ? -8.202  -2.471  9.657   1.00 35.25 ? 3   DC  A O2    1 
ATOM   50  N  N3    . DC  A 1 3  ? -6.682  -4.121  9.998   1.00 33.45 ? 3   DC  A N3    1 
ATOM   51  C  C4    . DC  A 1 3  ? -6.238  -5.342  9.653   1.00 33.25 ? 3   DC  A C4    1 
ATOM   52  N  N4    . DC  A 1 3  ? -5.158  -5.823  10.281  1.00 33.77 ? 3   DC  A N4    1 
ATOM   53  C  C5    . DC  A 1 3  ? -6.899  -6.125  8.652   1.00 33.84 ? 3   DC  A C5    1 
ATOM   54  C  C6    . DC  A 1 3  ? -7.977  -5.589  8.050   1.00 33.86 ? 3   DC  A C6    1 
ATOM   55  P  P     . DG  A 1 4  ? -8.696  -1.385  3.837   1.00 42.02 ? 4   DG  A P     1 
ATOM   56  O  OP1   . DG  A 1 4  ? -9.382  -0.600  2.785   1.00 44.21 ? 4   DG  A OP1   1 
ATOM   57  O  OP2   . DG  A 1 4  ? -7.509  -2.210  3.574   1.00 41.44 ? 4   DG  A OP2   1 
ATOM   58  O  "O5'" . DG  A 1 4  ? -8.410  -0.279  4.946   1.00 39.29 ? 4   DG  A "O5'" 1 
ATOM   59  C  "C5'" . DG  A 1 4  ? -9.430  0.566   5.368   1.00 39.10 ? 4   DG  A "C5'" 1 
ATOM   60  C  "C4'" . DG  A 1 4  ? -8.911  1.572   6.381   1.00 37.96 ? 4   DG  A "C4'" 1 
ATOM   61  O  "O4'" . DG  A 1 4  ? -8.592  0.913   7.651   1.00 36.81 ? 4   DG  A "O4'" 1 
ATOM   62  C  "C3'" . DG  A 1 4  ? -7.626  2.267   5.974   1.00 37.38 ? 4   DG  A "C3'" 1 
ATOM   63  O  "O3'" . DG  A 1 4  ? -7.935  3.373   5.124   1.00 39.82 ? 4   DG  A "O3'" 1 
ATOM   64  C  "C2'" . DG  A 1 4  ? -7.088  2.716   7.321   1.00 35.57 ? 4   DG  A "C2'" 1 
ATOM   65  C  "C1'" . DG  A 1 4  ? -7.418  1.506   8.198   1.00 34.98 ? 4   DG  A "C1'" 1 
ATOM   66  N  N9    . DG  A 1 4  ? -6.362  0.492   8.213   1.00 33.51 ? 4   DG  A N9    1 
ATOM   67  C  C8    . DG  A 1 4  ? -6.335  -0.685  7.504   1.00 32.43 ? 4   DG  A C8    1 
ATOM   68  N  N7    . DG  A 1 4  ? -5.266  -1.401  7.733   1.00 31.24 ? 4   DG  A N7    1 
ATOM   69  C  C5    . DG  A 1 4  ? -4.544  -0.650  8.651   1.00 31.29 ? 4   DG  A C5    1 
ATOM   70  C  C6    . DG  A 1 4  ? -3.299  -0.922  9.271   1.00 30.94 ? 4   DG  A C6    1 
ATOM   71  O  O6    . DG  A 1 4  ? -2.589  -1.898  9.126   1.00 31.22 ? 4   DG  A O6    1 
ATOM   72  N  N1    . DG  A 1 4  ? -2.909  0.092   10.138  1.00 31.90 ? 4   DG  A N1    1 
ATOM   73  C  C2    . DG  A 1 4  ? -3.645  1.237   10.379  1.00 32.01 ? 4   DG  A C2    1 
ATOM   74  N  N2    . DG  A 1 4  ? -3.116  2.123   11.249  1.00 33.26 ? 4   DG  A N2    1 
ATOM   75  N  N3    . DG  A 1 4  ? -4.825  1.502   9.803   1.00 32.76 ? 4   DG  A N3    1 
ATOM   76  C  C4    . DG  A 1 4  ? -5.211  0.510   8.965   1.00 31.81 ? 4   DG  A C4    1 
ATOM   77  P  P     . DG  A 1 5  ? -6.795  4.047   4.218   1.00 40.36 ? 5   DG  A P     1 
ATOM   78  O  OP1   . DG  A 1 5  ? -7.534  5.105   3.477   1.00 40.72 ? 5   DG  A OP1   1 
ATOM   79  O  OP2   . DG  A 1 5  ? -5.978  3.049   3.506   1.00 41.73 ? 5   DG  A OP2   1 
ATOM   80  O  "O5'" . DG  A 1 5  ? -5.790  4.723   5.245   1.00 38.79 ? 5   DG  A "O5'" 1 
ATOM   81  C  "C5'" . DG  A 1 5  ? -6.188  5.851   5.988   1.00 38.30 ? 5   DG  A "C5'" 1 
ATOM   82  C  "C4'" . DG  A 1 5  ? -5.065  6.371   6.875   1.00 38.02 ? 5   DG  A "C4'" 1 
ATOM   83  O  "O4'" . DG  A 1 5  ? -4.790  5.437   7.956   1.00 37.76 ? 5   DG  A "O4'" 1 
ATOM   84  C  "C3'" . DG  A 1 5  ? -3.713  6.557   6.201   1.00 37.39 ? 5   DG  A "C3'" 1 
ATOM   85  O  "O3'" . DG  A 1 5  ? -3.685  7.810   5.465   1.00 37.65 ? 5   DG  A "O3'" 1 
ATOM   86  C  "C2'" . DG  A 1 5  ? -2.787  6.584   7.399   1.00 35.99 ? 5   DG  A "C2'" 1 
ATOM   87  C  "C1'" . DG  A 1 5  ? -3.386  5.471   8.254   1.00 35.47 ? 5   DG  A "C1'" 1 
ATOM   88  N  N9    . DG  A 1 5  ? -2.825  4.149   7.968   1.00 33.26 ? 5   DG  A N9    1 
ATOM   89  C  C8    . DG  A 1 5  ? -3.369  3.175   7.167   1.00 32.33 ? 5   DG  A C8    1 
ATOM   90  N  N7    . DG  A 1 5  ? -2.636  2.092   7.088   1.00 32.01 ? 5   DG  A N7    1 
ATOM   91  C  C5    . DG  A 1 5  ? -1.539  2.367   7.893   1.00 31.09 ? 5   DG  A C5    1 
ATOM   92  C  C6    . DG  A 1 5  ? -0.414  1.554   8.206   1.00 29.76 ? 5   DG  A C6    1 
ATOM   93  O  O6    . DG  A 1 5  ? -0.166  0.414   7.827   1.00 29.54 ? 5   DG  A O6    1 
ATOM   94  N  N1    . DG  A 1 5  ? 0.471   2.210   9.048   1.00 29.53 ? 5   DG  A N1    1 
ATOM   95  C  C2    . DG  A 1 5  ? 0.301   3.484   9.539   1.00 29.26 ? 5   DG  A C2    1 
ATOM   96  N  N2    . DG  A 1 5  ? 1.278   3.936   10.345  1.00 29.45 ? 5   DG  A N2    1 
ATOM   97  N  N3    . DG  A 1 5  ? -0.758  4.250   9.271   1.00 29.92 ? 5   DG  A N3    1 
ATOM   98  C  C4    . DG  A 1 5  ? -1.627  3.629   8.437   1.00 31.00 ? 5   DG  A C4    1 
ATOM   99  P  P     . DG  A 1 6  ? -2.912  7.880   4.067   1.00 37.56 ? 6   DG  A P     1 
ATOM   100 O  OP1   . DG  A 1 6  ? -3.062  9.267   3.576   1.00 41.15 ? 6   DG  A OP1   1 
ATOM   101 O  OP2   . DG  A 1 6  ? -3.273  6.773   3.163   1.00 38.56 ? 6   DG  A OP2   1 
ATOM   102 O  "O5'" . DG  A 1 6  ? -1.343  7.673   4.437   1.00 36.20 ? 6   DG  A "O5'" 1 
ATOM   103 C  "C5'" . DG  A 1 6  ? -0.701  8.612   5.288   1.00 33.29 ? 6   DG  A "C5'" 1 
ATOM   104 C  "C4'" . DG  A 1 6  ? 0.644   8.085   5.774   1.00 30.65 ? 6   DG  A "C4'" 1 
ATOM   105 O  "O4'" . DG  A 1 6  ? 0.424   6.911   6.564   1.00 28.40 ? 6   DG  A "O4'" 1 
ATOM   106 C  "C3'" . DG  A 1 6  ? 1.602   7.640   4.690   1.00 29.94 ? 6   DG  A "C3'" 1 
ATOM   107 O  "O3'" . DG  A 1 6  ? 2.270   8.745   4.146   1.00 28.70 ? 6   DG  A "O3'" 1 
ATOM   108 C  "C2'" . DG  A 1 6  ? 2.555   6.764   5.502   1.00 27.55 ? 6   DG  A "C2'" 1 
ATOM   109 C  "C1'" . DG  A 1 6  ? 1.561   6.057   6.433   1.00 27.50 ? 6   DG  A "C1'" 1 
ATOM   110 N  N9    . DG  A 1 6  ? 1.134   4.777   5.924   1.00 25.97 ? 6   DG  A N9    1 
ATOM   111 C  C8    . DG  A 1 6  ? -0.039  4.450   5.310   1.00 26.72 ? 6   DG  A C8    1 
ATOM   112 N  N7    . DG  A 1 6  ? -0.105  3.168   4.960   1.00 27.59 ? 6   DG  A N7    1 
ATOM   113 C  C5    . DG  A 1 6  ? 1.136   2.649   5.385   1.00 26.88 ? 6   DG  A C5    1 
ATOM   114 C  C6    . DG  A 1 6  ? 1.664   1.327   5.311   1.00 27.53 ? 6   DG  A C6    1 
ATOM   115 O  O6    . DG  A 1 6  ? 1.148   0.326   4.812   1.00 30.27 ? 6   DG  A O6    1 
ATOM   116 N  N1    . DG  A 1 6  ? 2.952   1.249   5.855   1.00 25.79 ? 6   DG  A N1    1 
ATOM   117 C  C2    . DG  A 1 6  ? 3.626   2.306   6.434   1.00 24.69 ? 6   DG  A C2    1 
ATOM   118 N  N2    . DG  A 1 6  ? 4.862   2.055   6.929   1.00 25.21 ? 6   DG  A N2    1 
ATOM   119 N  N3    . DG  A 1 6  ? 3.122   3.539   6.518   1.00 24.06 ? 6   DG  A N3    1 
ATOM   120 C  C4    . DG  A 1 6  ? 1.889   3.621   5.976   1.00 25.15 ? 6   DG  A C4    1 
ATOM   121 P  P     . DT  A 1 7  ? 2.957   8.649   2.700   1.00 30.60 ? 7   DT  A P     1 
ATOM   122 O  OP1   . DT  A 1 7  ? 3.345   10.062  2.364   1.00 34.67 ? 7   DT  A OP1   1 
ATOM   123 O  OP2   . DT  A 1 7  ? 2.045   7.895   1.811   1.00 29.98 ? 7   DT  A OP2   1 
ATOM   124 O  "O5'" . DT  A 1 7  ? 4.308   7.773   2.893   1.00 30.27 ? 7   DT  A "O5'" 1 
ATOM   125 C  "C5'" . DT  A 1 7  ? 5.404   8.290   3.645   1.00 30.50 ? 7   DT  A "C5'" 1 
ATOM   126 C  "C4'" . DT  A 1 7  ? 6.440   7.217   3.842   1.00 29.77 ? 7   DT  A "C4'" 1 
ATOM   127 O  "O4'" . DT  A 1 7  ? 5.818   6.099   4.481   1.00 29.48 ? 7   DT  A "O4'" 1 
ATOM   128 C  "C3'" . DT  A 1 7  ? 6.958   6.635   2.548   1.00 32.25 ? 7   DT  A "C3'" 1 
ATOM   129 O  "O3'" . DT  A 1 7  ? 7.991   7.436   2.074   1.00 35.90 ? 7   DT  A "O3'" 1 
ATOM   130 C  "C2'" . DT  A 1 7  ? 7.487   5.285   3.002   1.00 31.38 ? 7   DT  A "C2'" 1 
ATOM   131 C  "C1'" . DT  A 1 7  ? 6.439   4.893   4.020   1.00 30.01 ? 7   DT  A "C1'" 1 
ATOM   132 N  N1    . DT  A 1 7  ? 5.402   3.968   3.474   1.00 28.73 ? 7   DT  A N1    1 
ATOM   133 C  C2    . DT  A 1 7  ? 5.695   2.634   3.405   1.00 29.95 ? 7   DT  A C2    1 
ATOM   134 O  O2    . DT  A 1 7  ? 6.772   2.178   3.729   1.00 29.57 ? 7   DT  A O2    1 
ATOM   135 N  N3    . DT  A 1 7  ? 4.718   1.857   2.900   1.00 27.82 ? 7   DT  A N3    1 
ATOM   136 C  C4    . DT  A 1 7  ? 3.493   2.242   2.470   1.00 27.03 ? 7   DT  A C4    1 
ATOM   137 O  O4    . DT  A 1 7  ? 2.665   1.423   2.056   1.00 26.28 ? 7   DT  A O4    1 
ATOM   138 C  C5    . DT  A 1 7  ? 3.225   3.676   2.546   1.00 26.26 ? 7   DT  A C5    1 
ATOM   139 C  C7    . DT  A 1 7  ? 1.903   4.221   2.112   1.00 27.61 ? 7   DT  A C7    1 
ATOM   140 C  C6    . DT  A 1 7  ? 4.185   4.460   3.021   1.00 27.70 ? 7   DT  A C6    1 
ATOM   141 P  P     . DA  A 1 8  ? 8.516   7.254   0.565   1.00 39.49 ? 8   DA  A P     1 
ATOM   142 O  OP1   . DA  A 1 8  ? 9.517   8.316   0.447   1.00 39.49 ? 8   DA  A OP1   1 
ATOM   143 O  OP2   . DA  A 1 8  ? 7.345   7.093   -0.332  1.00 40.55 ? 8   DA  A OP2   1 
ATOM   144 O  "O5'" . DA  A 1 8  ? 9.174   5.800   0.528   1.00 36.46 ? 8   DA  A "O5'" 1 
ATOM   145 C  "C5'" . DA  A 1 8  ? 10.426  5.567   1.109   1.00 36.18 ? 8   DA  A "C5'" 1 
ATOM   146 C  "C4'" . DA  A 1 8  ? 10.825  4.138   0.837   1.00 36.57 ? 8   DA  A "C4'" 1 
ATOM   147 O  "O4'" . DA  A 1 8  ? 9.784   3.286   1.362   1.00 35.59 ? 8   DA  A "O4'" 1 
ATOM   148 C  "C3'" . DA  A 1 8  ? 10.937  3.778   -0.650  1.00 36.81 ? 8   DA  A "C3'" 1 
ATOM   149 O  "O3'" . DA  A 1 8  ? 12.289  3.768   -1.049  1.00 37.83 ? 8   DA  A "O3'" 1 
ATOM   150 C  "C2'" . DA  A 1 8  ? 10.407  2.372   -0.722  1.00 36.34 ? 8   DA  A "C2'" 1 
ATOM   151 C  "C1'" . DA  A 1 8  ? 9.602   2.168   0.524   1.00 35.57 ? 8   DA  A "C1'" 1 
ATOM   152 N  N9    . DA  A 1 8  ? 8.179   2.001   0.212   1.00 31.85 ? 8   DA  A N9    1 
ATOM   153 C  C8    . DA  A 1 8  ? 7.232   2.990   0.052   1.00 31.04 ? 8   DA  A C8    1 
ATOM   154 N  N7    . DA  A 1 8  ? 6.021   2.509   -0.232  1.00 29.94 ? 8   DA  A N7    1 
ATOM   155 C  C5    . DA  A 1 8  ? 6.211   1.130   -0.273  1.00 29.07 ? 8   DA  A C5    1 
ATOM   156 C  C6    . DA  A 1 8  ? 5.330   0.075   -0.528  1.00 27.92 ? 8   DA  A C6    1 
ATOM   157 N  N6    . DA  A 1 8  ? 4.033   0.261   -0.777  1.00 26.32 ? 8   DA  A N6    1 
ATOM   158 N  N1    . DA  A 1 8  ? 5.819   -1.166  -0.501  1.00 28.44 ? 8   DA  A N1    1 
ATOM   159 C  C2    . DA  A 1 8  ? 7.122   -1.343  -0.233  1.00 30.46 ? 8   DA  A C2    1 
ATOM   160 N  N3    . DA  A 1 8  ? 8.055   -0.439  0.022   1.00 31.13 ? 8   DA  A N3    1 
ATOM   161 C  C4    . DA  A 1 8  ? 7.524   0.802   -0.004  1.00 31.19 ? 8   DA  A C4    1 
ATOM   162 P  P     . DC  A 1 9  ? 12.678  3.689   -2.615  1.00 42.67 ? 9   DC  A P     1 
ATOM   163 O  OP1   . DC  A 1 9  ? 14.143  3.755   -2.708  1.00 45.28 ? 9   DC  A OP1   1 
ATOM   164 O  OP2   . DC  A 1 9  ? 11.656  4.557   -3.279  1.00 44.95 ? 9   DC  A OP2   1 
ATOM   165 O  "O5'" . DC  A 1 9  ? 12.150  2.268   -3.143  1.00 37.35 ? 9   DC  A "O5'" 1 
ATOM   166 C  "C5'" . DC  A 1 9  ? 12.859  1.123   -2.879  1.00 34.04 ? 9   DC  A "C5'" 1 
ATOM   167 C  "C4'" . DC  A 1 9  ? 12.013  -0.089  -3.199  1.00 32.72 ? 9   DC  A "C4'" 1 
ATOM   168 O  "O4'" . DC  A 1 9  ? 10.715  0.083   -2.642  1.00 32.62 ? 9   DC  A "O4'" 1 
ATOM   169 C  "C3'" . DC  A 1 9  ? 11.721  -0.297  -4.661  1.00 34.68 ? 9   DC  A "C3'" 1 
ATOM   170 O  "O3'" . DC  A 1 9  ? 12.798  -0.942  -5.285  1.00 33.84 ? 9   DC  A "O3'" 1 
ATOM   171 C  "C2'" . DC  A 1 9  ? 10.512  -1.226  -4.597  1.00 33.82 ? 9   DC  A "C2'" 1 
ATOM   172 C  "C1'" . DC  A 1 9  ? 9.850   -0.831  -3.282  1.00 32.21 ? 9   DC  A "C1'" 1 
ATOM   173 N  N1    . DC  A 1 9  ? 8.508   -0.225  -3.460  1.00 30.60 ? 9   DC  A N1    1 
ATOM   174 C  C2    . DC  A 1 9  ? 7.428   -1.089  -3.615  1.00 28.78 ? 9   DC  A C2    1 
ATOM   175 O  O2    . DC  A 1 9  ? 7.648   -2.311  -3.574  1.00 29.86 ? 9   DC  A O2    1 
ATOM   176 N  N3    . DC  A 1 9  ? 6.187   -0.578  -3.761  1.00 27.77 ? 9   DC  A N3    1 
ATOM   177 C  C4    . DC  A 1 9  ? 6.001   0.746   -3.782  1.00 28.49 ? 9   DC  A C4    1 
ATOM   178 N  N4    . DC  A 1 9  ? 4.746   1.201   -3.939  1.00 28.70 ? 9   DC  A N4    1 
ATOM   179 C  C5    . DC  A 1 9  ? 7.108   1.655   -3.659  1.00 30.59 ? 9   DC  A C5    1 
ATOM   180 C  C6    . DC  A 1 9  ? 8.330   1.123   -3.498  1.00 30.67 ? 9   DC  A C6    1 
ATOM   181 P  P     . DC  A 1 10 ? 12.913  -0.910  -6.877  1.00 36.28 ? 10  DC  A P     1 
ATOM   182 O  OP1   . DC  A 1 10 ? 14.276  -1.345  -7.174  1.00 40.88 ? 10  DC  A OP1   1 
ATOM   183 O  OP2   . DC  A 1 10 ? 12.319  0.322   -7.443  1.00 37.96 ? 10  DC  A OP2   1 
ATOM   184 O  "O5'" . DC  A 1 10 ? 11.895  -2.051  -7.367  1.00 32.49 ? 10  DC  A "O5'" 1 
ATOM   185 C  "C5'" . DC  A 1 10 ? 12.223  -3.403  -7.162  1.00 30.48 ? 10  DC  A "C5'" 1 
ATOM   186 C  "C4'" . DC  A 1 10 ? 11.161  -4.270  -7.825  1.00 29.60 ? 10  DC  A "C4'" 1 
ATOM   187 O  "O4'" . DC  A 1 10 ? 9.966   -4.213  -7.013  1.00 29.40 ? 10  DC  A "O4'" 1 
ATOM   188 C  "C3'" . DC  A 1 10 ? 10.690  -3.765  -9.161  1.00 30.25 ? 10  DC  A "C3'" 1 
ATOM   189 O  "O3'" . DC  A 1 10 ? 11.610  -4.131  -10.219 1.00 33.54 ? 10  DC  A "O3'" 1 
ATOM   190 C  "C2'" . DC  A 1 10 ? 9.353   -4.484  -9.300  1.00 29.30 ? 10  DC  A "C2'" 1 
ATOM   191 C  "C1'" . DC  A 1 10 ? 8.823   -4.382  -7.871  1.00 27.91 ? 10  DC  A "C1'" 1 
ATOM   192 N  N1    . DC  A 1 10 ? 7.916   -3.224  -7.666  1.00 28.62 ? 10  DC  A N1    1 
ATOM   193 C  C2    . DC  A 1 10 ? 6.566   -3.341  -7.996  1.00 29.65 ? 10  DC  A C2    1 
ATOM   194 O  O2    . DC  A 1 10 ? 6.169   -4.416  -8.439  1.00 29.21 ? 10  DC  A O2    1 
ATOM   195 N  N3    . DC  A 1 10 ? 5.737   -2.287  -7.795  1.00 29.62 ? 10  DC  A N3    1 
ATOM   196 C  C4    . DC  A 1 10 ? 6.217   -1.151  -7.292  1.00 30.07 ? 10  DC  A C4    1 
ATOM   197 N  N4    . DC  A 1 10 ? 5.373   -0.129  -7.116  1.00 30.33 ? 10  DC  A N4    1 
ATOM   198 C  C5    . DC  A 1 10 ? 7.600   -1.001  -6.970  1.00 29.20 ? 10  DC  A C5    1 
ATOM   199 C  C6    . DC  A 1 10 ? 8.405   -2.051  -7.172  1.00 29.17 ? 10  DC  A C6    1 
ATOM   200 P  P     . DC  A 1 11 ? 11.581  -3.289  -11.589 1.00 34.92 ? 11  DC  A P     1 
ATOM   201 O  OP1   . DC  A 1 11 ? 12.618  -3.845  -12.500 1.00 38.13 ? 11  DC  A OP1   1 
ATOM   202 O  OP2   . DC  A 1 11 ? 11.693  -1.850  -11.278 1.00 36.59 ? 11  DC  A OP2   1 
ATOM   203 O  "O5'" . DC  A 1 11 ? 10.132  -3.597  -12.172 1.00 32.37 ? 11  DC  A "O5'" 1 
ATOM   204 C  "C5'" . DC  A 1 11 ? 9.497   -2.745  -13.085 1.00 32.09 ? 11  DC  A "C5'" 1 
ATOM   205 C  "C4'" . DC  A 1 11 ? 8.126   -3.291  -13.341 1.00 32.05 ? 11  DC  A "C4'" 1 
ATOM   206 O  "O4'" . DC  A 1 11 ? 7.469   -3.488  -12.063 1.00 31.40 ? 11  DC  A "O4'" 1 
ATOM   207 C  "C3'" . DC  A 1 11 ? 7.192   -2.408  -14.115 1.00 34.06 ? 11  DC  A "C3'" 1 
ATOM   208 O  "O3'" . DC  A 1 11 ? 7.397   -2.588  -15.490 1.00 37.34 ? 11  DC  A "O3'" 1 
ATOM   209 C  "C2'" . DC  A 1 11 ? 5.853   -2.998  -13.698 1.00 32.06 ? 11  DC  A "C2'" 1 
ATOM   210 C  "C1'" . DC  A 1 11 ? 6.077   -3.186  -12.199 1.00 30.79 ? 11  DC  A "C1'" 1 
ATOM   211 N  N1    . DC  A 1 11 ? 5.757   -1.927  -11.456 1.00 29.02 ? 11  DC  A N1    1 
ATOM   212 C  C2    . DC  A 1 11 ? 4.423   -1.496  -11.416 1.00 29.30 ? 11  DC  A C2    1 
ATOM   213 O  O2    . DC  A 1 11 ? 3.551   -2.217  -11.917 1.00 29.33 ? 11  DC  A O2    1 
ATOM   214 N  N3    . DC  A 1 11 ? 4.122   -0.336  -10.790 1.00 28.31 ? 11  DC  A N3    1 
ATOM   215 C  C4    . DC  A 1 11 ? 5.099   0.420   -10.290 1.00 29.50 ? 11  DC  A C4    1 
ATOM   216 N  N4    . DC  A 1 11 ? 4.765   1.567   -9.671  1.00 30.13 ? 11  DC  A N4    1 
ATOM   217 C  C5    . DC  A 1 11 ? 6.467   0.010   -10.344 1.00 29.94 ? 11  DC  A C5    1 
ATOM   218 C  C6    . DC  A 1 11 ? 6.746   -1.164  -10.934 1.00 29.96 ? 11  DC  A C6    1 
ATOM   219 P  P     . DG  A 1 12 ? 7.226   -1.346  -16.508 1.00 39.41 ? 12  DG  A P     1 
ATOM   220 O  OP1   . DG  A 1 12 ? 7.677   -1.817  -17.842 1.00 41.55 ? 12  DG  A OP1   1 
ATOM   221 O  OP2   . DG  A 1 12 ? 7.838   -0.116  -15.965 1.00 38.72 ? 12  DG  A OP2   1 
ATOM   222 O  "O5'" . DG  A 1 12 ? 5.643   -1.183  -16.600 1.00 38.88 ? 12  DG  A "O5'" 1 
ATOM   223 C  "C5'" . DG  A 1 12 ? 4.854   -2.284  -17.005 1.00 38.40 ? 12  DG  A "C5'" 1 
ATOM   224 C  "C4'" . DG  A 1 12 ? 3.388   -1.994  -16.757 1.00 38.86 ? 12  DG  A "C4'" 1 
ATOM   225 O  "O4'" . DG  A 1 12 ? 3.174   -1.871  -15.321 1.00 36.83 ? 12  DG  A "O4'" 1 
ATOM   226 C  "C3'" . DG  A 1 12 ? 2.864   -0.665  -17.292 1.00 39.63 ? 12  DG  A "C3'" 1 
ATOM   227 O  "O3'" . DG  A 1 12 ? 2.608   -0.728  -18.691 1.00 42.43 ? 12  DG  A "O3'" 1 
ATOM   228 C  "C2'" . DG  A 1 12 ? 1.574   -0.577  -16.490 1.00 37.59 ? 12  DG  A "C2'" 1 
ATOM   229 C  "C1'" . DG  A 1 12 ? 2.114   -0.947  -15.100 1.00 36.02 ? 12  DG  A "C1'" 1 
ATOM   230 N  N9    . DG  A 1 12 ? 2.629   0.219   -14.393 1.00 33.76 ? 12  DG  A N9    1 
ATOM   231 C  C8    . DG  A 1 12 ? 3.934   0.584   -14.214 1.00 32.71 ? 12  DG  A C8    1 
ATOM   232 N  N7    . DG  A 1 12 ? 4.063   1.706   -13.547 1.00 33.97 ? 12  DG  A N7    1 
ATOM   233 C  C5    . DG  A 1 12 ? 2.752   2.115   -13.312 1.00 33.04 ? 12  DG  A C5    1 
ATOM   234 C  C6    . DG  A 1 12 ? 2.249   3.257   -12.639 1.00 33.63 ? 12  DG  A C6    1 
ATOM   235 O  O6    . DG  A 1 12 ? 2.882   4.206   -12.111 1.00 34.70 ? 12  DG  A O6    1 
ATOM   236 N  N1    . DG  A 1 12 ? 0.863   3.265   -12.617 1.00 32.54 ? 12  DG  A N1    1 
ATOM   237 C  C2    . DG  A 1 12 ? 0.058   2.304   -13.186 1.00 32.19 ? 12  DG  A C2    1 
ATOM   238 N  N2    . DG  A 1 12 ? -1.282  2.480   -13.072 1.00 31.49 ? 12  DG  A N2    1 
ATOM   239 N  N3    . DG  A 1 12 ? 0.523   1.232   -13.798 1.00 32.30 ? 12  DG  A N3    1 
ATOM   240 C  C4    . DG  A 1 12 ? 1.871   1.208   -13.830 1.00 33.08 ? 12  DG  A C4    1 
ATOM   241 P  P     . DG  A 1 13 ? 2.550   0.598   -19.608 1.00 41.96 ? 13  DG  A P     1 
ATOM   242 O  OP1   . DG  A 1 13 ? 2.418   0.044   -20.973 1.00 42.50 ? 13  DG  A OP1   1 
ATOM   243 O  OP2   . DG  A 1 13 ? 3.655   1.554   -19.312 1.00 41.72 ? 13  DG  A OP2   1 
ATOM   244 O  "O5'" . DG  A 1 13 ? 1.152   1.307   -19.235 1.00 39.31 ? 13  DG  A "O5'" 1 
ATOM   245 C  "C5'" . DG  A 1 13 ? -0.087  0.669   -19.493 1.00 37.16 ? 13  DG  A "C5'" 1 
ATOM   246 C  "C4'" . DG  A 1 13 ? -1.211  1.363   -18.739 1.00 35.85 ? 13  DG  A "C4'" 1 
ATOM   247 O  "O4'" . DG  A 1 13 ? -0.858  1.468   -17.311 1.00 34.78 ? 13  DG  A "O4'" 1 
ATOM   248 C  "C3'" . DG  A 1 13 ? -1.472  2.819   -19.114 1.00 36.06 ? 13  DG  A "C3'" 1 
ATOM   249 O  "O3'" . DG  A 1 13 ? -2.184  2.936   -20.325 1.00 37.43 ? 13  DG  A "O3'" 1 
ATOM   250 C  "C2'" . DG  A 1 13 ? -2.312  3.246   -17.918 1.00 34.99 ? 13  DG  A "C2'" 1 
ATOM   251 C  "C1'" . DG  A 1 13 ? -1.484  2.643   -16.773 1.00 34.21 ? 13  DG  A "C1'" 1 
ATOM   252 N  N9    . DG  A 1 13 ? -0.444  3.555   -16.321 1.00 32.78 ? 13  DG  A N9    1 
ATOM   253 C  C8    . DG  A 1 13 ? 0.902   3.429   -16.514 1.00 32.40 ? 13  DG  A C8    1 
ATOM   254 N  N7    . DG  A 1 13 ? 1.591   4.418   -16.023 1.00 32.68 ? 13  DG  A N7    1 
ATOM   255 C  C5    . DG  A 1 13 ? 0.637   5.253   -15.468 1.00 31.42 ? 13  DG  A C5    1 
ATOM   256 C  C6    . DG  A 1 13 ? 0.808   6.471   -14.778 1.00 32.85 ? 13  DG  A C6    1 
ATOM   257 O  O6    . DG  A 1 13 ? 1.871   7.069   -14.557 1.00 34.53 ? 13  DG  A O6    1 
ATOM   258 N  N1    . DG  A 1 13 ? -0.400  7.031   -14.396 1.00 30.76 ? 13  DG  A N1    1 
ATOM   259 C  C2    . DG  A 1 13 ? -1.639  6.444   -14.616 1.00 30.97 ? 13  DG  A C2    1 
ATOM   260 N  N2    . DG  A 1 13 ? -2.704  7.112   -14.156 1.00 31.18 ? 13  DG  A N2    1 
ATOM   261 N  N3    . DG  A 1 13 ? -1.807  5.277   -15.244 1.00 30.72 ? 13  DG  A N3    1 
ATOM   262 C  C4    . DG  A 1 13 ? -0.620  4.745   -15.642 1.00 31.39 ? 13  DG  A C4    1 
ATOM   263 P  P     . DG  A 1 14 ? -1.842  4.145   -21.333 1.00 38.76 ? 14  DG  A P     1 
ATOM   264 O  OP1   . DG  A 1 14 ? -2.762  3.902   -22.468 1.00 40.73 ? 14  DG  A OP1   1 
ATOM   265 O  OP2   . DG  A 1 14 ? -0.378  4.220   -21.533 1.00 38.92 ? 14  DG  A OP2   1 
ATOM   266 O  "O5'" . DG  A 1 14 ? -2.410  5.456   -20.613 1.00 40.40 ? 14  DG  A "O5'" 1 
ATOM   267 C  "C5'" . DG  A 1 14 ? -3.820  5.424   -20.313 1.00 41.31 ? 14  DG  A "C5'" 1 
ATOM   268 C  "C4'" . DG  A 1 14 ? -4.223  6.436   -19.285 1.00 40.09 ? 14  DG  A "C4'" 1 
ATOM   269 O  "O4'" . DG  A 1 14 ? -3.306  6.385   -18.187 1.00 38.32 ? 14  DG  A "O4'" 1 
ATOM   270 C  "C3'" . DG  A 1 14 ? -4.158  7.852   -19.749 1.00 42.95 ? 14  DG  A "C3'" 1 
ATOM   271 O  "O3'" . DG  A 1 14 ? -5.344  8.185   -20.523 1.00 47.19 ? 14  DG  A "O3'" 1 
ATOM   272 C  "C2'" . DG  A 1 14 ? -4.088  8.604   -18.422 1.00 39.38 ? 14  DG  A "C2'" 1 
ATOM   273 C  "C1'" . DG  A 1 14 ? -3.241  7.655   -17.574 1.00 37.07 ? 14  DG  A "C1'" 1 
ATOM   274 N  N9    . DG  A 1 14 ? -1.836  8.054   -17.501 1.00 34.89 ? 14  DG  A N9    1 
ATOM   275 C  C8    . DG  A 1 14 ? -0.752  7.416   -18.059 1.00 34.22 ? 14  DG  A C8    1 
ATOM   276 N  N7    . DG  A 1 14 ? 0.379   8.008   -17.799 1.00 33.38 ? 14  DG  A N7    1 
ATOM   277 C  C5    . DG  A 1 14 ? 0.012   9.120   -17.034 1.00 32.56 ? 14  DG  A C5    1 
ATOM   278 C  C6    . DG  A 1 14 ? 0.802   10.154  -16.480 1.00 33.58 ? 14  DG  A C6    1 
ATOM   279 O  O6    . DG  A 1 14 ? 2.029   10.298  -16.553 1.00 34.02 ? 14  DG  A O6    1 
ATOM   280 N  N1    . DG  A 1 14 ? 0.025   11.096  -15.787 1.00 33.17 ? 14  DG  A N1    1 
ATOM   281 C  C2    . DG  A 1 14 ? -1.351  11.032  -15.659 1.00 35.09 ? 14  DG  A C2    1 
ATOM   282 N  N2    . DG  A 1 14 ? -1.938  12.017  -14.959 1.00 32.22 ? 14  DG  A N2    1 
ATOM   283 N  N3    . DG  A 1 14 ? -2.096  10.078  -16.215 1.00 32.31 ? 14  DG  A N3    1 
ATOM   284 C  C4    . DG  A 1 14 ? -1.352  9.157   -16.861 1.00 32.83 ? 14  DG  A C4    1 
ATOM   285 O  "O5'" . DC  B 1 1  ? 3.915   16.760  -10.391 1.00 33.84 ? 1   DC  B "O5'" 1 
ATOM   286 C  "C5'" . DC  B 1 1  ? 2.883   17.695  -9.988  1.00 33.65 ? 1   DC  B "C5'" 1 
ATOM   287 C  "C4'" . DC  B 1 1  ? 1.508   17.259  -10.532 1.00 32.81 ? 1   DC  B "C4'" 1 
ATOM   288 O  "O4'" . DC  B 1 1  ? 1.526   17.247  -11.979 1.00 33.50 ? 1   DC  B "O4'" 1 
ATOM   289 C  "C3'" . DC  B 1 1  ? 1.043   15.870  -10.144 1.00 31.25 ? 1   DC  B "C3'" 1 
ATOM   290 O  "O3'" . DC  B 1 1  ? 0.464   15.887  -8.880  1.00 30.99 ? 1   DC  B "O3'" 1 
ATOM   291 C  "C2'" . DC  B 1 1  ? -0.019  15.613  -11.229 1.00 31.15 ? 1   DC  B "C2'" 1 
ATOM   292 C  "C1'" . DC  B 1 1  ? 0.664   16.211  -12.457 1.00 32.50 ? 1   DC  B "C1'" 1 
ATOM   293 N  N1    . DC  B 1 1  ? 1.480   15.186  -13.226 1.00 32.55 ? 1   DC  B N1    1 
ATOM   294 C  C2    . DC  B 1 1  ? 0.828   14.140  -13.889 1.00 31.10 ? 1   DC  B C2    1 
ATOM   295 O  O2    . DC  B 1 1  ? -0.418  14.049  -13.831 1.00 31.17 ? 1   DC  B O2    1 
ATOM   296 N  N3    . DC  B 1 1  ? 1.570   13.223  -14.565 1.00 31.63 ? 1   DC  B N3    1 
ATOM   297 C  C4    . DC  B 1 1  ? 2.897   13.323  -14.605 1.00 31.85 ? 1   DC  B C4    1 
ATOM   298 N  N4    . DC  B 1 1  ? 3.566   12.381  -15.302 1.00 32.32 ? 1   DC  B N4    1 
ATOM   299 C  C5    . DC  B 1 1  ? 3.592   14.388  -13.945 1.00 30.55 ? 1   DC  B C5    1 
ATOM   300 C  C6    . DC  B 1 1  ? 2.861   15.295  -13.285 1.00 31.51 ? 1   DC  B C6    1 
ATOM   301 P  P     . DC  B 1 2  ? 0.397   14.547  -7.991  1.00 33.37 ? 2   DC  B P     1 
ATOM   302 O  OP1   . DC  B 1 2  ? -0.057  14.913  -6.624  1.00 33.70 ? 2   DC  B OP1   1 
ATOM   303 O  OP2   . DC  B 1 2  ? 1.659   13.785  -8.156  1.00 34.64 ? 2   DC  B OP2   1 
ATOM   304 O  "O5'" . DC  B 1 2  ? -0.781  13.679  -8.681  1.00 32.90 ? 2   DC  B "O5'" 1 
ATOM   305 C  "C5'" . DC  B 1 2  ? -2.120  14.098  -8.588  1.00 33.03 ? 2   DC  B "C5'" 1 
ATOM   306 C  "C4'" . DC  B 1 2  ? -3.027  13.171  -9.388  1.00 32.74 ? 2   DC  B "C4'" 1 
ATOM   307 O  "O4'" . DC  B 1 2  ? -2.568  13.108  -10.778 1.00 32.48 ? 2   DC  B "O4'" 1 
ATOM   308 C  "C3'" . DC  B 1 2  ? -2.999  11.737  -8.924  1.00 33.15 ? 2   DC  B "C3'" 1 
ATOM   309 O  "O3'" . DC  B 1 2  ? -3.902  11.558  -7.807  1.00 36.50 ? 2   DC  B "O3'" 1 
ATOM   310 C  "C2'" . DC  B 1 2  ? -3.464  10.988  -10.174 1.00 32.13 ? 2   DC  B "C2'" 1 
ATOM   311 C  "C1'" . DC  B 1 2  ? -2.776  11.781  -11.282 1.00 32.62 ? 2   DC  B "C1'" 1 
ATOM   312 N  N1    . DC  B 1 2  ? -1.457  11.190  -11.743 1.00 31.27 ? 2   DC  B N1    1 
ATOM   313 C  C2    . DC  B 1 2  ? -1.450  10.016  -12.547 1.00 29.81 ? 2   DC  B C2    1 
ATOM   314 O  O2    . DC  B 1 2  ? -2.540  9.487   -12.883 1.00 29.79 ? 2   DC  B O2    1 
ATOM   315 N  N3    . DC  B 1 2  ? -0.249  9.508   -12.938 1.00 32.19 ? 2   DC  B N3    1 
ATOM   316 C  C4    . DC  B 1 2  ? 0.888   10.092  -12.578 1.00 31.95 ? 2   DC  B C4    1 
ATOM   317 N  N4    . DC  B 1 2  ? 2.042   9.555   -13.011 1.00 32.19 ? 2   DC  B N4    1 
ATOM   318 C  C5    . DC  B 1 2  ? 0.905   11.264  -11.744 1.00 31.65 ? 2   DC  B C5    1 
ATOM   319 C  C6    . DC  B 1 2  ? -0.276  11.768  -11.347 1.00 30.89 ? 2   DC  B C6    1 
ATOM   320 P  P     . DC  B 1 3  ? -3.652  10.360  -6.770  1.00 37.66 ? 3   DC  B P     1 
ATOM   321 O  OP1   . DC  B 1 3  ? -4.748  10.481  -5.762  1.00 39.57 ? 3   DC  B OP1   1 
ATOM   322 O  OP2   . DC  B 1 3  ? -2.222  10.272  -6.374  1.00 36.93 ? 3   DC  B OP2   1 
ATOM   323 O  "O5'" . DC  B 1 3  ? -3.929  9.037   -7.625  1.00 36.80 ? 3   DC  B "O5'" 1 
ATOM   324 C  "C5'" . DC  B 1 3  ? -5.259  8.660   -7.919  1.00 38.10 ? 3   DC  B "C5'" 1 
ATOM   325 C  "C4'" . DC  B 1 3  ? -5.273  7.486   -8.879  1.00 38.35 ? 3   DC  B "C4'" 1 
ATOM   326 O  "O4'" . DC  B 1 3  ? -4.392  7.759   -10.010 1.00 36.78 ? 3   DC  B "O4'" 1 
ATOM   327 C  "C3'" . DC  B 1 3  ? -4.744  6.190   -8.309  1.00 39.31 ? 3   DC  B "C3'" 1 
ATOM   328 O  "O3'" . DC  B 1 3  ? -5.761  5.537   -7.601  1.00 40.55 ? 3   DC  B "O3'" 1 
ATOM   329 C  "C2'" . DC  B 1 3  ? -4.405  5.426   -9.580  1.00 38.41 ? 3   DC  B "C2'" 1 
ATOM   330 C  "C1'" . DC  B 1 3  ? -3.887  6.528   -10.493 1.00 36.70 ? 3   DC  B "C1'" 1 
ATOM   331 N  N1    . DC  B 1 3  ? -2.395  6.566   -10.595 1.00 34.59 ? 3   DC  B N1    1 
ATOM   332 C  C2    . DC  B 1 3  ? -1.747  5.545   -11.295 1.00 33.66 ? 3   DC  B C2    1 
ATOM   333 O  O2    . DC  B 1 3  ? -2.436  4.647   -11.782 1.00 33.73 ? 3   DC  B O2    1 
ATOM   334 N  N3    . DC  B 1 3  ? -0.390  5.582   -11.439 1.00 33.05 ? 3   DC  B N3    1 
ATOM   335 C  C4    . DC  B 1 3  ? 0.308   6.585   -10.901 1.00 34.84 ? 3   DC  B C4    1 
ATOM   336 N  N4    . DC  B 1 3  ? 1.654   6.590   -11.062 1.00 35.29 ? 3   DC  B N4    1 
ATOM   337 C  C5    . DC  B 1 3  ? -0.344  7.650   -10.182 1.00 34.98 ? 3   DC  B C5    1 
ATOM   338 C  C6    . DC  B 1 3  ? -1.686  7.603   -10.063 1.00 33.95 ? 3   DC  B C6    1 
ATOM   339 P  P     . DG  B 1 4  ? -5.450  4.257   -6.660  1.00 42.82 ? 4   DG  B P     1 
ATOM   340 O  OP1   . DG  B 1 4  ? -6.736  3.947   -5.989  1.00 43.76 ? 4   DG  B OP1   1 
ATOM   341 O  OP2   . DG  B 1 4  ? -4.213  4.556   -5.917  1.00 42.50 ? 4   DG  B OP2   1 
ATOM   342 O  "O5'" . DG  B 1 4  ? -5.215  3.038   -7.662  1.00 40.70 ? 4   DG  B "O5'" 1 
ATOM   343 C  "C5'" . DG  B 1 4  ? -6.250  2.603   -8.515  1.00 39.88 ? 4   DG  B "C5'" 1 
ATOM   344 C  "C4'" . DG  B 1 4  ? -5.784  1.420   -9.354  1.00 38.45 ? 4   DG  B "C4'" 1 
ATOM   345 O  "O4'" . DG  B 1 4  ? -4.760  1.851   -10.312 1.00 37.53 ? 4   DG  B "O4'" 1 
ATOM   346 C  "C3'" . DG  B 1 4  ? -5.109  0.317   -8.566  1.00 38.29 ? 4   DG  B "C3'" 1 
ATOM   347 O  "O3'" . DG  B 1 4  ? -6.077  -0.559  -7.991  1.00 41.14 ? 4   DG  B "O3'" 1 
ATOM   348 C  "C2'" . DG  B 1 4  ? -4.284  -0.374  -9.639  1.00 35.97 ? 4   DG  B "C2'" 1 
ATOM   349 C  "C1'" . DG  B 1 4  ? -3.788  0.826   -10.451 1.00 35.83 ? 4   DG  B "C1'" 1 
ATOM   350 N  N9    . DG  B 1 4  ? -2.522  1.363   -9.993  1.00 34.29 ? 4   DG  B N9    1 
ATOM   351 C  C8    . DG  B 1 4  ? -2.332  2.510   -9.250  1.00 33.63 ? 4   DG  B C8    1 
ATOM   352 N  N7    . DG  B 1 4  ? -1.076  2.767   -9.009  1.00 32.53 ? 4   DG  B N7    1 
ATOM   353 C  C5    . DG  B 1 4  ? -0.390  1.747   -9.648  1.00 31.67 ? 4   DG  B C5    1 
ATOM   354 C  C6    . DG  B 1 4  ? 1.005   1.514   -9.744  1.00 30.72 ? 4   DG  B C6    1 
ATOM   355 O  O6    . DG  B 1 4  ? 1.924   2.191   -9.269  1.00 31.04 ? 4   DG  B O6    1 
ATOM   356 N  N1    . DG  B 1 4  ? 1.287   0.350   -10.479 1.00 31.38 ? 4   DG  B N1    1 
ATOM   357 C  C2    . DG  B 1 4  ? 0.324   -0.464  -11.065 1.00 30.14 ? 4   DG  B C2    1 
ATOM   358 N  N2    . DG  B 1 4  ? 0.767   -1.544  -11.746 1.00 30.40 ? 4   DG  B N2    1 
ATOM   359 N  N3    . DG  B 1 4  ? -0.982  -0.240  -10.984 1.00 31.54 ? 4   DG  B N3    1 
ATOM   360 C  C4    . DG  B 1 4  ? -1.260  0.881   -10.276 1.00 32.22 ? 4   DG  B C4    1 
ATOM   361 P  P     . DG  B 1 5  ? -5.671  -1.475  -6.731  1.00 42.24 ? 5   DG  B P     1 
ATOM   362 O  OP1   . DG  B 1 5  ? -6.968  -2.049  -6.322  1.00 44.60 ? 5   DG  B OP1   1 
ATOM   363 O  OP2   . DG  B 1 5  ? -4.868  -0.755  -5.732  1.00 43.21 ? 5   DG  B OP2   1 
ATOM   364 O  "O5'" . DG  B 1 5  ? -4.703  -2.595  -7.331  1.00 40.26 ? 5   DG  B "O5'" 1 
ATOM   365 C  "C5'" . DG  B 1 5  ? -5.192  -3.552  -8.251  1.00 38.90 ? 5   DG  B "C5'" 1 
ATOM   366 C  "C4'" . DG  B 1 5  ? -4.097  -4.518  -8.699  1.00 37.64 ? 5   DG  B "C4'" 1 
ATOM   367 O  "O4'" . DG  B 1 5  ? -3.124  -3.838  -9.551  1.00 37.04 ? 5   DG  B "O4'" 1 
ATOM   368 C  "C3'" . DG  B 1 5  ? -3.258  -5.123  -7.588  1.00 36.27 ? 5   DG  B "C3'" 1 
ATOM   369 O  "O3'" . DG  B 1 5  ? -3.951  -6.221  -6.995  1.00 36.24 ? 5   DG  B "O3'" 1 
ATOM   370 C  "C2'" . DG  B 1 5  ? -2.017  -5.566  -8.340  1.00 34.73 ? 5   DG  B "C2'" 1 
ATOM   371 C  "C1'" . DG  B 1 5  ? -1.815  -4.380  -9.300  1.00 34.71 ? 5   DG  B "C1'" 1 
ATOM   372 N  N9    . DG  B 1 5  ? -0.963  -3.312  -8.748  1.00 32.46 ? 5   DG  B N9    1 
ATOM   373 C  C8    . DG  B 1 5  ? -1.377  -2.158  -8.131  1.00 32.55 ? 5   DG  B C8    1 
ATOM   374 N  N7    . DG  B 1 5  ? -0.390  -1.404  -7.706  1.00 31.42 ? 5   DG  B N7    1 
ATOM   375 C  C5    . DG  B 1 5  ? 0.739   -2.111  -8.041  1.00 30.61 ? 5   DG  B C5    1 
ATOM   376 C  C6    . DG  B 1 5  ? 2.101   -1.773  -7.840  1.00 30.44 ? 5   DG  B C6    1 
ATOM   377 O  O6    . DG  B 1 5  ? 2.564   -0.762  -7.320  1.00 30.60 ? 5   DG  B O6    1 
ATOM   378 N  N1    . DG  B 1 5  ? 2.946   -2.769  -8.316  1.00 30.58 ? 5   DG  B N1    1 
ATOM   379 C  C2    . DG  B 1 5  ? 2.528   -3.928  -8.937  1.00 29.86 ? 5   DG  B C2    1 
ATOM   380 N  N2    . DG  B 1 5  ? 3.490   -4.765  -9.330  1.00 29.77 ? 5   DG  B N2    1 
ATOM   381 N  N3    . DG  B 1 5  ? 1.254   -4.246  -9.142  1.00 30.86 ? 5   DG  B N3    1 
ATOM   382 C  C4    . DG  B 1 5  ? 0.421   -3.292  -8.669  1.00 31.35 ? 5   DG  B C4    1 
ATOM   383 P  P     . DG  B 1 6  ? -3.846  -6.449  -5.415  1.00 36.88 ? 6   DG  B P     1 
ATOM   384 O  OP1   . DG  B 1 6  ? -4.673  -7.604  -5.025  1.00 40.72 ? 6   DG  B OP1   1 
ATOM   385 O  OP2   . DG  B 1 6  ? -4.065  -5.196  -4.668  1.00 38.17 ? 6   DG  B OP2   1 
ATOM   386 O  "O5'" . DG  B 1 6  ? -2.288  -6.854  -5.192  1.00 35.79 ? 6   DG  B "O5'" 1 
ATOM   387 C  "C5'" . DG  B 1 6  ? -1.759  -8.060  -5.782  1.00 33.45 ? 6   DG  B "C5'" 1 
ATOM   388 C  "C4'" . DG  B 1 6  ? -0.232  -8.090  -5.693  1.00 30.27 ? 6   DG  B "C4'" 1 
ATOM   389 O  "O4'" . DG  B 1 6  ? 0.304   -6.969  -6.425  1.00 29.34 ? 6   DG  B "O4'" 1 
ATOM   390 C  "C3'" . DG  B 1 6  ? 0.323   -7.929  -4.299  1.00 30.30 ? 6   DG  B "C3'" 1 
ATOM   391 O  "O3'" . DG  B 1 6  ? 0.286   -9.172  -3.622  1.00 30.47 ? 6   DG  B "O3'" 1 
ATOM   392 C  "C2'" . DG  B 1 6  ? 1.760   -7.498  -4.620  1.00 28.21 ? 6   DG  B "C2'" 1 
ATOM   393 C  "C1'" . DG  B 1 6  ? 1.526   -6.580  -5.824  1.00 27.93 ? 6   DG  B "C1'" 1 
ATOM   394 N  N9    . DG  B 1 6  ? 1.440   -5.194  -5.437  1.00 26.40 ? 6   DG  B N9    1 
ATOM   395 C  C8    . DG  B 1 6  ? 0.335   -4.418  -5.277  1.00 26.90 ? 6   DG  B C8    1 
ATOM   396 N  N7    . DG  B 1 6  ? 0.613   -3.192  -4.871  1.00 27.14 ? 6   DG  B N7    1 
ATOM   397 C  C5    . DG  B 1 6  ? 1.998   -3.182  -4.784  1.00 26.48 ? 6   DG  B C5    1 
ATOM   398 C  C6    . DG  B 1 6  ? 2.882   -2.144  -4.417  1.00 26.25 ? 6   DG  B C6    1 
ATOM   399 O  O6    . DG  B 1 6  ? 2.602   -0.984  -4.089  1.00 29.06 ? 6   DG  B O6    1 
ATOM   400 N  N1    . DG  B 1 6  ? 4.214   -2.563  -4.433  1.00 24.31 ? 6   DG  B N1    1 
ATOM   401 C  C2    . DG  B 1 6  ? 4.636   -3.836  -4.788  1.00 24.51 ? 6   DG  B C2    1 
ATOM   402 N  N2    . DG  B 1 6  ? 5.962   -4.072  -4.760  1.00 25.39 ? 6   DG  B N2    1 
ATOM   403 N  N3    . DG  B 1 6  ? 3.800   -4.815  -5.156  1.00 24.40 ? 6   DG  B N3    1 
ATOM   404 C  C4    . DG  B 1 6  ? 2.515   -4.409  -5.124  1.00 25.45 ? 6   DG  B C4    1 
ATOM   405 P  P     . DT  B 1 7  ? 0.350   -9.233  -2.017  1.00 31.54 ? 7   DT  B P     1 
ATOM   406 O  OP1   . DT  B 1 7  ? 0.066   -10.656 -1.642  1.00 34.08 ? 7   DT  B OP1   1 
ATOM   407 O  OP2   . DT  B 1 7  ? -0.436  -8.120  -1.448  1.00 30.78 ? 7   DT  B OP2   1 
ATOM   408 O  "O5'" . DT  B 1 7  ? 1.883   -8.952  -1.648  1.00 30.21 ? 7   DT  B "O5'" 1 
ATOM   409 C  "C5'" . DT  B 1 7  ? 2.918   -9.904  -1.977  1.00 30.27 ? 7   DT  B "C5'" 1 
ATOM   410 C  "C4'" . DT  B 1 7  ? 4.268   -9.293  -1.684  1.00 30.25 ? 7   DT  B "C4'" 1 
ATOM   411 O  "O4'" . DT  B 1 7  ? 4.380   -8.058  -2.433  1.00 31.09 ? 7   DT  B "O4'" 1 
ATOM   412 C  "C3'" . DT  B 1 7  ? 4.452   -8.848  -0.245  1.00 32.41 ? 7   DT  B "C3'" 1 
ATOM   413 O  "O3'" . DT  B 1 7  ? 4.909   -9.905  0.531   1.00 34.89 ? 7   DT  B "O3'" 1 
ATOM   414 C  "C2'" . DT  B 1 7  ? 5.538   -7.792  -0.372  1.00 32.42 ? 7   DT  B "C2'" 1 
ATOM   415 C  "C1'" . DT  B 1 7  ? 5.181   -7.135  -1.690  1.00 31.14 ? 7   DT  B "C1'" 1 
ATOM   416 N  N1    . DT  B 1 7  ? 4.447   -5.840  -1.509  1.00 29.90 ? 7   DT  B N1    1 
ATOM   417 C  C2    . DT  B 1 7  ? 5.182   -4.722  -1.225  1.00 30.26 ? 7   DT  B C2    1 
ATOM   418 O  O2    . DT  B 1 7  ? 6.400   -4.745  -1.108  1.00 30.86 ? 7   DT  B O2    1 
ATOM   419 N  N3    . DT  B 1 7  ? 4.459   -3.578  -1.060  1.00 27.94 ? 7   DT  B N3    1 
ATOM   420 C  C4    . DT  B 1 7  ? 3.089   -3.449  -1.149  1.00 27.01 ? 7   DT  B C4    1 
ATOM   421 O  O4    . DT  B 1 7  ? 2.525   -2.365  -1.006  1.00 26.51 ? 7   DT  B O4    1 
ATOM   422 C  C5    . DT  B 1 7  ? 2.363   -4.671  -1.417  1.00 27.29 ? 7   DT  B C5    1 
ATOM   423 C  C7    . DT  B 1 7  ? 0.875   -4.645  -1.552  1.00 28.93 ? 7   DT  B C7    1 
ATOM   424 C  C6    . DT  B 1 7  ? 3.065   -5.799  -1.574  1.00 29.23 ? 7   DT  B C6    1 
ATOM   425 P  P     . DA  B 1 8  ? 4.775   -9.831  2.134   1.00 38.43 ? 8   DA  B P     1 
ATOM   426 O  OP1   . DA  B 1 8  ? 5.133   -11.173 2.585   1.00 38.23 ? 8   DA  B OP1   1 
ATOM   427 O  OP2   . DA  B 1 8  ? 3.500   -9.134  2.460   1.00 38.44 ? 8   DA  B OP2   1 
ATOM   428 O  "O5'" . DA  B 1 8  ? 5.870   -8.763  2.601   1.00 36.76 ? 8   DA  B "O5'" 1 
ATOM   429 C  "C5'" . DA  B 1 8  ? 7.252   -9.022  2.454   1.00 36.34 ? 8   DA  B "C5'" 1 
ATOM   430 C  "C4'" . DA  B 1 8  ? 8.027   -7.803  2.913   1.00 36.63 ? 8   DA  B "C4'" 1 
ATOM   431 O  "O4'" . DA  B 1 8  ? 7.641   -6.685  2.074   1.00 35.92 ? 8   DA  B "O4'" 1 
ATOM   432 C  "C3'" . DA  B 1 8  ? 7.748   -7.365  4.357   1.00 37.38 ? 8   DA  B "C3'" 1 
ATOM   433 O  "O3'" . DA  B 1 8  ? 8.808   -7.772  5.209   1.00 37.96 ? 8   DA  B "O3'" 1 
ATOM   434 C  "C2'" . DA  B 1 8  ? 7.738   -5.848  4.294   1.00 37.28 ? 8   DA  B "C2'" 1 
ATOM   435 C  "C1'" . DA  B 1 8  ? 7.600   -5.498  2.828   1.00 36.09 ? 8   DA  B "C1'" 1 
ATOM   436 N  N9    . DA  B 1 8  ? 6.341   -4.794  2.589   1.00 31.66 ? 8   DA  B N9    1 
ATOM   437 C  C8    . DA  B 1 8  ? 5.107   -5.337  2.292   1.00 31.02 ? 8   DA  B C8    1 
ATOM   438 N  N7    . DA  B 1 8  ? 4.155   -4.422  2.166   1.00 29.47 ? 8   DA  B N7    1 
ATOM   439 C  C5    . DA  B 1 8  ? 4.807   -3.224  2.415   1.00 28.44 ? 8   DA  B C5    1 
ATOM   440 C  C6    . DA  B 1 8  ? 4.354   -1.904  2.442   1.00 27.62 ? 8   DA  B C6    1 
ATOM   441 N  N6    . DA  B 1 8  ? 3.102   -1.569  2.173   1.00 27.09 ? 8   DA  B N6    1 
ATOM   442 N  N1    . DA  B 1 8  ? 5.240   -0.945  2.732   1.00 28.34 ? 8   DA  B N1    1 
ATOM   443 C  C2    . DA  B 1 8  ? 6.502   -1.287  2.988   1.00 29.01 ? 8   DA  B C2    1 
ATOM   444 N  N3    . DA  B 1 8  ? 7.060   -2.499  3.010   1.00 30.32 ? 8   DA  B N3    1 
ATOM   445 C  C4    . DA  B 1 8  ? 6.143   -3.431  2.700   1.00 30.97 ? 8   DA  B C4    1 
ATOM   446 P  P     . DC  B 1 9  ? 8.609   -7.779  6.804   1.00 43.46 ? 9   DC  B P     1 
ATOM   447 O  OP1   . DC  B 1 9  ? 9.836   -8.357  7.415   1.00 45.12 ? 9   DC  B OP1   1 
ATOM   448 O  OP2   . DC  B 1 9  ? 7.179   -8.194  6.979   1.00 45.52 ? 9   DC  B OP2   1 
ATOM   449 O  "O5'" . DC  B 1 9  ? 8.465   -6.235  7.218   1.00 39.59 ? 9   DC  B "O5'" 1 
ATOM   450 C  "C5'" . DC  B 1 9  ? 9.570   -5.434  7.282   1.00 36.31 ? 9   DC  B "C5'" 1 
ATOM   451 C  "C4'" . DC  B 1 9  ? 9.136   -3.992  7.351   1.00 34.01 ? 9   DC  B "C4'" 1 
ATOM   452 O  "O4'" . DC  B 1 9  ? 8.137   -3.748  6.355   1.00 33.74 ? 9   DC  B "O4'" 1 
ATOM   453 C  "C3'" . DC  B 1 9  ? 8.430   -3.601  8.621   1.00 35.29 ? 9   DC  B "C3'" 1 
ATOM   454 O  "O3'" . DC  B 1 9  ? 9.373   -3.345  9.601   1.00 35.62 ? 9   DC  B "O3'" 1 
ATOM   455 C  "C2'" . DC  B 1 9  ? 7.737   -2.304  8.190   1.00 34.62 ? 9   DC  B "C2'" 1 
ATOM   456 C  "C1'" . DC  B 1 9  ? 7.488   -2.541  6.704   1.00 32.67 ? 9   DC  B "C1'" 1 
ATOM   457 N  N1    . DC  B 1 9  ? 6.051   -2.600  6.336   1.00 30.88 ? 9   DC  B N1    1 
ATOM   458 C  C2    . DC  B 1 9  ? 5.400   -1.394  6.155   1.00 28.38 ? 9   DC  B C2    1 
ATOM   459 O  O2    . DC  B 1 9  ? 6.057   -0.364  6.316   1.00 28.31 ? 9   DC  B O2    1 
ATOM   460 N  N3    . DC  B 1 9  ? 4.102   -1.389  5.808   1.00 28.26 ? 9   DC  B N3    1 
ATOM   461 C  C4    . DC  B 1 9  ? 3.441   -2.530  5.649   1.00 29.44 ? 9   DC  B C4    1 
ATOM   462 N  N4    . DC  B 1 9  ? 2.145   -2.461  5.309   1.00 30.01 ? 9   DC  B N4    1 
ATOM   463 C  C5    . DC  B 1 9  ? 4.089   -3.806  5.850   1.00 31.08 ? 9   DC  B C5    1 
ATOM   464 C  C6    . DC  B 1 9  ? 5.384   -3.781  6.196   1.00 30.61 ? 9   DC  B C6    1 
ATOM   465 P  P     . DC  B 1 10 ? 8.946   -3.252  11.137  1.00 37.29 ? 10  DC  B P     1 
ATOM   466 O  OP1   . DC  B 1 10 ? 10.272  -3.080  11.778  1.00 40.02 ? 10  DC  B OP1   1 
ATOM   467 O  OP2   . DC  B 1 10 ? 7.886   -4.215  11.529  1.00 38.82 ? 10  DC  B OP2   1 
ATOM   468 O  "O5'" . DC  B 1 10 ? 8.241   -1.828  11.273  1.00 33.85 ? 10  DC  B "O5'" 1 
ATOM   469 C  "C5'" . DC  B 1 10 ? 9.056   -0.690  11.372  1.00 31.71 ? 10  DC  B "C5'" 1 
ATOM   470 C  "C4'" . DC  B 1 10 ? 8.204   0.519   11.681  1.00 29.71 ? 10  DC  B "C4'" 1 
ATOM   471 O  "O4'" . DC  B 1 10 ? 7.469   0.870   10.481  1.00 28.74 ? 10  DC  B "O4'" 1 
ATOM   472 C  "C3'" . DC  B 1 10 ? 7.123   0.306   12.711  1.00 30.40 ? 10  DC  B "C3'" 1 
ATOM   473 O  "O3'" . DC  B 1 10 ? 7.658   0.384   14.067  1.00 33.58 ? 10  DC  B "O3'" 1 
ATOM   474 C  "C2'" . DC  B 1 10 ? 6.196   1.477   12.404  1.00 29.83 ? 10  DC  B "C2'" 1 
ATOM   475 C  "C1'" . DC  B 1 10 ? 6.240   1.497   10.874  1.00 28.39 ? 10  DC  B "C1'" 1 
ATOM   476 N  N1    . DC  B 1 10 ? 5.115   0.745   10.265  1.00 29.42 ? 10  DC  B N1    1 
ATOM   477 C  C2    . DC  B 1 10 ? 3.893   1.382   10.047  1.00 30.57 ? 10  DC  B C2    1 
ATOM   478 O  O2    . DC  B 1 10 ? 3.772   2.587   10.367  1.00 29.61 ? 10  DC  B O2    1 
ATOM   479 N  N3    . DC  B 1 10 ? 2.877   0.681   9.487   1.00 30.98 ? 10  DC  B N3    1 
ATOM   480 C  C4    . DC  B 1 10 ? 3.037   -0.606  9.161   1.00 29.72 ? 10  DC  B C4    1 
ATOM   481 N  N4    . DC  B 1 10 ? 1.996   -1.249  8.616   1.00 29.13 ? 10  DC  B N4    1 
ATOM   482 C  C5    . DC  B 1 10 ? 4.271   -1.286  9.394   1.00 28.71 ? 10  DC  B C5    1 
ATOM   483 C  C6    . DC  B 1 10 ? 5.272   -0.585  9.945   1.00 29.09 ? 10  DC  B C6    1 
ATOM   484 P  P     . DC  B 1 11 ? 6.832   -0.281  15.278  1.00 34.63 ? 11  DC  B P     1 
ATOM   485 O  OP1   . DC  B 1 11 ? 7.640   -0.125  16.513  1.00 36.04 ? 11  DC  B OP1   1 
ATOM   486 O  OP2   . DC  B 1 11 ? 6.416   -1.656  14.916  1.00 35.32 ? 11  DC  B OP2   1 
ATOM   487 O  "O5'" . DC  B 1 11 ? 5.539   0.643   15.376  1.00 32.26 ? 11  DC  B "O5'" 1 
ATOM   488 C  "C5'" . DC  B 1 11 ? 4.296   0.117   15.767  1.00 32.79 ? 11  DC  B "C5'" 1 
ATOM   489 C  "C4'" . DC  B 1 11 ? 3.227   1.147   15.559  1.00 33.38 ? 11  DC  B "C4'" 1 
ATOM   490 O  "O4'" . DC  B 1 11 ? 3.180   1.506   14.152  1.00 32.92 ? 11  DC  B "O4'" 1 
ATOM   491 C  "C3'" . DC  B 1 11 ? 1.825   0.703   15.882  1.00 34.30 ? 11  DC  B "C3'" 1 
ATOM   492 O  "O3'" . DC  B 1 11 ? 1.602   0.861   17.239  1.00 37.60 ? 11  DC  B "O3'" 1 
ATOM   493 C  "C2'" . DC  B 1 11 ? 1.029   1.726   15.068  1.00 31.43 ? 11  DC  B "C2'" 1 
ATOM   494 C  "C1'" . DC  B 1 11 ? 1.820   1.715   13.764  1.00 30.90 ? 11  DC  B "C1'" 1 
ATOM   495 N  N1    . DC  B 1 11 ? 1.363   0.602   12.877  1.00 29.58 ? 11  DC  B N1    1 
ATOM   496 C  C2    . DC  B 1 11 ? 0.101   0.706   12.266  1.00 29.55 ? 11  DC  B C2    1 
ATOM   497 O  O2    . DC  B 1 11 ? -0.543  1.748   12.415  1.00 29.96 ? 11  DC  B O2    1 
ATOM   498 N  N3    . DC  B 1 11 ? -0.350  -0.312  11.497  1.00 28.20 ? 11  DC  B N3    1 
ATOM   499 C  C4    . DC  B 1 11 ? 0.358   -1.432  11.403  1.00 29.66 ? 11  DC  B C4    1 
ATOM   500 N  N4    . DC  B 1 11 ? -0.125  -2.421  10.634  1.00 30.98 ? 11  DC  B N4    1 
ATOM   501 C  C5    . DC  B 1 11 ? 1.634   -1.574  12.034  1.00 29.81 ? 11  DC  B C5    1 
ATOM   502 C  C6    . DC  B 1 11 ? 2.093   -0.540  12.759  1.00 30.55 ? 11  DC  B C6    1 
ATOM   503 P  P     . DG  B 1 12 ? 0.605   -0.120  18.047  1.00 38.76 ? 12  DG  B P     1 
ATOM   504 O  OP1   . DG  B 1 12 ? 0.705   0.248   19.480  1.00 40.90 ? 12  DG  B OP1   1 
ATOM   505 O  OP2   . DG  B 1 12 ? 0.756   -1.536  17.667  1.00 36.90 ? 12  DG  B OP2   1 
ATOM   506 O  "O5'" . DG  B 1 12 ? -0.831  0.380   17.570  1.00 38.17 ? 12  DG  B "O5'" 1 
ATOM   507 C  "C5'" . DG  B 1 12 ? -1.207  1.715   17.729  1.00 37.02 ? 12  DG  B "C5'" 1 
ATOM   508 C  "C4'" . DG  B 1 12 ? -2.479  1.964   16.948  1.00 38.63 ? 12  DG  B "C4'" 1 
ATOM   509 O  "O4'" . DG  B 1 12 ? -2.214  1.826   15.508  1.00 37.24 ? 12  DG  B "O4'" 1 
ATOM   510 C  "C3'" . DG  B 1 12 ? -3.574  0.957   17.190  1.00 40.10 ? 12  DG  B "C3'" 1 
ATOM   511 O  "O3'" . DG  B 1 12 ? -4.225  1.214   18.453  1.00 44.01 ? 12  DG  B "O3'" 1 
ATOM   512 C  "C2'" . DG  B 1 12 ? -4.457  1.255   15.986  1.00 37.93 ? 12  DG  B "C2'" 1 
ATOM   513 C  "C1'" . DG  B 1 12 ? -3.387  1.332   14.880  1.00 36.33 ? 12  DG  B "C1'" 1 
ATOM   514 N  N9    . DG  B 1 12 ? -3.106  0.022   14.315  1.00 33.17 ? 12  DG  B N9    1 
ATOM   515 C  C8    . DG  B 1 12 ? -2.053  -0.800  14.599  1.00 32.43 ? 12  DG  B C8    1 
ATOM   516 N  N7    . DG  B 1 12 ? -2.110  -1.940  13.963  1.00 32.67 ? 12  DG  B N7    1 
ATOM   517 C  C5    . DG  B 1 12 ? -3.293  -1.868  13.230  1.00 32.88 ? 12  DG  B C5    1 
ATOM   518 C  C6    . DG  B 1 12 ? -3.883  -2.794  12.342  1.00 32.92 ? 12  DG  B C6    1 
ATOM   519 O  O6    . DG  B 1 12 ? -3.478  -3.925  12.022  1.00 34.60 ? 12  DG  B O6    1 
ATOM   520 N  N1    . DG  B 1 12 ? -5.074  -2.324  11.823  1.00 31.26 ? 12  DG  B N1    1 
ATOM   521 C  C2    . DG  B 1 12 ? -5.633  -1.099  12.119  1.00 31.74 ? 12  DG  B C2    1 
ATOM   522 N  N2    . DG  B 1 12 ? -6.804  -0.801  11.514  1.00 31.60 ? 12  DG  B N2    1 
ATOM   523 N  N3    . DG  B 1 12 ? -5.081  -0.222  12.926  1.00 32.15 ? 12  DG  B N3    1 
ATOM   524 C  C4    . DG  B 1 12 ? -3.915  -0.673  13.453  1.00 32.72 ? 12  DG  B C4    1 
ATOM   525 P  P     . DG  B 1 13 ? -5.377  0.221   19.010  1.00 45.58 ? 13  DG  B P     1 
ATOM   526 O  OP1   . DG  B 1 13 ? -5.678  0.688   20.383  1.00 46.45 ? 13  DG  B OP1   1 
ATOM   527 O  OP2   . DG  B 1 13 ? -5.023  -1.215  18.879  1.00 46.89 ? 13  DG  B OP2   1 
ATOM   528 O  "O5'" . DG  B 1 13 ? -6.609  0.626   18.095  1.00 44.23 ? 13  DG  B "O5'" 1 
ATOM   529 C  "C5'" . DG  B 1 13 ? -7.676  -0.151  18.041  1.00 42.96 ? 13  DG  B "C5'" 1 
ATOM   530 C  "C4'" . DG  B 1 13 ? -8.564  0.247   16.902  1.00 40.23 ? 13  DG  B "C4'" 1 
ATOM   531 O  "O4'" . DG  B 1 13 ? -7.778  0.279   15.648  1.00 37.69 ? 13  DG  B "O4'" 1 
ATOM   532 C  "C3'" . DG  B 1 13 ? -9.637  -0.787  16.665  1.00 39.41 ? 13  DG  B "C3'" 1 
ATOM   533 O  "O3'" . DG  B 1 13 ? -10.790 -0.519  17.481  1.00 39.66 ? 13  DG  B "O3'" 1 
ATOM   534 C  "C2'" . DG  B 1 13 ? -9.888  -0.658  15.184  1.00 38.35 ? 13  DG  B "C2'" 1 
ATOM   535 C  "C1'" . DG  B 1 13 ? -8.435  -0.537  14.683  1.00 36.85 ? 13  DG  B "C1'" 1 
ATOM   536 N  N9    . DG  B 1 13 ? -7.728  -1.827  14.634  1.00 34.25 ? 13  DG  B N9    1 
ATOM   537 C  C8    . DG  B 1 13 ? -6.601  -2.182  15.337  1.00 34.39 ? 13  DG  B C8    1 
ATOM   538 N  N7    . DG  B 1 13 ? -6.197  -3.413  15.106  1.00 34.21 ? 13  DG  B N7    1 
ATOM   539 C  C5    . DG  B 1 13 ? -7.113  -3.885  14.181  1.00 33.21 ? 13  DG  B C5    1 
ATOM   540 C  C6    . DG  B 1 13 ? -7.180  -5.143  13.545  1.00 33.48 ? 13  DG  B C6    1 
ATOM   541 O  O6    . DG  B 1 13 ? -6.422  -6.114  13.703  1.00 33.88 ? 13  DG  B O6    1 
ATOM   542 N  N1    . DG  B 1 13 ? -8.266  -5.225  12.671  1.00 31.41 ? 13  DG  B N1    1 
ATOM   543 C  C2    . DG  B 1 13 ? -9.173  -4.209  12.447  1.00 31.72 ? 13  DG  B C2    1 
ATOM   544 N  N2    . DG  B 1 13 ? -10.155 -4.466  11.582  1.00 31.70 ? 13  DG  B N2    1 
ATOM   545 N  N3    . DG  B 1 13 ? -9.109  -3.016  13.030  1.00 31.76 ? 13  DG  B N3    1 
ATOM   546 C  C4    . DG  B 1 13 ? -8.058  -2.926  13.880  1.00 32.49 ? 13  DG  B C4    1 
ATOM   547 P  P     . DG  B 1 14 ? -11.155 -1.568  18.636  1.00 38.89 ? 14  DG  B P     1 
ATOM   548 O  OP1   . DG  B 1 14 ? -12.427 -1.135  19.262  1.00 41.67 ? 14  DG  B OP1   1 
ATOM   549 O  OP2   . DG  B 1 14 ? -10.000 -1.770  19.518  1.00 36.40 ? 14  DG  B OP2   1 
ATOM   550 O  "O5'" . DG  B 1 14 ? -11.286 -2.971  17.865  1.00 38.69 ? 14  DG  B "O5'" 1 
ATOM   551 C  "C5'" . DG  B 1 14 ? -12.537 -3.493  17.483  1.00 37.77 ? 14  DG  B "C5'" 1 
ATOM   552 C  "C4'" . DG  B 1 14 ? -12.954 -2.961  16.132  1.00 35.96 ? 14  DG  B "C4'" 1 
ATOM   553 O  "O4'" . DG  B 1 14 ? -11.920 -3.220  15.160  1.00 35.78 ? 14  DG  B "O4'" 1 
ATOM   554 C  "C3'" . DG  B 1 14 ? -14.154 -3.639  15.544  1.00 37.58 ? 14  DG  B "C3'" 1 
ATOM   555 O  "O3'" . DG  B 1 14 ? -14.703 -2.785  14.506  1.00 38.19 ? 14  DG  B "O3'" 1 
ATOM   556 C  "C2'" . DG  B 1 14 ? -13.539 -4.949  14.972  1.00 36.65 ? 14  DG  B "C2'" 1 
ATOM   557 C  "C1'" . DG  B 1 14 ? -12.133 -4.494  14.572  1.00 35.74 ? 14  DG  B "C1'" 1 
ATOM   558 N  N9    . DG  B 1 14 ? -11.052 -5.392  14.999  1.00 34.65 ? 14  DG  B N9    1 
ATOM   559 C  C8    . DG  B 1 14 ? -10.059 -5.132  15.925  1.00 34.40 ? 14  DG  B C8    1 
ATOM   560 N  N7    . DG  B 1 14 ? -9.206  -6.119  16.060  1.00 33.70 ? 14  DG  B N7    1 
ATOM   561 C  C5    . DG  B 1 14 ? -9.649  -7.077  15.140  1.00 33.42 ? 14  DG  B C5    1 
ATOM   562 C  C6    . DG  B 1 14 ? -9.129  -8.367  14.828  1.00 34.56 ? 14  DG  B C6    1 
ATOM   563 O  O6    . DG  B 1 14 ? -8.140  -8.944  15.328  1.00 35.43 ? 14  DG  B O6    1 
ATOM   564 N  N1    . DG  B 1 14 ? -9.894  -9.014  13.850  1.00 33.36 ? 14  DG  B N1    1 
ATOM   565 C  C2    . DG  B 1 14 ? -11.014 -8.480  13.257  1.00 35.24 ? 14  DG  B C2    1 
ATOM   566 N  N2    . DG  B 1 14 ? -11.618 -9.232  12.320  1.00 33.88 ? 14  DG  B N2    1 
ATOM   567 N  N3    . DG  B 1 14 ? -11.508 -7.277  13.561  1.00 32.06 ? 14  DG  B N3    1 
ATOM   568 C  C4    . DG  B 1 14 ? -10.778 -6.641  14.490  1.00 32.18 ? 14  DG  B C4    1 
HETATM 569 ZN ZN    . ZN  C 2 .  ? 3.957   4.772   -16.924 0.30 58.73 ? 101 ZN  A ZN    1 
HETATM 570 ZN ZN    . ZN  D 2 .  ? -4.712  -5.337  16.317  0.59 75.83 ? 101 ZN  B ZN    1 
HETATM 571 O  O     . HOH E 3 .  ? 13.074  -3.872  -14.869 1.00 48.04 ? 201 HOH A O     1 
HETATM 572 O  O     . HOH E 3 .  ? 1.545   4.859   -20.206 1.00 37.82 ? 202 HOH A O     1 
HETATM 573 O  O     . HOH E 3 .  ? 10.061  -0.286  -9.990  1.00 36.85 ? 203 HOH A O     1 
HETATM 574 O  O     . HOH E 3 .  ? 3.933   3.791   -1.114  1.00 34.42 ? 204 HOH A O     1 
HETATM 575 O  O     . HOH E 3 .  ? 6.533   2.586   -13.089 1.00 42.92 ? 205 HOH A O     1 
HETATM 576 O  O     . HOH E 3 .  ? -1.704  2.109   3.090   1.00 45.86 ? 206 HOH A O     1 
HETATM 577 O  O     . HOH E 3 .  ? -5.990  3.746   10.766  1.00 39.07 ? 207 HOH A O     1 
HETATM 578 O  O     . HOH E 3 .  ? 3.128   6.465   -0.276  1.00 41.79 ? 208 HOH A O     1 
HETATM 579 O  O     . HOH E 3 .  ? -4.561  4.895   -15.286 1.00 37.45 ? 209 HOH A O     1 
HETATM 580 O  O     . HOH E 3 .  ? 2.877   -4.520  -13.391 1.00 33.06 ? 210 HOH A O     1 
HETATM 581 O  O     . HOH E 3 .  ? -4.532  -10.470 12.258  1.00 46.45 ? 211 HOH A O     1 
HETATM 582 O  O     . HOH E 3 .  ? -1.333  -0.653  -14.879 1.00 35.09 ? 212 HOH A O     1 
HETATM 583 O  O     . HOH E 3 .  ? -10.586 -0.886  9.602   1.00 37.57 ? 213 HOH A O     1 
HETATM 584 O  O     . HOH E 3 .  ? 4.283   6.502   -16.138 1.00 58.24 ? 214 HOH A O     1 
HETATM 585 O  O     . HOH E 3 .  ? 10.793  -1.102  0.879   1.00 40.05 ? 215 HOH A O     1 
HETATM 586 O  O     . HOH E 3 .  ? -3.506  0.868   -14.305 1.00 39.70 ? 216 HOH A O     1 
HETATM 587 O  O     . HOH E 3 .  ? 2.853   1.546   -23.598 1.00 54.90 ? 217 HOH A O     1 
HETATM 588 O  O     . HOH E 3 .  ? -1.766  -0.436  5.350   1.00 48.92 ? 218 HOH A O     1 
HETATM 589 O  O     . HOH E 3 .  ? -4.883  -10.170 7.177   1.00 45.36 ? 219 HOH A O     1 
HETATM 590 O  O     . HOH E 3 .  ? 6.792   2.623   -7.102  1.00 32.53 ? 220 HOH A O     1 
HETATM 591 O  O     . HOH E 3 .  ? -7.150  5.654   -21.007 1.00 41.56 ? 221 HOH A O     1 
HETATM 592 O  O     . HOH E 3 .  ? 6.797   4.006   -9.943  1.00 39.61 ? 222 HOH A O     1 
HETATM 593 O  O     . HOH F 3 .  ? 7.556   -0.090  18.821  1.00 44.56 ? 201 HOH B O     1 
HETATM 594 O  O     . HOH F 3 .  ? -4.714  -9.157  -3.124  1.00 45.65 ? 202 HOH B O     1 
HETATM 595 O  O     . HOH F 3 .  ? 0.384   -1.166  -0.837  1.00 39.88 ? 203 HOH B O     1 
HETATM 596 O  O     . HOH F 3 .  ? 4.979   -2.564  13.030  1.00 35.72 ? 204 HOH B O     1 
HETATM 597 O  O     . HOH F 3 .  ? -0.265  -3.814  14.378  1.00 46.86 ? 205 HOH B O     1 
HETATM 598 O  O     . HOH F 3 .  ? 0.480   -4.951  -11.636 1.00 35.02 ? 206 HOH B O     1 
HETATM 599 O  O     . HOH F 3 .  ? -5.673  -8.122  16.160  1.00 47.89 ? 207 HOH B O     1 
HETATM 600 O  O     . HOH F 3 .  ? -0.860  4.179   13.630  1.00 33.03 ? 208 HOH B O     1 
HETATM 601 O  O     . HOH F 3 .  ? -1.193  -1.382  -3.594  1.00 46.80 ? 209 HOH B O     1 
HETATM 602 O  O     . HOH F 3 .  ? -6.993  -5.795  17.850  1.00 47.85 ? 210 HOH B O     1 
HETATM 603 O  O     . HOH F 3 .  ? -6.328  2.338   13.278  1.00 35.76 ? 211 HOH B O     1 
HETATM 604 O  O     . HOH F 3 .  ? -1.413  17.474  -6.603  1.00 45.23 ? 212 HOH B O     1 
HETATM 605 O  O     . HOH F 3 .  ? -3.567  -5.915  14.210  1.00 52.20 ? 213 HOH B O     1 
HETATM 606 O  O     . HOH F 3 .  ? -15.948 -0.837  16.359  1.00 43.26 ? 214 HOH B O     1 
HETATM 607 O  O     . HOH F 3 .  ? 0.782   0.962   -5.670  1.00 48.52 ? 215 HOH B O     1 
HETATM 608 O  O     . HOH F 3 .  ? 0.882   -5.049  4.547   1.00 37.57 ? 216 HOH B O     1 
HETATM 609 O  O     . HOH F 3 .  ? -5.240  4.120   -12.731 1.00 40.47 ? 217 HOH B O     1 
HETATM 610 O  O     . HOH F 3 .  ? 3.336   -7.586  5.180   1.00 44.97 ? 218 HOH B O     1 
HETATM 611 O  O     . HOH F 3 .  ? 2.170   -4.391  8.874   1.00 35.02 ? 219 HOH B O     1 
HETATM 612 O  O     . HOH F 3 .  ? -7.430  -8.540  -3.653  1.00 47.34 ? 220 HOH B O     1 
HETATM 613 O  O     . HOH F 3 .  ? -0.825  -2.098  21.139  1.00 51.05 ? 221 HOH B O     1 
HETATM 614 O  O     . HOH F 3 .  ? -1.832  5.088   15.908  1.00 45.24 ? 222 HOH B O     1 
HETATM 615 O  O     . HOH F 3 .  ? 7.079   -5.556  14.892  1.00 44.48 ? 223 HOH B O     1 
HETATM 616 O  O     . HOH F 3 .  ? -7.544  3.952   -11.936 1.00 51.55 ? 224 HOH B O     1 
# 
loop_
_atom_site_anisotrop.id 
_atom_site_anisotrop.type_symbol 
_atom_site_anisotrop.pdbx_label_atom_id 
_atom_site_anisotrop.pdbx_label_alt_id 
_atom_site_anisotrop.pdbx_label_comp_id 
_atom_site_anisotrop.pdbx_label_asym_id 
_atom_site_anisotrop.pdbx_label_seq_id 
_atom_site_anisotrop.pdbx_PDB_ins_code 
_atom_site_anisotrop.U[1][1] 
_atom_site_anisotrop.U[2][2] 
_atom_site_anisotrop.U[3][3] 
_atom_site_anisotrop.U[1][2] 
_atom_site_anisotrop.U[1][3] 
_atom_site_anisotrop.U[2][3] 
_atom_site_anisotrop.pdbx_auth_seq_id 
_atom_site_anisotrop.pdbx_auth_comp_id 
_atom_site_anisotrop.pdbx_auth_asym_id 
_atom_site_anisotrop.pdbx_auth_atom_id 
1   O "O5'" . DC A 1  ? 0.5428 0.4272 0.4278 0.0708  0.0794  -0.0175 1  DC A "O5'" 
2   C "C5'" . DC A 1  ? 0.5258 0.4324 0.4297 0.0543  0.0809  -0.0036 1  DC A "C5'" 
3   C "C4'" . DC A 1  ? 0.4790 0.4012 0.4260 0.0528  0.0873  0.0185  1  DC A "C4'" 
4   O "O4'" . DC A 1  ? 0.4958 0.3829 0.4379 0.0700  0.1043  0.0185  1  DC A "O4'" 
5   C "C3'" . DC A 1  ? 0.4369 0.3809 0.4097 0.0531  0.0788  0.0288  1  DC A "C3'" 
6   O "O3'" . DC A 1  ? 0.4152 0.3970 0.4059 0.0349  0.0650  0.0367  1  DC A "O3'" 
7   C "C2'" . DC A 1  ? 0.4254 0.3662 0.4267 0.0598  0.0906  0.0458  1  DC A "C2'" 
8   C "C1'" . DC A 1  ? 0.4623 0.3589 0.4368 0.0757  0.1066  0.0352  1  DC A "C1'" 
9   N N1    . DC A 1  ? 0.4709 0.3331 0.4265 0.0979  0.1103  0.0266  1  DC A N1    
10  C C2    . DC A 1  ? 0.4521 0.3125 0.4300 0.1080  0.1145  0.0416  1  DC A C2    
11  O O2    . DC A 1  ? 0.4317 0.3197 0.4439 0.0987  0.1151  0.0604  1  DC A O2    
12  N N3    . DC A 1  ? 0.4742 0.3017 0.4346 0.1285  0.1167  0.0348  1  DC A N3    
13  C C4    . DC A 1  ? 0.5102 0.3250 0.4383 0.1267  0.1060  0.0131  1  DC A C4    
14  N N4    . DC A 1  ? 0.5208 0.3343 0.4441 0.1259  0.0933  0.0076  1  DC A N4    
15  C C5    . DC A 1  ? 0.5037 0.3138 0.4076 0.1220  0.1052  -0.0027 1  DC A C5    
16  C C6    . DC A 1  ? 0.4952 0.3269 0.4111 0.1087  0.1088  0.0043  1  DC A C6    
17  P P     . DC A 2  ? 0.4299 0.4320 0.4314 0.0321  0.0528  0.0393  2  DC A P     
18  O OP1   . DC A 2  ? 0.4153 0.4489 0.4261 0.0132  0.0397  0.0447  2  DC A OP1   
19  O OP2   . DC A 2  ? 0.4372 0.4166 0.4146 0.0460  0.0525  0.0233  2  DC A OP2   
20  O "O5'" . DC A 2  ? 0.4098 0.4191 0.4442 0.0372  0.0578  0.0581  2  DC A "O5'" 
21  C "C5'" . DC A 2  ? 0.4023 0.4349 0.4674 0.0268  0.0578  0.0750  2  DC A "C5'" 
22  C "C4'" . DC A 2  ? 0.3940 0.4281 0.4833 0.0354  0.0633  0.0901  2  DC A "C4'" 
23  O "O4'" . DC A 2  ? 0.4036 0.4040 0.4817 0.0536  0.0778  0.0872  2  DC A "O4'" 
24  C "C3'" . DC A 2  ? 0.4001 0.4419 0.4918 0.0377  0.0550  0.0928  2  DC A "C3'" 
25  O "O3'" . DC A 2  ? 0.4236 0.4966 0.5338 0.0227  0.0434  0.1018  2  DC A "O3'" 
26  C "C2'" . DC A 2  ? 0.3810 0.4077 0.4827 0.0534  0.0648  0.1035  2  DC A "C2'" 
27  C "C1'" . DC A 2  ? 0.3948 0.3891 0.4799 0.0656  0.0787  0.0952  2  DC A "C1'" 
28  N N1    . DC A 2  ? 0.4053 0.3660 0.4604 0.0820  0.0810  0.0805  2  DC A N1    
29  C C2    . DC A 2  ? 0.3951 0.3377 0.4494 0.0985  0.0839  0.0862  2  DC A C2    
30  O O2    . DC A 2  ? 0.3663 0.3219 0.4431 0.0992  0.0847  0.1039  2  DC A O2    
31  N N3    . DC A 2  ? 0.4284 0.3394 0.4566 0.1139  0.0846  0.0719  2  DC A N3    
32  C C4    . DC A 2  ? 0.4457 0.3430 0.4485 0.1139  0.0832  0.0518  2  DC A C4    
33  N N4    . DC A 2  ? 0.4648 0.3296 0.4430 0.1309  0.0832  0.0368  2  DC A N4    
34  C C5    . DC A 2  ? 0.4459 0.3617 0.4464 0.0971  0.0804  0.0458  2  DC A C5    
35  C C6    . DC A 2  ? 0.4141 0.3606 0.4411 0.0816  0.0793  0.0610  2  DC A C6    
36  P P     . DC A 3  ? 0.4471 0.5297 0.5505 0.0184  0.0322  0.0988  3  DC A P     
37  O OP1   . DC A 3  ? 0.4498 0.5598 0.5708 0.0037  0.0217  0.1085  3  DC A OP1   
38  O OP2   . DC A 3  ? 0.4651 0.5329 0.5410 0.0214  0.0308  0.0806  3  DC A OP2   
39  O "O5'" . DC A 3  ? 0.4160 0.4886 0.5246 0.0321  0.0364  0.1069  3  DC A "O5'" 
40  C "C5'" . DC A 3  ? 0.4128 0.4977 0.5438 0.0324  0.0368  0.1237  3  DC A "C5'" 
41  C "C4'" . DC A 3  ? 0.4178 0.4858 0.5453 0.0483  0.0419  0.1296  3  DC A "C4'" 
42  O "O4'" . DC A 3  ? 0.4217 0.4598 0.5352 0.0634  0.0527  0.1225  3  DC A "O4'" 
43  C "C3'" . DC A 3  ? 0.4341 0.4994 0.5480 0.0492  0.0350  0.1247  3  DC A "C3'" 
44  O "O3'" . DC A 3  ? 0.4480 0.5328 0.5718 0.0408  0.0272  0.1346  3  DC A "O3'" 
45  C "C2'" . DC A 3  ? 0.4410 0.4796 0.5466 0.0688  0.0426  0.1276  3  DC A "C2'" 
46  C "C1'" . DC A 3  ? 0.4297 0.4487 0.5308 0.0773  0.0532  0.1219  3  DC A "C1'" 
47  N N1    . DC A 3  ? 0.4161 0.4110 0.4933 0.0852  0.0546  0.1035  3  DC A N1    
48  C C2    . DC A 3  ? 0.4207 0.3888 0.4843 0.1025  0.0565  0.1008  3  DC A C2    
49  O O2    . DC A 3  ? 0.4342 0.4003 0.5049 0.1100  0.0570  0.1152  3  DC A O2    
50  N N3    . DC A 3  ? 0.4282 0.3725 0.4702 0.1115  0.0571  0.0823  3  DC A N3    
51  C C4    . DC A 3  ? 0.4282 0.3754 0.4599 0.1033  0.0559  0.0670  3  DC A C4    
52  N N4    . DC A 3  ? 0.4506 0.3733 0.4591 0.1135  0.0557  0.0473  3  DC A N4    
53  C C5    . DC A 3  ? 0.4227 0.3969 0.4662 0.0852  0.0542  0.0709  3  DC A C5    
54  C C6    . DC A 3  ? 0.4074 0.4045 0.4746 0.0768  0.0535  0.0893  3  DC A C6    
55  P P     . DG A 4  ? 0.4664 0.5530 0.5771 0.0364  0.0193  0.1297  4  DG A P     
56  O OP1   . DG A 4  ? 0.4849 0.5897 0.6051 0.0276  0.0123  0.1407  4  DG A OP1   
57  O OP2   . DG A 4  ? 0.4643 0.5484 0.5616 0.0302  0.0171  0.1127  4  DG A OP2   
58  O "O5'" . DG A 4  ? 0.4417 0.5076 0.5436 0.0531  0.0235  0.1340  4  DG A "O5'" 
59  C "C5'" . DG A 4  ? 0.4371 0.5016 0.5470 0.0619  0.0260  0.1503  4  DG A "C5'" 
60  C "C4'" . DG A 4  ? 0.4349 0.4763 0.5311 0.0779  0.0283  0.1530  4  DG A "C4'" 
61  O "O4'" . DG A 4  ? 0.4314 0.4470 0.5203 0.0926  0.0364  0.1461  4  DG A "O4'" 
62  C "C3'" . DG A 4  ? 0.4332 0.4722 0.5147 0.0734  0.0221  0.1436  4  DG A "C3'" 
63  O "O3'" . DG A 4  ? 0.4602 0.5121 0.5409 0.0663  0.0160  0.1533  4  DG A "O3'" 
64  C "C2'" . DG A 4  ? 0.4243 0.4341 0.4933 0.0926  0.0260  0.1425  4  DG A "C2'" 
65  C "C1'" . DG A 4  ? 0.4205 0.4164 0.4924 0.1016  0.0343  0.1379  4  DG A "C1'" 
66  N N9    . DG A 4  ? 0.4065 0.3966 0.4701 0.0985  0.0340  0.1175  4  DG A N9    
67  C C8    . DG A 4  ? 0.3863 0.3918 0.4539 0.0850  0.0334  0.1082  4  DG A C8    
68  N N7    . DG A 4  ? 0.3790 0.3740 0.4339 0.0864  0.0327  0.0896  4  DG A N7    
69  C C5    . DG A 4  ? 0.3913 0.3624 0.4351 0.1018  0.0329  0.0857  4  DG A C5    
70  C C6    . DG A 4  ? 0.3987 0.3494 0.4273 0.1110  0.0315  0.0665  4  DG A C6    
71  O O6    . DG A 4  ? 0.4049 0.3557 0.4255 0.1072  0.0302  0.0489  4  DG A O6    
72  N N1    . DG A 4  ? 0.4207 0.3488 0.4427 0.1269  0.0307  0.0690  4  DG A N1    
73  C C2    . DG A 4  ? 0.4212 0.3476 0.4474 0.1310  0.0309  0.0875  4  DG A C2    
74  N N2    . DG A 4  ? 0.4454 0.3576 0.4608 0.1304  0.0245  0.0778  4  DG A N2    
75  N N3    . DG A 4  ? 0.4202 0.3651 0.4595 0.1248  0.0330  0.1069  4  DG A N3    
76  C C4    . DG A 4  ? 0.3977 0.3647 0.4461 0.1094  0.0337  0.1035  4  DG A C4    
77  P P     . DG A 5  ? 0.4697 0.5260 0.5377 0.0548  0.0096  0.1442  5  DG A P     
78  O OP1   . DG A 5  ? 0.4719 0.5375 0.5379 0.0504  0.0050  0.1568  5  DG A OP1   
79  O OP2   . DG A 5  ? 0.4838 0.5492 0.5527 0.0419  0.0081  0.1283  5  DG A OP2   
80  O "O5'" . DG A 5  ? 0.4622 0.4953 0.5164 0.0679  0.0111  0.1393  5  DG A "O5'" 
81  C "C5'" . DG A 5  ? 0.4633 0.4821 0.5099 0.0816  0.0114  0.1529  5  DG A "C5'" 
82  C "C4'" . DG A 5  ? 0.4716 0.4676 0.5052 0.0929  0.0112  0.1456  5  DG A "C4'" 
83  O "O4'" . DG A 5  ? 0.4739 0.4517 0.5091 0.1060  0.0160  0.1372  5  DG A "O4'" 
84  C "C3'" . DG A 5  ? 0.4640 0.4648 0.4918 0.0808  0.0076  0.1296  5  DG A "C3'" 
85  O "O3'" . DG A 5  ? 0.4689 0.4749 0.4866 0.0728  0.0036  0.1367  5  DG A "O3'" 
86  C "C2'" . DG A 5  ? 0.4568 0.4328 0.4779 0.0964  0.0083  0.1203  5  DG A "C2'" 
87  C "C1'" . DG A 5  ? 0.4517 0.4173 0.4788 0.1083  0.0136  0.1203  5  DG A "C1'" 
88  N N9    . DG A 5  ? 0.4195 0.3926 0.4517 0.1006  0.0150  0.1023  5  DG A N9    
89  C C8    . DG A 5  ? 0.3977 0.3913 0.4393 0.0874  0.0163  0.1012  5  DG A C8    
90  N N7    . DG A 5  ? 0.3937 0.3883 0.4341 0.0835  0.0165  0.0836  5  DG A N7    
91  C C5    . DG A 5  ? 0.3921 0.3662 0.4231 0.0951  0.0153  0.0710  5  DG A C5    
92  C C6    . DG A 5  ? 0.3803 0.3457 0.4049 0.0980  0.0143  0.0487  5  DG A C6    
93  O O6    . DG A 5  ? 0.3748 0.3489 0.3986 0.0907  0.0146  0.0366  5  DG A O6    
94  N N1    . DG A 5  ? 0.3869 0.3305 0.4045 0.1117  0.0119  0.0406  5  DG A N1    
95  C C2    . DG A 5  ? 0.3886 0.3194 0.4039 0.1213  0.0105  0.0537  5  DG A C2    
96  N N2    . DG A 5  ? 0.4007 0.3091 0.4090 0.1346  0.0071  0.0427  5  DG A N2    
97  N N3    . DG A 5  ? 0.3935 0.3316 0.4116 0.1188  0.0117  0.0755  5  DG A N3    
98  C C4    . DG A 5  ? 0.3970 0.3573 0.4236 0.1055  0.0142  0.0823  5  DG A C4    
99  P P     . DG A 6  ? 0.4631 0.4853 0.4786 0.0518  0.0014  0.1252  6  DG A P     
100 O OP1   . DG A 6  ? 0.5145 0.5343 0.5147 0.0482  -0.0013 0.1345  6  DG A OP1   
101 O OP2   . DG A 6  ? 0.4658 0.5067 0.4925 0.0392  0.0016  0.1207  6  DG A OP2   
102 O "O5'" . DG A 6  ? 0.4490 0.4629 0.4636 0.0518  0.0020  0.1056  6  DG A "O5'" 
103 C "C5'" . DG A 6  ? 0.4216 0.4165 0.4270 0.0631  0.0007  0.1053  6  DG A "C5'" 
104 C "C4'" . DG A 6  ? 0.3890 0.3767 0.3988 0.0658  0.0008  0.0846  6  DG A "C4'" 
105 O "O4'" . DG A 6  ? 0.3606 0.3415 0.3771 0.0772  0.0026  0.0796  6  DG A "O4'" 
106 C "C3'" . DG A 6  ? 0.3723 0.3777 0.3875 0.0471  0.0015  0.0676  6  DG A "C3'" 
107 O "O3'" . DG A 6  ? 0.3589 0.3645 0.3670 0.0377  0.0011  0.0656  6  DG A "O3'" 
108 C "C2'" . DG A 6  ? 0.3430 0.3398 0.3640 0.0562  0.0011  0.0485  6  DG A "C2'" 
109 C "C1'" . DG A 6  ? 0.3461 0.3313 0.3675 0.0721  0.0023  0.0573  6  DG A "C1'" 
110 N N9    . DG A 6  ? 0.3198 0.3194 0.3474 0.0644  0.0043  0.0537  6  DG A N9    
111 C C8    . DG A 6  ? 0.3235 0.3367 0.3551 0.0574  0.0057  0.0674  6  DG A C8    
112 N N7    . DG A 6  ? 0.3296 0.3529 0.3656 0.0513  0.0067  0.0594  6  DG A N7    
113 C C5    . DG A 6  ? 0.3243 0.3400 0.3572 0.0551  0.0059  0.0387  6  DG A C5    
114 C C6    . DG A 6  ? 0.3316 0.3511 0.3630 0.0527  0.0057  0.0220  6  DG A C6    
115 O O6    . DG A 6  ? 0.3624 0.3930 0.3949 0.0455  0.0063  0.0230  6  DG A O6    
116 N N1    . DG A 6  ? 0.3146 0.3234 0.3419 0.0594  0.0039  0.0019  6  DG A N1    
117 C C2    . DG A 6  ? 0.3050 0.3008 0.3323 0.0677  0.0023  -0.0012 6  DG A C2    
118 N N2    . DG A 6  ? 0.3153 0.3020 0.3407 0.0743  -0.0004 -0.0231 6  DG A N2    
119 N N3    . DG A 6  ? 0.2984 0.2896 0.3261 0.0698  0.0024  0.0157  6  DG A N3    
120 C C4    . DG A 6  ? 0.3081 0.3099 0.3375 0.0633  0.0044  0.0347  6  DG A C4    
121 P P     . DT A 7  ? 0.3767 0.3999 0.3860 0.0152  0.0035  0.0546  7  DT A P     
122 O OP1   . DT A 7  ? 0.4345 0.4509 0.4317 0.0092  0.0042  0.0578  7  DT A OP1   
123 O OP2   . DT A 7  ? 0.3632 0.4009 0.3748 0.0065  0.0039  0.0614  7  DT A OP2   
124 O "O5'" . DT A 7  ? 0.3674 0.3947 0.3881 0.0135  0.0042  0.0307  7  DT A "O5'" 
125 C "C5'" . DT A 7  ? 0.3735 0.3893 0.3963 0.0205  0.0030  0.0184  7  DT A "C5'" 
126 C "C4'" . DT A 7  ? 0.3587 0.3798 0.3925 0.0210  0.0025  -0.0042 7  DT A "C4'" 
127 O "O4'" . DT A 7  ? 0.3562 0.3732 0.3906 0.0330  0.0010  -0.0032 7  DT A "O4'" 
128 C "C3'" . DT A 7  ? 0.3817 0.4236 0.4199 0.0014  0.0059  -0.0146 7  DT A "C3'" 
129 O "O3'" . DT A 7  ? 0.4261 0.4709 0.4669 -0.0094 0.0087  -0.0244 7  DT A "O3'" 
130 C "C2'" . DT A 7  ? 0.3677 0.4124 0.4121 0.0080  0.0038  -0.0319 7  DT A "C2'" 
131 C "C1'" . DT A 7  ? 0.3567 0.3870 0.3964 0.0257  0.0013  -0.0204 7  DT A "C1'" 
132 N N1    . DT A 7  ? 0.3379 0.3785 0.3753 0.0206  0.0024  -0.0102 7  DT A N1    
133 C C2    . DT A 7  ? 0.3510 0.3981 0.3888 0.0199  0.0015  -0.0232 7  DT A C2    
134 O O2    . DT A 7  ? 0.3463 0.3917 0.3854 0.0231  0.0000  -0.0434 7  DT A O2    
135 N N3    . DT A 7  ? 0.3219 0.3775 0.3575 0.0149  0.0019  -0.0128 7  DT A N3    
136 C C4    . DT A 7  ? 0.3106 0.3700 0.3463 0.0110  0.0027  0.0078  7  DT A C4    
137 O O4    . DT A 7  ? 0.2984 0.3657 0.3344 0.0070  0.0023  0.0149  7  DT A O4    
138 C C5    . DT A 7  ? 0.3035 0.3562 0.3381 0.0125  0.0034  0.0203  7  DT A C5    
139 C C7    . DT A 7  ? 0.3200 0.3759 0.3530 0.0098  0.0034  0.0416  7  DT A C7    
140 C C6    . DT A 7  ? 0.3248 0.3685 0.3592 0.0166  0.0033  0.0112  7  DT A C6    
141 P P     . DA A 8  ? 0.4657 0.5275 0.5073 -0.0316 0.0144  -0.0314 8  DA A P     
142 O OP1   . DA A 8  ? 0.4659 0.5245 0.5102 -0.0386 0.0181  -0.0403 8  DA A OP1   
143 O OP2   . DA A 8  ? 0.4809 0.5474 0.5126 -0.0389 0.0152  -0.0142 8  DA A OP2   
144 O "O5'" . DA A 8  ? 0.4202 0.4941 0.4709 -0.0319 0.0131  -0.0496 8  DA A "O5'" 
145 C "C5'" . DA A 8  ? 0.4129 0.4874 0.4744 -0.0272 0.0118  -0.0715 8  DA A "C5'" 
146 C "C4'" . DA A 8  ? 0.4130 0.4997 0.4767 -0.0290 0.0104  -0.0856 8  DA A "C4'" 
147 O "O4'" . DA A 8  ? 0.4051 0.4861 0.4610 -0.0175 0.0062  -0.0759 8  DA A "O4'" 
148 C "C3'" . DA A 8  ? 0.4118 0.5143 0.4727 -0.0484 0.0151  -0.0845 8  DA A "C3'" 
149 O "O3'" . DA A 8  ? 0.4182 0.5306 0.4886 -0.0573 0.0187  -0.1043 8  DA A "O3'" 
150 C "C2'" . DA A 8  ? 0.4062 0.5140 0.4605 -0.0448 0.0110  -0.0835 8  DA A "C2'" 
151 C "C1'" . DA A 8  ? 0.4019 0.4961 0.4533 -0.0265 0.0063  -0.0767 8  DA A "C1'" 
152 N N9    . DA A 8  ? 0.3577 0.4509 0.4016 -0.0273 0.0057  -0.0550 8  DA A N9    
153 C C8    . DA A 8  ? 0.3502 0.4378 0.3915 -0.0285 0.0072  -0.0353 8  DA A C8    
154 N N7    . DA A 8  ? 0.3369 0.4267 0.3739 -0.0287 0.0056  -0.0199 8  DA A N7    
155 C C5    . DA A 8  ? 0.3242 0.4206 0.3598 -0.0283 0.0033  -0.0296 8  DA A C5    
156 C C6    . DA A 8  ? 0.3095 0.4104 0.3409 -0.0288 0.0008  -0.0221 8  DA A C6    
157 N N6    . DA A 8  ? 0.2892 0.3901 0.3207 -0.0295 0.0001  -0.0029 8  DA A N6    
158 N N1    . DA A 8  ? 0.3162 0.4215 0.3428 -0.0282 -0.0015 -0.0352 8  DA A N1    
159 C C2    . DA A 8  ? 0.3416 0.4475 0.3683 -0.0265 -0.0015 -0.0558 8  DA A C2    
160 N N3    . DA A 8  ? 0.3484 0.4519 0.3823 -0.0259 0.0006  -0.0658 8  DA A N3    
161 C C4    . DA A 8  ? 0.3497 0.4479 0.3876 -0.0271 0.0032  -0.0511 8  DA A C4    
162 P P     . DC A 9  ? 0.4762 0.6008 0.5440 -0.0778 0.0259  -0.1050 9  DC A P     
163 O OP1   . DC A 9  ? 0.5019 0.6354 0.5833 -0.0837 0.0299  -0.1275 9  DC A OP1   
164 O OP2   . DC A 9  ? 0.5118 0.6279 0.5681 -0.0848 0.0292  -0.0830 9  DC A OP2   
165 O "O5'" . DC A 9  ? 0.4097 0.5421 0.4675 -0.0787 0.0219  -0.1011 9  DC A "O5'" 
166 C "C5'" . DC A 9  ? 0.3643 0.5052 0.4240 -0.0741 0.0180  -0.1185 9  DC A "C5'" 
167 C "C4'" . DC A 9  ? 0.3513 0.4947 0.3974 -0.0726 0.0129  -0.1091 9  DC A "C4'" 
168 O "O4'" . DC A 9  ? 0.3549 0.4880 0.3966 -0.0638 0.0098  -0.0913 9  DC A "O4'" 
169 C "C3'" . DC A 9  ? 0.3774 0.5260 0.4144 -0.0876 0.0158  -0.0980 9  DC A "C3'" 
170 O "O3'" . DC A 9  ? 0.3633 0.5226 0.3999 -0.0949 0.0175  -0.1132 9  DC A "O3'" 
171 C "C2'" . DC A 9  ? 0.3709 0.5174 0.3968 -0.0819 0.0090  -0.0840 9  DC A "C2'" 
172 C "C1'" . DC A 9  ? 0.3522 0.4887 0.3829 -0.0673 0.0066  -0.0794 9  DC A "C1'" 
173 N N1    . DC A 9  ? 0.3349 0.4645 0.3633 -0.0676 0.0066  -0.0568 9  DC A N1    
174 C C2    . DC A 9  ? 0.3139 0.4443 0.3354 -0.0657 0.0019  -0.0445 9  DC A C2    
175 O O2    . DC A 9  ? 0.3281 0.4632 0.3433 -0.0639 -0.0018 -0.0527 9  DC A O2    
176 N N3    . DC A 9  ? 0.3027 0.4284 0.3241 -0.0654 0.0013  -0.0253 9  DC A N3    
177 C C4    . DC A 9  ? 0.3131 0.4323 0.3372 -0.0667 0.0049  -0.0176 9  DC A C4    
178 N N4    . DC A 9  ? 0.3176 0.4327 0.3401 -0.0654 0.0033  0.0006  9  DC A N4    
179 C C5    . DC A 9  ? 0.3391 0.4561 0.3672 -0.0694 0.0098  -0.0291 9  DC A C5    
180 C C6    . DC A 9  ? 0.3369 0.4597 0.3688 -0.0700 0.0107  -0.0486 9  DC A C6    
181 P P     . DC A 10 ? 0.3962 0.5575 0.4246 -0.1113 0.0231  -0.1058 10 DC A P     
182 O OP1   . DC A 10 ? 0.4493 0.6216 0.4822 -0.1162 0.0263  -0.1259 10 DC A OP1   
183 O OP2   . DC A 10 ? 0.4218 0.5719 0.4487 -0.1188 0.0292  -0.0906 10 DC A OP2   
184 O "O5'" . DC A 10 ? 0.3540 0.5145 0.3659 -0.1100 0.0154  -0.0915 10 DC A "O5'" 
185 C "C5'" . DC A 10 ? 0.3287 0.4969 0.3325 -0.1049 0.0088  -0.1014 10 DC A "C5'" 
186 C "C4'" . DC A 10 ? 0.3239 0.4892 0.3118 -0.1063 0.0022  -0.0842 10 DC A "C4'" 
187 O "O4'" . DC A 10 ? 0.3227 0.4821 0.3125 -0.0973 -0.0020 -0.0726 10 DC A "O4'" 
188 C "C3'" . DC A 10 ? 0.3365 0.4944 0.3183 -0.1178 0.0055  -0.0682 10 DC A "C3'" 
189 O "O3'" . DC A 10 ? 0.3802 0.5406 0.3536 -0.1270 0.0086  -0.0745 10 DC A "O3'" 
190 C "C2'" . DC A 10 ? 0.3292 0.4830 0.3011 -0.1143 -0.0033 -0.0510 10 DC A "C2'" 
191 C "C1'" . DC A 10 ? 0.3081 0.4626 0.2899 -0.1022 -0.0055 -0.0524 10 DC A "C1'" 
192 N N1    . DC A 10 ? 0.3167 0.4635 0.3072 -0.1010 -0.0028 -0.0388 10 DC A N1    
193 C C2    . DC A 10 ? 0.3323 0.4747 0.3196 -0.1006 -0.0076 -0.0204 10 DC A C2    
194 O O2    . DC A 10 ? 0.3291 0.4737 0.3072 -0.1017 -0.0141 -0.0157 10 DC A O2    
195 N N3    . DC A 10 ? 0.3319 0.4677 0.3258 -0.0986 -0.0058 -0.0088 10 DC A N3    
196 C C4    . DC A 10 ? 0.3365 0.4688 0.3374 -0.0972 0.0006  -0.0140 10 DC A C4    
197 N N4    . DC A 10 ? 0.3412 0.4663 0.3448 -0.0948 0.0017  -0.0017 10 DC A N4    
198 C C5    . DC A 10 ? 0.3227 0.4589 0.3279 -0.0983 0.0056  -0.0323 10 DC A C5    
199 C C6    . DC A 10 ? 0.3211 0.4651 0.3221 -0.1001 0.0038  -0.0447 10 DC A C6    
200 P P     . DC A 11 ? 0.4039 0.5513 0.3714 -0.1391 0.0164  -0.0642 11 DC A P     
201 O OP1   . DC A 11 ? 0.4468 0.5965 0.4056 -0.1461 0.0199  -0.0725 11 DC A OP1   
202 O OP2   . DC A 11 ? 0.4227 0.5648 0.4026 -0.1415 0.0253  -0.0658 11 DC A OP2   
203 O "O5'" . DC A 11 ? 0.3795 0.5159 0.3344 -0.1379 0.0082  -0.0424 11 DC A "O5'" 
204 C "C5'" . DC A 11 ? 0.3839 0.5035 0.3321 -0.1435 0.0115  -0.0289 11 DC A "C5'" 
205 C "C4'" . DC A 11 ? 0.3878 0.5018 0.3282 -0.1394 0.0005  -0.0117 11 DC A "C4'" 
206 O "O4'" . DC A 11 ? 0.3719 0.4966 0.3245 -0.1301 -0.0046 -0.0110 11 DC A "O4'" 
207 C "C3'" . DC A 11 ? 0.4217 0.5172 0.3553 -0.1419 0.0009  0.0026  11 DC A "C3'" 
208 O "O3'" . DC A 11 ? 0.4746 0.5539 0.3904 -0.1481 0.0016  0.0071  11 DC A "O3'" 
209 C "C2'" . DC A 11 ? 0.3938 0.4937 0.3309 -0.1344 -0.0106 0.0150  11 DC A "C2'" 
210 C "C1'" . DC A 11 ? 0.3667 0.4838 0.3195 -0.1274 -0.0099 0.0056  11 DC A "C1'" 
211 N N1    . DC A 11 ? 0.3412 0.4561 0.3053 -0.1240 -0.0046 0.0068  11 DC A N1    
212 C C2    . DC A 11 ? 0.3460 0.4553 0.3120 -0.1201 -0.0092 0.0214  11 DC A C2    
213 O O2    . DC A 11 ? 0.3483 0.4561 0.3101 -0.1194 -0.0177 0.0317  11 DC A O2    
214 N N3    . DC A 11 ? 0.3323 0.4383 0.3050 -0.1167 -0.0049 0.0237  11 DC A N3    
215 C C4    . DC A 11 ? 0.3459 0.4525 0.3227 -0.1177 0.0034  0.0125  11 DC A C4    
216 N N4    . DC A 11 ? 0.3540 0.4558 0.3347 -0.1137 0.0066  0.0162  11 DC A N4    
217 C C5    . DC A 11 ? 0.3490 0.4618 0.3266 -0.1224 0.0082  -0.0032 11 DC A C5    
218 C C6    . DC A 11 ? 0.3500 0.4672 0.3211 -0.1252 0.0041  -0.0056 11 DC A C6    
219 P P     . DG A 12 ? 0.5137 0.5669 0.4167 -0.1536 0.0093  0.0125  12 DG A P     
220 O OP1   . DG A 12 ? 0.5533 0.5890 0.4365 -0.1586 0.0103  0.0145  12 DG A OP1   
221 O OP2   . DG A 12 ? 0.5018 0.5559 0.4136 -0.1569 0.0215  0.0030  12 DG A OP2   
222 O "O5'" . DG A 12 ? 0.5108 0.5553 0.4113 -0.1475 -0.0013 0.0284  12 DG A "O5'" 
223 C "C5'" . DG A 12 ? 0.5065 0.5507 0.4019 -0.1438 -0.0144 0.0385  12 DG A "C5'" 
224 C "C4'" . DG A 12 ? 0.5108 0.5532 0.4123 -0.1376 -0.0231 0.0504  12 DG A "C4'" 
225 O "O4'" . DG A 12 ? 0.4711 0.5351 0.3932 -0.1327 -0.0222 0.0472  12 DG A "O4'" 
226 C "C3'" . DG A 12 ? 0.5312 0.5518 0.4229 -0.1378 -0.0195 0.0548  12 DG A "C3'" 
227 O "O3'" . DG A 12 ? 0.5829 0.5763 0.4529 -0.1391 -0.0234 0.0609  12 DG A "O3'" 
228 C "C2'" . DG A 12 ? 0.4964 0.5287 0.4033 -0.1304 -0.0277 0.0631  12 DG A "C2'" 
229 C "C1'" . DG A 12 ? 0.4613 0.5198 0.3876 -0.1285 -0.0239 0.0553  12 DG A "C1'" 
230 N N9    . DG A 12 ? 0.4306 0.4905 0.3618 -0.1290 -0.0133 0.0484  12 DG A N9    
231 C C8    . DG A 12 ? 0.4169 0.4782 0.3477 -0.1341 -0.0025 0.0357  12 DG A C8    
232 N N7    . DG A 12 ? 0.4315 0.4924 0.3668 -0.1330 0.0042  0.0328  12 DG A N7    
233 C C5    . DG A 12 ? 0.4202 0.4782 0.3569 -0.1264 -0.0023 0.0447  12 DG A C5    
234 C C6    . DG A 12 ? 0.4279 0.4832 0.3664 -0.1216 -0.0002 0.0485  12 DG A C6    
235 O O6    . DG A 12 ? 0.4423 0.4956 0.3805 -0.1225 0.0079  0.0424  12 DG A O6    
236 N N1    . DG A 12 ? 0.4140 0.4685 0.3540 -0.1150 -0.0091 0.0609  12 DG A N1    
237 C C2    . DG A 12 ? 0.4083 0.4645 0.3502 -0.1136 -0.0190 0.0682  12 DG A C2    
238 N N2    . DG A 12 ? 0.3978 0.4544 0.3443 -0.1070 -0.0269 0.0789  12 DG A N2    
239 N N3    . DG A 12 ? 0.4101 0.4676 0.3495 -0.1181 -0.0216 0.0652  12 DG A N3    
240 C C4    . DG A 12 ? 0.4211 0.4792 0.3568 -0.1241 -0.0128 0.0536  12 DG A C4    
241 P P     . DG A 13 ? 0.5956 0.5556 0.4432 -0.1411 -0.0162 0.0608  13 DG A P     
242 O OP1   . DG A 13 ? 0.6186 0.5517 0.4443 -0.1406 -0.0225 0.0664  13 DG A OP1   
243 O OP2   . DG A 13 ? 0.5935 0.5523 0.4394 -0.1477 0.0003  0.0493  13 DG A OP2   
244 O "O5'" . DG A 13 ? 0.5609 0.5197 0.4132 -0.1338 -0.0238 0.0686  13 DG A "O5'" 
245 C "C5'" . DG A 13 ? 0.5322 0.4909 0.3887 -0.1272 -0.0393 0.0790  13 DG A "C5'" 
246 C "C4'" . DG A 13 ? 0.5083 0.4765 0.3773 -0.1209 -0.0436 0.0837  13 DG A "C4'" 
247 O "O4'" . DG A 13 ? 0.4780 0.4748 0.3688 -0.1210 -0.0370 0.0798  13 DG A "O4'" 
248 C "C3'" . DG A 13 ? 0.5258 0.4695 0.3748 -0.1194 -0.0386 0.0823  13 DG A "C3'" 
249 O "O3'" . DG A 13 ? 0.5604 0.4738 0.3882 -0.1155 -0.0472 0.0864  13 DG A "O3'" 
250 C "C2'" . DG A 13 ? 0.4980 0.4641 0.3673 -0.1135 -0.0414 0.0864  13 DG A "C2'" 
251 C "C1'" . DG A 13 ? 0.4709 0.4662 0.3625 -0.1166 -0.0350 0.0819  13 DG A "C1'" 
252 N N9    . DG A 13 ? 0.4551 0.4489 0.3415 -0.1211 -0.0213 0.0732  13 DG A N9    
253 C C8    . DG A 13 ? 0.4525 0.4445 0.3341 -0.1289 -0.0111 0.0635  13 DG A C8    
254 N N7    . DG A 13 ? 0.4573 0.4479 0.3364 -0.1318 -0.0002 0.0567  13 DG A N7    
255 C C5    . DG A 13 ? 0.4412 0.4317 0.3208 -0.1251 -0.0037 0.0632  13 DG A C5    
256 C C6    . DG A 13 ? 0.4614 0.4496 0.3371 -0.1240 0.0033  0.0612  13 DG A C6    
257 O O6    . DG A 13 ? 0.4846 0.4703 0.3570 -0.1298 0.0144  0.0523  13 DG A O6    
258 N N1    . DG A 13 ? 0.4353 0.4232 0.3100 -0.1155 -0.0038 0.0706  13 DG A N1    
259 C C2    . DG A 13 ? 0.4346 0.4265 0.3158 -0.1090 -0.0162 0.0797  13 DG A C2    
260 N N2    . DG A 13 ? 0.4369 0.4299 0.3180 -0.1007 -0.0214 0.0874  13 DG A N2    
261 N N3    . DG A 13 ? 0.4284 0.4231 0.3157 -0.1103 -0.0230 0.0813  13 DG A N3    
262 C C4    . DG A 13 ? 0.4384 0.4314 0.3230 -0.1184 -0.0163 0.0731  13 DG A C4    
263 P P     . DG A 14 ? 0.6033 0.4751 0.3942 -0.1169 -0.0387 0.0807  14 DG A P     
264 O OP1   . DG A 14 ? 0.6435 0.4868 0.4172 -0.1097 -0.0522 0.0857  14 DG A OP1   
265 O OP2   . DG A 14 ? 0.6107 0.4761 0.3921 -0.1264 -0.0233 0.0723  14 DG A OP2   
266 O "O5'" . DG A 14 ? 0.6241 0.4981 0.4127 -0.1132 -0.0359 0.0801  14 DG A "O5'" 
267 C "C5'" . DG A 14 ? 0.6283 0.5122 0.4291 -0.1038 -0.0499 0.0876  14 DG A "C5'" 
268 C "C4'" . DG A 14 ? 0.6065 0.5037 0.4129 -0.1004 -0.0466 0.0884  14 DG A "C4'" 
269 O "O4'" . DG A 14 ? 0.5694 0.4922 0.3943 -0.1059 -0.0359 0.0856  14 DG A "O4'" 
270 C "C3'" . DG A 14 ? 0.6651 0.5306 0.4362 -0.0996 -0.0401 0.0834  14 DG A "C3'" 
271 O "O3'" . DG A 14 ? 0.7328 0.5748 0.4855 -0.0904 -0.0527 0.0856  14 DG A "O3'" 
272 C "C2'" . DG A 14 ? 0.6083 0.4964 0.3915 -0.0990 -0.0339 0.0844  14 DG A "C2'" 
273 C "C1'" . DG A 14 ? 0.5580 0.4778 0.3728 -0.1048 -0.0285 0.0838  14 DG A "C1'" 
274 N N9    . DG A 14 ? 0.5351 0.4496 0.3413 -0.1140 -0.0135 0.0748  14 DG A N9    
275 C C8    . DG A 14 ? 0.5283 0.4385 0.3334 -0.1225 -0.0066 0.0684  14 DG A C8    
276 N N7    . DG A 14 ? 0.5199 0.4281 0.3203 -0.1299 0.0072  0.0601  14 DG A N7    
277 C C5    . DG A 14 ? 0.5106 0.4201 0.3065 -0.1259 0.0089  0.0619  14 DG A C5    
278 C C6    . DG A 14 ? 0.5266 0.4336 0.3156 -0.1304 0.0206  0.0558  14 DG A C6    
279 O O6    . DG A 14 ? 0.5333 0.4378 0.3215 -0.1396 0.0328  0.0464  14 DG A O6    
280 N N1    . DG A 14 ? 0.5235 0.4308 0.3059 -0.1229 0.0167  0.0618  14 DG A N1    
281 C C2    . DG A 14 ? 0.5460 0.4571 0.3302 -0.1124 0.0037  0.0718  14 DG A C2    
282 N N2    . DG A 14 ? 0.5124 0.4234 0.2882 -0.1054 0.0017  0.0770  14 DG A N2    
283 N N3    . DG A 14 ? 0.5069 0.4210 0.2998 -0.1087 -0.0068 0.0763  14 DG A N3    
284 C C4    . DG A 14 ? 0.5121 0.4249 0.3103 -0.1159 -0.0038 0.0712  14 DG A C4    
285 O "O5'" . DC B 1  ? 0.4324 0.4969 0.3566 -0.1150 -0.0412 -0.0456 1  DC B "O5'" 
286 C "C5'" . DC B 1  ? 0.4278 0.4919 0.3588 -0.1008 -0.0390 -0.0231 1  DC B "C5'" 
287 C "C4'" . DC B 1  ? 0.4050 0.4747 0.3671 -0.1074 -0.0477 0.0037  1  DC B "C4'" 
288 O "O4'" . DC B 1  ? 0.4193 0.4788 0.3744 -0.1379 -0.0618 -0.0012 1  DC B "O4'" 
289 C "C3'" . DC B 1  ? 0.3703 0.4552 0.3617 -0.1010 -0.0446 0.0156  1  DC B "C3'" 
290 O "O3'" . DC B 1  ? 0.3590 0.4532 0.3652 -0.0745 -0.0338 0.0301  1  DC B "O3'" 
291 C "C2'" . DC B 1  ? 0.3624 0.4483 0.3729 -0.1195 -0.0561 0.0337  1  DC B "C2'" 
292 C "C1'" . DC B 1  ? 0.3934 0.4632 0.3783 -0.1470 -0.0670 0.0165  1  DC B "C1'" 
293 N N1    . DC B 1  ? 0.3970 0.4610 0.3788 -0.1564 -0.0645 -0.0003 1  DC B N1    
294 C C2    . DC B 1  ? 0.3705 0.4381 0.3733 -0.1591 -0.0643 0.0117  1  DC B C2    
295 O O2    . DC B 1  ? 0.3603 0.4394 0.3844 -0.1623 -0.0697 0.0357  1  DC B O2    
296 N N3    . DC B 1  ? 0.3798 0.4399 0.3820 -0.1550 -0.0575 -0.0020 1  DC B N3    
297 C C4    . DC B 1  ? 0.3907 0.4407 0.3787 -0.1471 -0.0521 -0.0229 1  DC B C4    
298 N N4    . DC B 1  ? 0.3960 0.4413 0.3909 -0.1422 -0.0479 -0.0307 1  DC B N4    
299 C C5    . DC B 1  ? 0.3827 0.4278 0.3503 -0.1420 -0.0507 -0.0343 1  DC B C5    
300 C C6    . DC B 1  ? 0.3948 0.4461 0.3562 -0.1472 -0.0560 -0.0250 1  DC B C6    
301 P P     . DC B 2  ? 0.3792 0.4854 0.4035 -0.0612 -0.0260 0.0348  2  DC B P     
302 O OP1   . DC B 2  ? 0.3792 0.4906 0.4109 -0.0358 -0.0144 0.0456  2  DC B OP1   
303 O OP2   . DC B 2  ? 0.4004 0.5046 0.4113 -0.0693 -0.0264 0.0116  2  DC B OP2   
304 O "O5'" . DC B 2  ? 0.3615 0.4756 0.4131 -0.0725 -0.0327 0.0548  2  DC B "O5'" 
305 C "C5'" . DC B 2  ? 0.3551 0.4739 0.4259 -0.0660 -0.0335 0.0774  2  DC B "C5'" 
306 C "C4'" . DC B 2  ? 0.3417 0.4684 0.4339 -0.0800 -0.0397 0.0918  2  DC B "C4'" 
307 O "O4'" . DC B 2  ? 0.3435 0.4640 0.4267 -0.1077 -0.0507 0.0831  2  DC B "O4'" 
308 C "C3'" . DC B 2  ? 0.3405 0.4763 0.4429 -0.0759 -0.0331 0.0927  2  DC B "C3'" 
309 O "O3'" . DC B 2  ? 0.3755 0.5185 0.4929 -0.0551 -0.0242 0.1069  2  DC B "O3'" 
310 C "C2'" . DC B 2  ? 0.3219 0.4627 0.4363 -0.0994 -0.0408 0.0999  2  DC B "C2'" 
311 C "C1'" . DC B 2  ? 0.3374 0.4670 0.4350 -0.1207 -0.0513 0.0873  2  DC B "C1'" 
312 N N1    . DC B 2  ? 0.3266 0.4518 0.4096 -0.1364 -0.0527 0.0643  2  DC B N1    
313 C C2    . DC B 2  ? 0.3059 0.4317 0.3950 -0.1494 -0.0526 0.0618  2  DC B C2    
314 O O2    . DC B 2  ? 0.3001 0.4296 0.4024 -0.1475 -0.0511 0.0783  2  DC B O2    
315 N N3    . DC B 2  ? 0.3458 0.4586 0.4185 -0.1506 -0.0496 0.0371  2  DC B N3    
316 C C4    . DC B 2  ? 0.3503 0.4575 0.4060 -0.1498 -0.0503 0.0175  2  DC B C4    
317 N N4    . DC B 2  ? 0.3613 0.4551 0.4064 -0.1461 -0.0465 -0.0044 2  DC B N4    
318 C C5    . DC B 2  ? 0.3474 0.4597 0.3954 -0.1448 -0.0526 0.0194  2  DC B C5    
319 C C6    . DC B 2  ? 0.3328 0.4485 0.3926 -0.1309 -0.0510 0.0425  2  DC B C6    
320 P P     . DC B 3  ? 0.3887 0.5353 0.5070 -0.0423 -0.0147 0.1042  3  DC B P     
321 O OP1   . DC B 3  ? 0.4064 0.5581 0.5389 -0.0253 -0.0070 0.1190  3  DC B OP1   
322 O OP2   . DC B 3  ? 0.3886 0.5280 0.4867 -0.0386 -0.0126 0.0835  3  DC B OP2   
323 O "O5'" . DC B 3  ? 0.3722 0.5254 0.5006 -0.0592 -0.0180 0.1086  3  DC B "O5'" 
324 C "C5'" . DC B 3  ? 0.3791 0.5419 0.5266 -0.0626 -0.0177 0.1273  3  DC B "C5'" 
325 C "C4'" . DC B 3  ? 0.3784 0.5473 0.5315 -0.0821 -0.0200 0.1286  3  DC B "C4'" 
326 O "O4'" . DC B 3  ? 0.3629 0.5270 0.5074 -0.1034 -0.0289 0.1164  3  DC B "O4'" 
327 C "C3'" . DC B 3  ? 0.3921 0.5613 0.5403 -0.0774 -0.0135 0.1216  3  DC B "C3'" 
328 O "O3'" . DC B 3  ? 0.4031 0.5779 0.5597 -0.0662 -0.0055 0.1347  3  DC B "O3'" 
329 C "C2'" . DC B 3  ? 0.3779 0.5518 0.5297 -0.1027 -0.0182 0.1179  3  DC B "C2'" 
330 C "C1'" . DC B 3  ? 0.3602 0.5282 0.5059 -0.1175 -0.0279 0.1098  3  DC B "C1'" 
331 N N1    . DC B 3  ? 0.3417 0.5010 0.4715 -0.1231 -0.0311 0.0858  3  DC B N1    
332 C C2    . DC B 3  ? 0.3333 0.4872 0.4583 -0.1346 -0.0309 0.0718  3  DC B C2    
333 O O2    . DC B 3  ? 0.3345 0.4854 0.4619 -0.1338 -0.0266 0.0775  3  DC B O2    
334 N N3    . DC B 3  ? 0.3332 0.4778 0.4450 -0.1386 -0.0334 0.0476  3  DC B N3    
335 C C4    . DC B 3  ? 0.3586 0.5039 0.4611 -0.1365 -0.0371 0.0378  3  DC B C4    
336 N N4    . DC B 3  ? 0.3727 0.5082 0.4602 -0.1398 -0.0390 0.0112  3  DC B N4    
337 C C5    . DC B 3  ? 0.3627 0.5050 0.4612 -0.1173 -0.0347 0.0499  3  DC B C5    
338 C C6    . DC B 3  ? 0.3422 0.4917 0.4559 -0.1116 -0.0322 0.0735  3  DC B C6    
339 P P     . DG B 4  ? 0.4357 0.6071 0.5843 -0.0557 0.0021  0.1301  4  DG B P     
340 O OP1   . DG B 4  ? 0.4435 0.6196 0.5996 -0.0458 0.0099  0.1443  4  DG B OP1   
341 O OP2   . DG B 4  ? 0.4403 0.6006 0.5738 -0.0444 0.0014  0.1137  4  DG B OP2   
342 O "O5'" . DG B 4  ? 0.4056 0.5832 0.5577 -0.0754 0.0011  0.1286  4  DG B "O5'" 
343 C "C5'" . DG B 4  ? 0.3867 0.5764 0.5522 -0.0897 0.0027  0.1431  4  DG B "C5'" 
344 C "C4'" . DG B 4  ? 0.3730 0.5575 0.5306 -0.1019 0.0022  0.1320  4  DG B "C4'" 
345 O "O4'" . DG B 4  ? 0.3674 0.5416 0.5169 -0.1136 -0.0060 0.1145  4  DG B "O4'" 
346 C "C3'" . DG B 4  ? 0.3703 0.5578 0.5266 -0.0987 0.0080  0.1291  4  DG B "C3'" 
347 O "O3'" . DG B 4  ? 0.4066 0.5958 0.5606 -0.0900 0.0172  0.1399  4  DG B "O3'" 
348 C "C2'" . DG B 4  ? 0.3483 0.5237 0.4947 -0.1102 0.0038  0.1096  4  DG B "C2'" 
349 C "C1'" . DG B 4  ? 0.3497 0.5184 0.4932 -0.1178 -0.0046 0.0995  4  DG B "C1'" 
350 N N9    . DG B 4  ? 0.3286 0.5006 0.4738 -0.1204 -0.0098 0.0885  4  DG B N9    
351 C C8    . DG B 4  ? 0.3217 0.4927 0.4634 -0.1085 -0.0123 0.0884  4  DG B C8    
352 N N7    . DG B 4  ? 0.3143 0.4768 0.4447 -0.1051 -0.0162 0.0681  4  DG B N7    
353 C C5    . DG B 4  ? 0.3010 0.4662 0.4359 -0.1212 -0.0179 0.0568  4  DG B C5    
354 C C6    . DG B 4  ? 0.2929 0.4526 0.4217 -0.1258 -0.0224 0.0321  4  DG B C6    
355 O O6    . DG B 4  ? 0.3041 0.4555 0.4200 -0.1160 -0.0256 0.0152  4  DG B O6    
356 N N1    . DG B 4  ? 0.3031 0.4547 0.4344 -0.1318 -0.0200 0.0236  4  DG B N1    
357 C C2    . DG B 4  ? 0.2879 0.4354 0.4217 -0.1313 -0.0130 0.0356  4  DG B C2    
358 N N2    . DG B 4  ? 0.2945 0.4309 0.4297 -0.1312 -0.0099 0.0244  4  DG B N2    
359 N N3    . DG B 4  ? 0.3031 0.4567 0.4384 -0.1288 -0.0094 0.0560  4  DG B N3    
360 C C4    . DG B 4  ? 0.3068 0.4715 0.4461 -0.1261 -0.0127 0.0672  4  DG B C4    
361 P P     . DG B 5  ? 0.4291 0.6073 0.5685 -0.0736 0.0222  0.1343  5  DG B P     
362 O OP1   . DG B 5  ? 0.4583 0.6404 0.5961 -0.0692 0.0318  0.1482  5  DG B OP1   
363 O OP2   . DG B 5  ? 0.4495 0.6140 0.5782 -0.0561 0.0180  0.1231  5  DG B OP2   
364 O "O5'" . DG B 5  ? 0.4042 0.5825 0.5431 -0.0867 0.0207  0.1238  5  DG B "O5'" 
365 C "C5'" . DG B 5  ? 0.3881 0.5653 0.5247 -0.0972 0.0238  0.1226  5  DG B "C5'" 
366 C "C4'" . DG B 5  ? 0.3748 0.5463 0.5092 -0.1052 0.0218  0.1072  5  DG B "C4'" 
367 O "O4'" . DG B 5  ? 0.3677 0.5343 0.5053 -0.1139 0.0134  0.0909  5  DG B "O4'" 
368 C "C3'" . DG B 5  ? 0.3572 0.5301 0.4908 -0.0982 0.0221  0.1060  5  DG B "C3'" 
369 O "O3'" . DG B 5  ? 0.3617 0.5308 0.4845 -0.0912 0.0309  0.1151  5  DG B "O3'" 
370 C "C2'" . DG B 5  ? 0.3344 0.5087 0.4764 -0.1128 0.0161  0.0889  5  DG B "C2'" 
371 C "C1'" . DG B 5  ? 0.3364 0.5042 0.4784 -0.1180 0.0098  0.0780  5  DG B "C1'" 
372 N N9    . DG B 5  ? 0.3051 0.4773 0.4508 -0.1155 0.0018  0.0711  5  DG B N9    
373 C C8    . DG B 5  ? 0.3103 0.4778 0.4486 -0.1007 0.0009  0.0769  5  DG B C8    
374 N N7    . DG B 5  ? 0.3018 0.4603 0.4318 -0.0913 -0.0054 0.0610  5  DG B N7    
375 C C5    . DG B 5  ? 0.2913 0.4481 0.4235 -0.0998 -0.0097 0.0424  5  DG B C5    
376 C C6    . DG B 5  ? 0.2939 0.4430 0.4195 -0.0957 -0.0169 0.0185  5  DG B C6    
377 O O6    . DG B 5  ? 0.3018 0.4443 0.4165 -0.0838 -0.0197 0.0102  5  DG B O6    
378 N N1    . DG B 5  ? 0.2926 0.4431 0.4261 -0.1075 -0.0201 0.0030  5  DG B N1    
379 C C2    . DG B 5  ? 0.2765 0.4353 0.4227 -0.1224 -0.0158 0.0109  5  DG B C2    
380 N N2    . DG B 5  ? 0.2748 0.4293 0.4271 -0.1287 -0.0191 -0.0073 5  DG B N2    
381 N N3    . DG B 5  ? 0.2853 0.4517 0.4355 -0.1267 -0.0079 0.0341  5  DG B N3    
382 C C4    . DG B 5  ? 0.2945 0.4593 0.4371 -0.1145 -0.0057 0.0482  5  DG B C4    
383 P P     . DG B 6  ? 0.3844 0.5321 0.4848 -0.0660 0.0304  0.1118  6  DG B P     
384 O OP1   . DG B 6  ? 0.4386 0.5826 0.5260 -0.0642 0.0400  0.1212  6  DG B OP1   
385 O OP2   . DG B 6  ? 0.4037 0.5461 0.5006 -0.0517 0.0279  0.1131  6  DG B OP2   
386 O "O5'" . DG B 6  ? 0.3755 0.5116 0.4729 -0.0617 0.0208  0.0918  6  DG B "O5'" 
387 C "C5'" . DG B 6  ? 0.3432 0.4819 0.4458 -0.0736 0.0209  0.0855  6  DG B "C5'" 
388 C "C4'" . DG B 6  ? 0.3048 0.4352 0.4102 -0.0703 0.0096  0.0636  6  DG B "C4'" 
389 O "O4'" . DG B 6  ? 0.2854 0.4254 0.4041 -0.0803 0.0040  0.0545  6  DG B "O4'" 
390 C "C3'" . DG B 6  ? 0.3184 0.4277 0.4050 -0.0458 0.0032  0.0556  6  DG B "C3'" 
391 O "O3'" . DG B 6  ? 0.3303 0.4251 0.4023 -0.0376 0.0042  0.0570  6  DG B "O3'" 
392 C "C2'" . DG B 6  ? 0.2888 0.3984 0.3848 -0.0480 -0.0075 0.0332  6  DG B "C2'" 
393 C "C1'" . DG B 6  ? 0.2734 0.4016 0.3862 -0.0676 -0.0057 0.0351  6  DG B "C1'" 
394 N N9    . DG B 6  ? 0.2565 0.3830 0.3637 -0.0582 -0.0073 0.0360  6  DG B N9    
395 C C8    . DG B 6  ? 0.2622 0.3927 0.3672 -0.0548 -0.0014 0.0531  6  DG B C8    
396 N N7    . DG B 6  ? 0.2679 0.3953 0.3681 -0.0454 -0.0044 0.0485  6  DG B N7    
397 C C5    . DG B 6  ? 0.2625 0.3837 0.3599 -0.0427 -0.0122 0.0265  6  DG B C5    
398 C C6    . DG B 6  ? 0.2636 0.3801 0.3537 -0.0340 -0.0170 0.0116  6  DG B C6    
399 O O6    . DG B 6  ? 0.3010 0.4175 0.3858 -0.0269 -0.0147 0.0162  6  DG B O6    
400 N N1    . DG B 6  ? 0.2409 0.3526 0.3302 -0.0337 -0.0243 -0.0114 6  DG B N1    
401 C C2    . DG B 6  ? 0.2408 0.3523 0.3381 -0.0414 -0.0276 -0.0190 6  DG B C2    
402 N N2    . DG B 6  ? 0.2532 0.3603 0.3513 -0.0399 -0.0357 -0.0437 6  DG B N2    
403 N N3    . DG B 6  ? 0.2355 0.3515 0.3401 -0.0503 -0.0225 -0.0039 6  DG B N3    
404 C C4    . DG B 6  ? 0.2478 0.3685 0.3508 -0.0503 -0.0148 0.0181  6  DG B C4    
405 P P     . DT B 7  ? 0.3610 0.4304 0.4071 -0.0135 0.0005  0.0566  7  DT B P     
406 O OP1   . DT B 7  ? 0.4026 0.4588 0.4334 -0.0117 0.0031  0.0608  7  DT B OP1   
407 O OP2   . DT B 7  ? 0.3533 0.4230 0.3934 -0.0058 0.0051  0.0668  7  DT B OP2   
408 O "O5'" . DT B 7  ? 0.3468 0.4068 0.3942 -0.0035 -0.0127 0.0352  7  DT B "O5'" 
409 C "C5'" . DT B 7  ? 0.3463 0.4030 0.4007 -0.0069 -0.0206 0.0196  7  DT B "C5'" 
410 C "C4'" . DT B 7  ? 0.3467 0.3985 0.4042 0.0023  -0.0322 -0.0015 7  DT B "C4'" 
411 O "O4'" . DT B 7  ? 0.3470 0.4162 0.4182 -0.0077 -0.0305 -0.0057 7  DT B "O4'" 
412 C "C3'" . DT B 7  ? 0.3878 0.4199 0.4236 0.0246  -0.0363 -0.0016 7  DT B "C3'" 
413 O "O3'" . DT B 7  ? 0.4308 0.4421 0.4530 0.0359  -0.0441 -0.0067 7  DT B "O3'" 
414 C "C2'" . DT B 7  ? 0.3832 0.4217 0.4269 0.0274  -0.0428 -0.0201 7  DT B "C2'" 
415 C "C1'" . DT B 7  ? 0.3530 0.4145 0.4157 0.0073  -0.0367 -0.0180 7  DT B "C1'" 
416 N N1    . DT B 7  ? 0.3368 0.4041 0.3952 0.0097  -0.0296 -0.0059 7  DT B N1    
417 C C2    . DT B 7  ? 0.3424 0.4100 0.3973 0.0171  -0.0327 -0.0181 7  DT B C2    
418 O O2    . DT B 7  ? 0.3514 0.4150 0.4060 0.0218  -0.0408 -0.0391 7  DT B O2    
419 N N3    . DT B 7  ? 0.3123 0.3851 0.3643 0.0191  -0.0257 -0.0062 7  DT B N3    
420 C C4    . DT B 7  ? 0.2983 0.3761 0.3519 0.0149  -0.0172 0.0156  7  DT B C4    
421 O O4    . DT B 7  ? 0.2904 0.3731 0.3437 0.0171  -0.0120 0.0242  7  DT B O4    
422 C C5    . DT B 7  ? 0.3011 0.3786 0.3572 0.0077  -0.0141 0.0268  7  DT B C5    
423 C C7    . DT B 7  ? 0.3191 0.4032 0.3768 0.0024  -0.0045 0.0483  7  DT B C7    
424 C C6    . DT B 7  ? 0.3270 0.3991 0.3843 0.0054  -0.0200 0.0162  7  DT B C6    
425 P P     . DA B 8  ? 0.4935 0.4789 0.4876 0.0561  -0.0469 -0.0010 8  DA B P     
426 O OP1   . DA B 8  ? 0.5020 0.4667 0.4840 0.0621  -0.0552 -0.0051 8  DA B OP1   
427 O OP2   . DA B 8  ? 0.4955 0.4840 0.4811 0.0551  -0.0350 0.0178  8  DA B OP2   
428 O "O5'" . DA B 8  ? 0.4721 0.4572 0.4673 0.0674  -0.0542 -0.0169 8  DA B "O5'" 
429 C "C5'" . DA B 8  ? 0.4647 0.4481 0.4683 0.0715  -0.0664 -0.0395 8  DA B "C5'" 
430 C "C4'" . DA B 8  ? 0.4681 0.4542 0.4694 0.0813  -0.0686 -0.0514 8  DA B "C4'" 
431 O "O4'" . DA B 8  ? 0.4477 0.4557 0.4614 0.0695  -0.0592 -0.0485 8  DA B "O4'" 
432 C "C3'" . DA B 8  ? 0.4914 0.4595 0.4693 0.0972  -0.0670 -0.0413 8  DA B "C3'" 
433 O "O3'" . DA B 8  ? 0.5082 0.4584 0.4755 0.1117  -0.0795 -0.0553 8  DA B "O3'" 
434 C "C2'" . DA B 8  ? 0.4839 0.4672 0.4654 0.0971  -0.0588 -0.0418 8  DA B "C2'" 
435 C "C1'" . DA B 8  ? 0.4539 0.4607 0.4566 0.0795  -0.0546 -0.0453 8  DA B "C1'" 
436 N N9    . DA B 8  ? 0.3937 0.4107 0.3984 0.0720  -0.0424 -0.0255 8  DA B N9    
437 C C8    . DA B 8  ? 0.3844 0.4032 0.3911 0.0634  -0.0357 -0.0067 8  DA B C8    
438 N N7    . DA B 8  ? 0.3604 0.3894 0.3700 0.0593  -0.0260 0.0072  8  DA B N7    
439 C C5    . DA B 8  ? 0.3463 0.3795 0.3548 0.0656  -0.0259 -0.0023 8  DA B C5    
440 C C6    . DA B 8  ? 0.3320 0.3748 0.3426 0.0656  -0.0181 0.0044  8  DA B C6    
441 N N6    . DA B 8  ? 0.3205 0.3712 0.3374 0.0588  -0.0100 0.0220  8  DA B N6    
442 N N1    . DA B 8  ? 0.3420 0.3866 0.3480 0.0726  -0.0188 -0.0085 8  DA B N1    
443 C C2    . DA B 8  ? 0.3548 0.3924 0.3549 0.0796  -0.0272 -0.0278 8  DA B C2    
444 N N3    . DA B 8  ? 0.3747 0.4028 0.3745 0.0812  -0.0365 -0.0365 8  DA B N3    
445 C C4    . DA B 8  ? 0.3822 0.4083 0.3863 0.0735  -0.0352 -0.0224 8  DA B C4    
446 P P     . DC B 9  ? 0.5957 0.5198 0.5356 0.1266  -0.0811 -0.0454 9  DC B P     
447 O OP1   . DC B 9  ? 0.6246 0.5320 0.5579 0.1395  -0.0968 -0.0623 9  DC B OP1   
448 O OP2   . DC B 9  ? 0.6278 0.5446 0.5573 0.1198  -0.0720 -0.0230 9  DC B OP2   
449 O "O5'" . DC B 9  ? 0.5437 0.4790 0.4814 0.1296  -0.0703 -0.0416 9  DC B "O5'" 
450 C "C5'" . DC B 9  ? 0.4983 0.4418 0.4396 0.1364  -0.0731 -0.0590 9  DC B "C5'" 
451 C "C4'" . DC B 9  ? 0.4640 0.4224 0.4059 0.1345  -0.0593 -0.0517 9  DC B "C4'" 
452 O "O4'" . DC B 9  ? 0.4505 0.4253 0.4061 0.1203  -0.0504 -0.0402 9  DC B "O4'" 
453 C "C3'" . DC B 9  ? 0.4904 0.4355 0.4151 0.1406  -0.0517 -0.0349 9  DC B "C3'" 
454 O "O3'" . DC B 9  ? 0.5023 0.4369 0.4143 0.1531  -0.0562 -0.0447 9  DC B "O3'" 
455 C "C2'" . DC B 9  ? 0.4718 0.4375 0.4062 0.1335  -0.0370 -0.0263 9  DC B "C2'" 
456 C "C1'" . DC B 9  ? 0.4353 0.4177 0.3884 0.1204  -0.0378 -0.0286 9  DC B "C1'" 
457 N N1    . DC B 9  ? 0.4089 0.3966 0.3680 0.1101  -0.0291 -0.0086 9  DC B N1    
458 C C2    . DC B 9  ? 0.3702 0.3722 0.3359 0.1061  -0.0179 0.0002  9  DC B C2    
459 O O2    . DC B 9  ? 0.3673 0.3763 0.3319 0.1109  -0.0151 -0.0086 9  DC B O2    
460 N N3    . DC B 9  ? 0.3644 0.3723 0.3372 0.0973  -0.0106 0.0171  9  DC B N3    
461 C C4    . DC B 9  ? 0.3823 0.3828 0.3535 0.0921  -0.0126 0.0252  9  DC B C4    
462 N N4    . DC B 9  ? 0.3848 0.3927 0.3628 0.0835  -0.0044 0.0408  9  DC B N4    
463 C C5    . DC B 9  ? 0.4114 0.3960 0.3733 0.0958  -0.0230 0.0171  9  DC B C5    
464 C C6    . DC B 9  ? 0.4092 0.3876 0.3663 0.1051  -0.0317 0.0005  9  DC B C6    
465 P P     . DC B 10 ? 0.5376 0.4510 0.4284 0.1594  -0.0525 -0.0310 10 DC B P     
466 O OP1   . DC B 10 ? 0.5768 0.4843 0.4592 0.1717  -0.0602 -0.0473 10 DC B OP1   
467 O OP2   . DC B 10 ? 0.5671 0.4608 0.4470 0.1542  -0.0536 -0.0148 10 DC B OP2   
468 O "O5'" . DC B 10 ? 0.4868 0.4170 0.3822 0.1550  -0.0345 -0.0200 10 DC B "O5'" 
469 C "C5'" . DC B 10 ? 0.4546 0.3988 0.3514 0.1605  -0.0287 -0.0307 10 DC B "C5'" 
470 C "C4'" . DC B 10 ? 0.4247 0.3801 0.3241 0.1560  -0.0114 -0.0167 10 DC B "C4'" 
471 O "O4'" . DC B 10 ? 0.4005 0.3744 0.3173 0.1460  -0.0062 -0.0119 10 DC B "O4'" 
472 C "C3'" . DC B 10 ? 0.4418 0.3811 0.3321 0.1525  -0.0055 0.0021  10 DC B "C3'" 
473 O "O3'" . DC B 10 ? 0.4934 0.4164 0.3662 0.1594  -0.0056 0.0012  10 DC B "O3'" 
474 C "C2'" . DC B 10 ? 0.4236 0.3823 0.3274 0.1453  0.0104  0.0130  10 DC B "C2'" 
475 C "C1'" . DC B 10 ? 0.3940 0.3707 0.3139 0.1404  0.0069  0.0065  10 DC B "C1'" 
476 N N1    . DC B 10 ? 0.4048 0.3802 0.3327 0.1311  0.0052  0.0181  10 DC B N1    
477 C C2    . DC B 10 ? 0.4121 0.3982 0.3513 0.1233  0.0162  0.0323  10 DC B C2    
478 O O2    . DC B 10 ? 0.3950 0.3915 0.3386 0.1243  0.0271  0.0353  10 DC B O2    
479 N N3    . DC B 10 ? 0.4151 0.4012 0.3609 0.1149  0.0153  0.0419  10 DC B N3    
480 C C4    . DC B 10 ? 0.4045 0.3799 0.3448 0.1136  0.0051  0.0387  10 DC B C4    
481 N N4    . DC B 10 ? 0.3947 0.3717 0.3402 0.1047  0.0066  0.0486  10 DC B N4    
482 C C5    . DC B 10 ? 0.3994 0.3626 0.3289 0.1214  -0.0066 0.0247  10 DC B C5    
483 C C6    . DC B 10 ? 0.4058 0.3694 0.3300 0.1301  -0.0068 0.0146  10 DC B C6    
484 P P     . DC B 11 ? 0.5213 0.4172 0.3774 0.1546  -0.0057 0.0157  11 DC B P     
485 O OP1   . DC B 11 ? 0.5495 0.4309 0.3888 0.1611  -0.0072 0.0118  11 DC B OP1   
486 O OP2   . DC B 11 ? 0.5373 0.4165 0.3881 0.1516  -0.0178 0.0178  11 DC B OP2   
487 O "O5'" . DC B 11 ? 0.4835 0.3918 0.3504 0.1443  0.0123  0.0307  11 DC B "O5'" 
488 C "C5'" . DC B 11 ? 0.4965 0.3908 0.3585 0.1344  0.0151  0.0436  11 DC B "C5'" 
489 C "C4'" . DC B 11 ? 0.4917 0.4053 0.3714 0.1263  0.0314  0.0535  11 DC B "C4'" 
490 O "O4'" . DC B 11 ? 0.4712 0.4090 0.3708 0.1269  0.0315  0.0508  11 DC B "O4'" 
491 C "C3'" . DC B 11 ? 0.5077 0.4104 0.3853 0.1146  0.0361  0.0649  11 DC B "C3'" 
492 O "O3'" . DC B 11 ? 0.5596 0.4452 0.4239 0.1092  0.0422  0.0691  11 DC B "O3'" 
493 C "C2'" . DC B 11 ? 0.4534 0.3840 0.3568 0.1104  0.0479  0.0706  11 DC B "C2'" 
494 C "C1'" . DC B 11 ? 0.4381 0.3849 0.3513 0.1173  0.0398  0.0621  11 DC B "C1'" 
495 N N1    . DC B 11 ? 0.4222 0.3657 0.3361 0.1133  0.0310  0.0632  11 DC B N1    
496 C C2    . DC B 11 ? 0.4133 0.3682 0.3414 0.1046  0.0376  0.0727  11 DC B C2    
497 O O2    . DC B 11 ? 0.4095 0.3774 0.3513 0.1013  0.0489  0.0787  11 DC B O2    
498 N N3    . DC B 11 ? 0.3970 0.3499 0.3247 0.1000  0.0315  0.0744  11 DC B N3    
499 C C4    . DC B 11 ? 0.4250 0.3633 0.3387 0.1035  0.0197  0.0676  11 DC B C4    
500 N N4    . DC B 11 ? 0.4418 0.3795 0.3556 0.0980  0.0159  0.0700  11 DC B N4    
501 C C5    . DC B 11 ? 0.4357 0.3610 0.3361 0.1130  0.0114  0.0575  11 DC B C5    
502 C C6    . DC B 11 ? 0.4438 0.3724 0.3444 0.1177  0.0174  0.0556  11 DC B C6    
503 P P     . DG B 12 ? 0.5904 0.4472 0.4351 0.0973  0.0407  0.0749  12 DG B P     
504 O OP1   . DG B 12 ? 0.6274 0.4678 0.4587 0.0911  0.0468  0.0767  12 DG B OP1   
505 O OP2   . DG B 12 ? 0.5789 0.4168 0.4064 0.0997  0.0254  0.0715  12 DG B OP2   
506 O "O5'" . DG B 12 ? 0.5703 0.4446 0.4352 0.0870  0.0534  0.0824  12 DG B "O5'" 
507 C "C5'" . DG B 12 ? 0.5417 0.4369 0.4281 0.0838  0.0684  0.0864  12 DG B "C5'" 
508 C "C4'" . DG B 12 ? 0.5494 0.4618 0.4565 0.0771  0.0754  0.0917  12 DG B "C4'" 
509 O "O4'" . DG B 12 ? 0.5216 0.4521 0.4412 0.0847  0.0681  0.0903  12 DG B "O4'" 
510 C "C3'" . DG B 12 ? 0.5785 0.4727 0.4725 0.0660  0.0742  0.0936  12 DG B "C3'" 
511 O "O3'" . DG B 12 ? 0.6349 0.5149 0.5223 0.0532  0.0840  0.0947  12 DG B "O3'" 
512 C "C2'" . DG B 12 ? 0.5344 0.4535 0.4532 0.0649  0.0781  0.0974  12 DG B "C2'" 
513 C "C1'" . DG B 12 ? 0.5067 0.4409 0.4328 0.0773  0.0691  0.0947  12 DG B "C1'" 
514 N N9    . DG B 12 ? 0.4759 0.3981 0.3863 0.0795  0.0568  0.0918  12 DG B N9    
515 C C8    . DG B 12 ? 0.4798 0.3830 0.3693 0.0861  0.0451  0.0857  12 DG B C8    
516 N N7    . DG B 12 ? 0.4883 0.3844 0.3687 0.0856  0.0365  0.0845  12 DG B N7    
517 C C5    . DG B 12 ? 0.4808 0.3924 0.3760 0.0780  0.0439  0.0907  12 DG B C5    
518 C C6    . DG B 12 ? 0.4809 0.3951 0.3749 0.0734  0.0415  0.0929  12 DG B C6    
519 O O6    . DG B 12 ? 0.5109 0.4135 0.3904 0.0749  0.0326  0.0899  12 DG B O6    
520 N N1    . DG B 12 ? 0.4475 0.3803 0.3598 0.0661  0.0512  0.0992  12 DG B N1    
521 C C2    . DG B 12 ? 0.4428 0.3894 0.3739 0.0639  0.0611  0.1025  12 DG B C2    
522 N N2    . DG B 12 ? 0.4293 0.3932 0.3784 0.0573  0.0684  0.1077  12 DG B N2    
523 N N3    . DG B 12 ? 0.4479 0.3926 0.3811 0.0678  0.0639  0.1006  12 DG B N3    
524 C C4    . DG B 12 ? 0.4675 0.3945 0.3813 0.0745  0.0555  0.0949  12 DG B C4    
525 P P     . DG B 13 ? 0.6698 0.5252 0.5369 0.0380  0.0847  0.0935  13 DG B P     
526 O OP1   . DG B 13 ? 0.6874 0.5287 0.5487 0.0245  0.0944  0.0925  13 DG B OP1   
527 O OP2   . DG B 13 ? 0.7048 0.5353 0.5413 0.0407  0.0705  0.0906  13 DG B OP2   
528 O "O5'" . DG B 13 ? 0.6352 0.5159 0.5295 0.0340  0.0928  0.0964  13 DG B "O5'" 
529 C "C5'" . DG B 13 ? 0.6258 0.4966 0.5097 0.0240  0.0940  0.0947  13 DG B "C5'" 
530 C "C4'" . DG B 13 ? 0.5722 0.4719 0.4847 0.0249  0.0990  0.0979  13 DG B "C4'" 
531 O "O4'" . DG B 13 ? 0.5299 0.4481 0.4540 0.0389  0.0906  0.1015  13 DG B "O4'" 
532 C "C3'" . DG B 13 ? 0.5699 0.4600 0.4677 0.0157  0.0994  0.0953  13 DG B "C3'" 
533 O "O3'" . DG B 13 ? 0.5742 0.4587 0.4739 0.0003  0.1106  0.0905  13 DG B "O3'" 
534 C "C2'" . DG B 13 ? 0.5390 0.4576 0.4604 0.0230  0.0977  0.1003  13 DG B "C2'" 
535 C "C1'" . DG B 13 ? 0.5180 0.4414 0.4407 0.0372  0.0877  0.1028  13 DG B "C1'" 
536 N N9    . DG B 13 ? 0.5022 0.4039 0.3951 0.0406  0.0766  0.1002  13 DG B N9    
537 C C8    . DG B 13 ? 0.5183 0.3985 0.3899 0.0459  0.0683  0.0968  13 DG B C8    
538 N N7    . DG B 13 ? 0.5296 0.3926 0.3778 0.0484  0.0582  0.0945  13 DG B N7    
539 C C5    . DG B 13 ? 0.5107 0.3859 0.3650 0.0437  0.0617  0.0972  13 DG B C5    
540 C C6    . DG B 13 ? 0.5222 0.3898 0.3599 0.0430  0.0562  0.0968  13 DG B C6    
541 O O6    . DG B 13 ? 0.5422 0.3887 0.3564 0.0470  0.0460  0.0936  13 DG B O6    
542 N N1    . DG B 13 ? 0.4853 0.3722 0.3360 0.0368  0.0641  0.1005  13 DG B N1    
543 C C2    . DG B 13 ? 0.4726 0.3825 0.3502 0.0325  0.0741  0.1037  13 DG B C2    
544 N N2    . DG B 13 ? 0.4637 0.3901 0.3508 0.0270  0.0799  0.1067  13 DG B N2    
545 N N3    . DG B 13 ? 0.4650 0.3817 0.3599 0.0338  0.0783  0.1037  13 DG B N3    
546 C C4    . DG B 13 ? 0.4848 0.3838 0.3661 0.0390  0.0725  0.1006  13 DG B C4    
547 P P     . DG B 14 ? 0.5910 0.4370 0.4496 -0.0148 0.1105  0.0822  14 DG B P     
548 O OP1   . DG B 14 ? 0.6226 0.4698 0.4910 -0.0319 0.1233  0.0752  14 DG B OP1   
549 O OP2   . DG B 14 ? 0.5755 0.3968 0.4108 -0.0124 0.1031  0.0821  14 DG B OP2   
550 O "O5'" . DG B 14 ? 0.6007 0.4362 0.4332 -0.0119 0.1025  0.0817  14 DG B "O5'" 
551 C "C5'" . DG B 14 ? 0.5894 0.4281 0.4176 -0.0212 0.1090  0.0774  14 DG B "C5'" 
552 C "C4'" . DG B 14 ? 0.5416 0.4182 0.4064 -0.0131 0.1118  0.0839  14 DG B "C4'" 
553 O "O4'" . DG B 14 ? 0.5350 0.4212 0.4034 0.0015  0.1015  0.0914  14 DG B "O4'" 
554 C "C3'" . DG B 14 ? 0.5621 0.4445 0.4212 -0.0207 0.1175  0.0804  14 DG B "C3'" 
555 O "O3'" . DG B 14 ? 0.5438 0.4631 0.4442 -0.0157 0.1217  0.0860  14 DG B "O3'" 
556 C "C2'" . DG B 14 ? 0.5647 0.4335 0.3942 -0.0148 0.1086  0.0832  14 DG B "C2'" 
557 C "C1'" . DG B 14 ? 0.5450 0.4228 0.3900 0.0003  0.0983  0.0909  14 DG B "C1'" 
558 N N9    . DG B 14 ? 0.5514 0.4008 0.3642 0.0050  0.0873  0.0897  14 DG B N9    
559 C C8    . DG B 14 ? 0.5576 0.3886 0.3606 0.0087  0.0808  0.0882  14 DG B C8    
560 N N7    . DG B 14 ? 0.5660 0.3736 0.3409 0.0137  0.0695  0.0870  14 DG B N7    
561 C C5    . DG B 14 ? 0.5638 0.3757 0.3304 0.0128  0.0695  0.0881  14 DG B C5    
562 C C6    . DG B 14 ? 0.5930 0.3872 0.3330 0.0164  0.0603  0.0873  14 DG B C6    
563 O O6    . DG B 14 ? 0.6198 0.3888 0.3377 0.0220  0.0484  0.0850  14 DG B O6    
564 N N1    . DG B 14 ? 0.5732 0.3810 0.3134 0.0125  0.0663  0.0893  14 DG B N1    
565 C C2    . DG B 14 ? 0.5804 0.4153 0.3433 0.0065  0.0785  0.0916  14 DG B C2    
566 N N2    . DG B 14 ? 0.5604 0.4067 0.3201 0.0030  0.0836  0.0938  14 DG B N2    
567 N N3    . DG B 14 ? 0.5266 0.3768 0.3149 0.0039  0.0855  0.0916  14 DG B N3    
568 C C4    . DG B 14 ? 0.5320 0.3698 0.3208 0.0072  0.0808  0.0899  14 DG B C4    
# 
loop_
_pdbx_poly_seq_scheme.asym_id 
_pdbx_poly_seq_scheme.entity_id 
_pdbx_poly_seq_scheme.seq_id 
_pdbx_poly_seq_scheme.mon_id 
_pdbx_poly_seq_scheme.ndb_seq_num 
_pdbx_poly_seq_scheme.pdb_seq_num 
_pdbx_poly_seq_scheme.auth_seq_num 
_pdbx_poly_seq_scheme.pdb_mon_id 
_pdbx_poly_seq_scheme.auth_mon_id 
_pdbx_poly_seq_scheme.pdb_strand_id 
_pdbx_poly_seq_scheme.pdb_ins_code 
_pdbx_poly_seq_scheme.hetero 
A 1 1  DC 1  1  1  DC DC A . n 
A 1 2  DC 2  2  2  DC DC A . n 
A 1 3  DC 3  3  3  DC DC A . n 
A 1 4  DG 4  4  4  DG DG A . n 
A 1 5  DG 5  5  5  DG DG A . n 
A 1 6  DG 6  6  6  DG DG A . n 
A 1 7  DT 7  7  7  DT DT A . n 
A 1 8  DA 8  8  8  DA DA A . n 
A 1 9  DC 9  9  9  DC DC A . n 
A 1 10 DC 10 10 10 DC DC A . n 
A 1 11 DC 11 11 11 DC DC A . n 
A 1 12 DG 12 12 12 DG DG A . n 
A 1 13 DG 13 13 13 DG DG A . n 
A 1 14 DG 14 14 14 DG DG A . n 
B 1 1  DC 1  1  1  DC DC B . n 
B 1 2  DC 2  2  2  DC DC B . n 
B 1 3  DC 3  3  3  DC DC B . n 
B 1 4  DG 4  4  4  DG DG B . n 
B 1 5  DG 5  5  5  DG DG B . n 
B 1 6  DG 6  6  6  DG DG B . n 
B 1 7  DT 7  7  7  DT DT B . n 
B 1 8  DA 8  8  8  DA DA B . n 
B 1 9  DC 9  9  9  DC DC B . n 
B 1 10 DC 10 10 10 DC DC B . n 
B 1 11 DC 11 11 11 DC DC B . n 
B 1 12 DG 12 12 12 DG DG B . n 
B 1 13 DG 13 13 13 DG DG B . n 
B 1 14 DG 14 14 14 DG DG B . n 
# 
loop_
_pdbx_nonpoly_scheme.asym_id 
_pdbx_nonpoly_scheme.entity_id 
_pdbx_nonpoly_scheme.mon_id 
_pdbx_nonpoly_scheme.ndb_seq_num 
_pdbx_nonpoly_scheme.pdb_seq_num 
_pdbx_nonpoly_scheme.auth_seq_num 
_pdbx_nonpoly_scheme.pdb_mon_id 
_pdbx_nonpoly_scheme.auth_mon_id 
_pdbx_nonpoly_scheme.pdb_strand_id 
_pdbx_nonpoly_scheme.pdb_ins_code 
C 2 ZN  1  101 2  ZN  ZN  A . 
D 2 ZN  1  101 1  ZN  ZN  B . 
E 3 HOH 1  201 13 HOH HOH A . 
E 3 HOH 2  202 40 HOH HOH A . 
E 3 HOH 3  203 8  HOH HOH A . 
E 3 HOH 4  204 9  HOH HOH A . 
E 3 HOH 5  205 1  HOH HOH A . 
E 3 HOH 6  206 15 HOH HOH A . 
E 3 HOH 7  207 20 HOH HOH A . 
E 3 HOH 8  208 32 HOH HOH A . 
E 3 HOH 9  209 16 HOH HOH A . 
E 3 HOH 10 210 25 HOH HOH A . 
E 3 HOH 11 211 45 HOH HOH A . 
E 3 HOH 12 212 6  HOH HOH A . 
E 3 HOH 13 213 17 HOH HOH A . 
E 3 HOH 14 214 35 HOH HOH A . 
E 3 HOH 15 215 12 HOH HOH A . 
E 3 HOH 16 216 11 HOH HOH A . 
E 3 HOH 17 217 34 HOH HOH A . 
E 3 HOH 18 218 18 HOH HOH A . 
E 3 HOH 19 219 44 HOH HOH A . 
E 3 HOH 20 220 5  HOH HOH A . 
E 3 HOH 21 221 7  HOH HOH A . 
E 3 HOH 22 222 21 HOH HOH A . 
F 3 HOH 1  201 10 HOH HOH B . 
F 3 HOH 2  202 42 HOH HOH B . 
F 3 HOH 3  203 14 HOH HOH B . 
F 3 HOH 4  204 37 HOH HOH B . 
F 3 HOH 5  205 23 HOH HOH B . 
F 3 HOH 6  206 39 HOH HOH B . 
F 3 HOH 7  207 41 HOH HOH B . 
F 3 HOH 8  208 24 HOH HOH B . 
F 3 HOH 9  209 43 HOH HOH B . 
F 3 HOH 10 210 46 HOH HOH B . 
F 3 HOH 11 211 3  HOH HOH B . 
F 3 HOH 12 212 26 HOH HOH B . 
F 3 HOH 13 213 28 HOH HOH B . 
F 3 HOH 14 214 38 HOH HOH B . 
F 3 HOH 15 215 19 HOH HOH B . 
F 3 HOH 16 216 29 HOH HOH B . 
F 3 HOH 17 217 2  HOH HOH B . 
F 3 HOH 18 218 22 HOH HOH B . 
F 3 HOH 19 219 4  HOH HOH B . 
F 3 HOH 20 220 36 HOH HOH B . 
F 3 HOH 21 221 33 HOH HOH B . 
F 3 HOH 22 222 27 HOH HOH B . 
F 3 HOH 23 223 30 HOH HOH B . 
F 3 HOH 24 224 31 HOH HOH B . 
# 
_pdbx_struct_assembly.id                   1 
_pdbx_struct_assembly.details              author_and_software_defined_assembly 
_pdbx_struct_assembly.method_details       PISA 
_pdbx_struct_assembly.oligomeric_details   dimeric 
_pdbx_struct_assembly.oligomeric_count     2 
# 
_pdbx_struct_assembly_gen.assembly_id       1 
_pdbx_struct_assembly_gen.oper_expression   1 
_pdbx_struct_assembly_gen.asym_id_list      A,B,C,D,E,F 
# 
loop_
_pdbx_struct_assembly_prop.biol_id 
_pdbx_struct_assembly_prop.type 
_pdbx_struct_assembly_prop.value 
_pdbx_struct_assembly_prop.details 
1 'ABSA (A^2)' 1650 ? 
1 MORE         -50  ? 
1 'SSA (A^2)'  5230 ? 
# 
_pdbx_struct_oper_list.id                   1 
_pdbx_struct_oper_list.type                 'identity operation' 
_pdbx_struct_oper_list.name                 1_555 
_pdbx_struct_oper_list.symmetry_operation   x,y,z 
_pdbx_struct_oper_list.matrix[1][1]         1.0000000000 
_pdbx_struct_oper_list.matrix[1][2]         0.0000000000 
_pdbx_struct_oper_list.matrix[1][3]         0.0000000000 
_pdbx_struct_oper_list.vector[1]            0.0000000000 
_pdbx_struct_oper_list.matrix[2][1]         0.0000000000 
_pdbx_struct_oper_list.matrix[2][2]         1.0000000000 
_pdbx_struct_oper_list.matrix[2][3]         0.0000000000 
_pdbx_struct_oper_list.vector[2]            0.0000000000 
_pdbx_struct_oper_list.matrix[3][1]         0.0000000000 
_pdbx_struct_oper_list.matrix[3][2]         0.0000000000 
_pdbx_struct_oper_list.matrix[3][3]         1.0000000000 
_pdbx_struct_oper_list.vector[3]            0.0000000000 
# 
_pdbx_struct_conn_angle.id                    1 
_pdbx_struct_conn_angle.ptnr1_label_atom_id   N7 
_pdbx_struct_conn_angle.ptnr1_label_alt_id    ? 
_pdbx_struct_conn_angle.ptnr1_label_asym_id   A 
_pdbx_struct_conn_angle.ptnr1_label_comp_id   DG 
_pdbx_struct_conn_angle.ptnr1_label_seq_id    13 
_pdbx_struct_conn_angle.ptnr1_auth_atom_id    ? 
_pdbx_struct_conn_angle.ptnr1_auth_asym_id    A 
_pdbx_struct_conn_angle.ptnr1_auth_comp_id    DG 
_pdbx_struct_conn_angle.ptnr1_auth_seq_id     13 
_pdbx_struct_conn_angle.ptnr1_PDB_ins_code    ? 
_pdbx_struct_conn_angle.ptnr1_symmetry        1_555 
_pdbx_struct_conn_angle.ptnr2_label_atom_id   ZN 
_pdbx_struct_conn_angle.ptnr2_label_alt_id    ? 
_pdbx_struct_conn_angle.ptnr2_label_asym_id   C 
_pdbx_struct_conn_angle.ptnr2_label_comp_id   ZN 
_pdbx_struct_conn_angle.ptnr2_label_seq_id    . 
_pdbx_struct_conn_angle.ptnr2_auth_atom_id    ? 
_pdbx_struct_conn_angle.ptnr2_auth_asym_id    A 
_pdbx_struct_conn_angle.ptnr2_auth_comp_id    ZN 
_pdbx_struct_conn_angle.ptnr2_auth_seq_id     101 
_pdbx_struct_conn_angle.ptnr2_PDB_ins_code    ? 
_pdbx_struct_conn_angle.ptnr2_symmetry        1_555 
_pdbx_struct_conn_angle.ptnr3_label_atom_id   O 
_pdbx_struct_conn_angle.ptnr3_label_alt_id    ? 
_pdbx_struct_conn_angle.ptnr3_label_asym_id   E 
_pdbx_struct_conn_angle.ptnr3_label_comp_id   HOH 
_pdbx_struct_conn_angle.ptnr3_label_seq_id    . 
_pdbx_struct_conn_angle.ptnr3_auth_atom_id    ? 
_pdbx_struct_conn_angle.ptnr3_auth_asym_id    A 
_pdbx_struct_conn_angle.ptnr3_auth_comp_id    HOH 
_pdbx_struct_conn_angle.ptnr3_auth_seq_id     214 
_pdbx_struct_conn_angle.ptnr3_PDB_ins_code    ? 
_pdbx_struct_conn_angle.ptnr3_symmetry        1_555 
_pdbx_struct_conn_angle.value                 97.9 
_pdbx_struct_conn_angle.value_esd             ? 
# 
loop_
_pdbx_audit_revision_history.ordinal 
_pdbx_audit_revision_history.data_content_type 
_pdbx_audit_revision_history.major_revision 
_pdbx_audit_revision_history.minor_revision 
_pdbx_audit_revision_history.revision_date 
1 'Structure model' 1 0 2017-03-29 
2 'Structure model' 1 1 2017-04-19 
3 'Structure model' 1 2 2017-12-06 
4 'Structure model' 1 3 2019-01-30 
5 'Structure model' 1 4 2023-11-08 
# 
_pdbx_audit_revision_details.ordinal             1 
_pdbx_audit_revision_details.revision_ordinal    1 
_pdbx_audit_revision_details.data_content_type   'Structure model' 
_pdbx_audit_revision_details.provider            repository 
_pdbx_audit_revision_details.type                'Initial release' 
_pdbx_audit_revision_details.description         ? 
_pdbx_audit_revision_details.details             ? 
# 
loop_
_pdbx_audit_revision_group.ordinal 
_pdbx_audit_revision_group.revision_ordinal 
_pdbx_audit_revision_group.data_content_type 
_pdbx_audit_revision_group.group 
1 2 'Structure model' 'Database references'    
2 3 'Structure model' 'Database references'    
3 4 'Structure model' 'Data collection'        
4 4 'Structure model' 'Database references'    
5 5 'Structure model' 'Data collection'        
6 5 'Structure model' 'Database references'    
7 5 'Structure model' 'Refinement description' 
# 
loop_
_pdbx_audit_revision_category.ordinal 
_pdbx_audit_revision_category.revision_ordinal 
_pdbx_audit_revision_category.data_content_type 
_pdbx_audit_revision_category.category 
1 3 'Structure model' citation                      
2 4 'Structure model' pdbx_related_exp_data_set     
3 5 'Structure model' chem_comp_atom                
4 5 'Structure model' chem_comp_bond                
5 5 'Structure model' database_2                    
6 5 'Structure model' pdbx_initial_refinement_model 
# 
loop_
_pdbx_audit_revision_item.ordinal 
_pdbx_audit_revision_item.revision_ordinal 
_pdbx_audit_revision_item.data_content_type 
_pdbx_audit_revision_item.item 
1 3 'Structure model' '_citation.journal_volume'            
2 3 'Structure model' '_citation.page_first'                
3 3 'Structure model' '_citation.page_last'                 
4 5 'Structure model' '_database_2.pdbx_DOI'                
5 5 'Structure model' '_database_2.pdbx_database_accession' 
# 
loop_
_pdbx_refine_tls.pdbx_refine_id 
_pdbx_refine_tls.id 
_pdbx_refine_tls.details 
_pdbx_refine_tls.method 
_pdbx_refine_tls.origin_x 
_pdbx_refine_tls.origin_y 
_pdbx_refine_tls.origin_z 
_pdbx_refine_tls.T[1][1] 
_pdbx_refine_tls.T[2][2] 
_pdbx_refine_tls.T[3][3] 
_pdbx_refine_tls.T[1][2] 
_pdbx_refine_tls.T[1][3] 
_pdbx_refine_tls.T[2][3] 
_pdbx_refine_tls.L[1][1] 
_pdbx_refine_tls.L[2][2] 
_pdbx_refine_tls.L[3][3] 
_pdbx_refine_tls.L[1][2] 
_pdbx_refine_tls.L[1][3] 
_pdbx_refine_tls.L[2][3] 
_pdbx_refine_tls.S[1][1] 
_pdbx_refine_tls.S[2][2] 
_pdbx_refine_tls.S[3][3] 
_pdbx_refine_tls.S[1][2] 
_pdbx_refine_tls.S[1][3] 
_pdbx_refine_tls.S[2][3] 
_pdbx_refine_tls.S[2][1] 
_pdbx_refine_tls.S[3][1] 
_pdbx_refine_tls.S[3][2] 
'X-RAY DIFFRACTION' 1 ? refined 0.5663  0.2741  -2.2493 0.2669 0.3779 0.3022 -0.0387 -0.0053 0.0437 -1.2590 1.4197 0.8841 -0.8984 0.1604  0.5844 -0.1535 0.4141 0.0014 0.2376 0.0587  0.1175 -0.0860 -0.1659 -0.0093 
'X-RAY DIFFRACTION' 2 ? refined -0.4197 -0.2111 2.2590  0.2898 0.3577 0.3219 0.0504  0.0131  0.0681 -0.2929 0.2745 0.4446 1.4728  -0.2397 1.2032 -0.1258 0.4067 0.0597 0.0054 -0.1047 0.1416 0.2935  0.1147  -0.0716 
# 
loop_
_pdbx_refine_tls_group.pdbx_refine_id 
_pdbx_refine_tls_group.id 
_pdbx_refine_tls_group.refine_tls_id 
_pdbx_refine_tls_group.beg_auth_asym_id 
_pdbx_refine_tls_group.beg_auth_seq_id 
_pdbx_refine_tls_group.end_auth_asym_id 
_pdbx_refine_tls_group.end_auth_seq_id 
_pdbx_refine_tls_group.selection_details 
_pdbx_refine_tls_group.beg_label_asym_id 
_pdbx_refine_tls_group.beg_label_seq_id 
_pdbx_refine_tls_group.end_label_asym_id 
_pdbx_refine_tls_group.end_label_seq_id 
_pdbx_refine_tls_group.selection 
'X-RAY DIFFRACTION' 1 1 A 1 A 14 
;chain 'A' and (resid 1 through 14 )
;
? ? ? ? ? 
'X-RAY DIFFRACTION' 2 2 B 1 B 14 
;chain 'B' and (resid 1 through 14 )
;
? ? ? ? ? 
# 
_pdbx_phasing_MR.entry_id                     5IYE 
_pdbx_phasing_MR.method_rotation              ? 
_pdbx_phasing_MR.method_translation           ? 
_pdbx_phasing_MR.model_details                ? 
_pdbx_phasing_MR.R_factor                     ? 
_pdbx_phasing_MR.R_rigid_body                 ? 
_pdbx_phasing_MR.correlation_coeff_Fo_to_Fc   ? 
_pdbx_phasing_MR.correlation_coeff_Io_to_Ic   ? 
_pdbx_phasing_MR.d_res_high_rotation          3.910 
_pdbx_phasing_MR.d_res_low_rotation           27.770 
_pdbx_phasing_MR.d_res_high_translation       ? 
_pdbx_phasing_MR.d_res_low_translation        ? 
_pdbx_phasing_MR.packing                      ? 
_pdbx_phasing_MR.reflns_percent_rotation      ? 
_pdbx_phasing_MR.reflns_percent_translation   ? 
_pdbx_phasing_MR.sigma_F_rotation             ? 
_pdbx_phasing_MR.sigma_F_translation          ? 
_pdbx_phasing_MR.sigma_I_rotation             ? 
_pdbx_phasing_MR.sigma_I_translation          ? 
# 
_phasing.method   MR 
# 
loop_
_software.citation_id 
_software.classification 
_software.compiler_name 
_software.compiler_version 
_software.contact_author 
_software.contact_author_email 
_software.date 
_software.description 
_software.dependencies 
_software.hardware 
_software.language 
_software.location 
_software.mods 
_software.name 
_software.os 
_software.os_version 
_software.type 
_software.version 
_software.pdbx_ordinal 
? refinement        ? ? ? ? ? ? ? ? ? ? ? PHENIX      ? ? ? 1.10.1_2155 1 
? 'data collection' ? ? ? ? ? ? ? ? ? ? ? MxCuBE      ? ? ? 2.0         2 
? 'data reduction'  ? ? ? ? ? ? ? ? ? ? ? XDS         ? ? ? GPLv2       3 
? phasing           ? ? ? ? ? ? ? ? ? ? ? PHASER      ? ? ? 2.5.5       4 
? 'data extraction' ? ? ? ? ? ? ? ? ? ? ? PDB_EXTRACT ? ? ? 3.21        5 
# 
loop_
_pdbx_validate_rmsd_angle.id 
_pdbx_validate_rmsd_angle.PDB_model_num 
_pdbx_validate_rmsd_angle.auth_atom_id_1 
_pdbx_validate_rmsd_angle.auth_asym_id_1 
_pdbx_validate_rmsd_angle.auth_comp_id_1 
_pdbx_validate_rmsd_angle.auth_seq_id_1 
_pdbx_validate_rmsd_angle.PDB_ins_code_1 
_pdbx_validate_rmsd_angle.label_alt_id_1 
_pdbx_validate_rmsd_angle.auth_atom_id_2 
_pdbx_validate_rmsd_angle.auth_asym_id_2 
_pdbx_validate_rmsd_angle.auth_comp_id_2 
_pdbx_validate_rmsd_angle.auth_seq_id_2 
_pdbx_validate_rmsd_angle.PDB_ins_code_2 
_pdbx_validate_rmsd_angle.label_alt_id_2 
_pdbx_validate_rmsd_angle.auth_atom_id_3 
_pdbx_validate_rmsd_angle.auth_asym_id_3 
_pdbx_validate_rmsd_angle.auth_comp_id_3 
_pdbx_validate_rmsd_angle.auth_seq_id_3 
_pdbx_validate_rmsd_angle.PDB_ins_code_3 
_pdbx_validate_rmsd_angle.label_alt_id_3 
_pdbx_validate_rmsd_angle.angle_value 
_pdbx_validate_rmsd_angle.angle_target_value 
_pdbx_validate_rmsd_angle.angle_deviation 
_pdbx_validate_rmsd_angle.angle_standard_deviation 
_pdbx_validate_rmsd_angle.linker_flag 
1  1 "O4'" A DC 3 ? ? "C1'" A DC 3 ? ? N1  A DC 3 ? ? 110.24 108.30 1.94  0.30 N 
2  1 OP1   A DC 9 ? ? P     A DC 9 ? ? OP2 A DC 9 ? ? 128.78 119.60 9.18  1.50 N 
3  1 "O5'" A DC 9 ? ? P     A DC 9 ? ? OP2 A DC 9 ? ? 98.18  105.70 -7.52 0.90 N 
4  1 "O4'" A DC 9 ? ? "C1'" A DC 9 ? ? N1  A DC 9 ? ? 110.13 108.30 1.83  0.30 N 
5  1 "O4'" B DC 3 ? ? "C1'" B DC 3 ? ? N1  B DC 3 ? ? 110.90 108.30 2.60  0.30 N 
6  1 "O4'" B DT 7 ? ? "C1'" B DT 7 ? ? N1  B DT 7 ? ? 110.27 108.30 1.97  0.30 N 
7  1 "O4'" B DA 8 ? ? "C1'" B DA 8 ? ? N9  B DA 8 ? ? 110.13 108.30 1.83  0.30 N 
8  1 OP1   B DC 9 ? ? P     B DC 9 ? ? OP2 B DC 9 ? ? 129.12 119.60 9.52  1.50 N 
9  1 "O5'" B DC 9 ? ? P     B DC 9 ? ? OP2 B DC 9 ? ? 98.68  105.70 -7.02 0.90 N 
10 1 "O4'" B DC 9 ? ? "C1'" B DC 9 ? ? N1  B DC 9 ? ? 110.45 108.30 2.15  0.30 N 
# 
loop_
_chem_comp_atom.comp_id 
_chem_comp_atom.atom_id 
_chem_comp_atom.type_symbol 
_chem_comp_atom.pdbx_aromatic_flag 
_chem_comp_atom.pdbx_stereo_config 
_chem_comp_atom.pdbx_ordinal 
DA  OP3    O  N N 1   
DA  P      P  N N 2   
DA  OP1    O  N N 3   
DA  OP2    O  N N 4   
DA  "O5'"  O  N N 5   
DA  "C5'"  C  N N 6   
DA  "C4'"  C  N R 7   
DA  "O4'"  O  N N 8   
DA  "C3'"  C  N S 9   
DA  "O3'"  O  N N 10  
DA  "C2'"  C  N N 11  
DA  "C1'"  C  N R 12  
DA  N9     N  Y N 13  
DA  C8     C  Y N 14  
DA  N7     N  Y N 15  
DA  C5     C  Y N 16  
DA  C6     C  Y N 17  
DA  N6     N  N N 18  
DA  N1     N  Y N 19  
DA  C2     C  Y N 20  
DA  N3     N  Y N 21  
DA  C4     C  Y N 22  
DA  HOP3   H  N N 23  
DA  HOP2   H  N N 24  
DA  "H5'"  H  N N 25  
DA  "H5''" H  N N 26  
DA  "H4'"  H  N N 27  
DA  "H3'"  H  N N 28  
DA  "HO3'" H  N N 29  
DA  "H2'"  H  N N 30  
DA  "H2''" H  N N 31  
DA  "H1'"  H  N N 32  
DA  H8     H  N N 33  
DA  H61    H  N N 34  
DA  H62    H  N N 35  
DA  H2     H  N N 36  
DC  OP3    O  N N 37  
DC  P      P  N N 38  
DC  OP1    O  N N 39  
DC  OP2    O  N N 40  
DC  "O5'"  O  N N 41  
DC  "C5'"  C  N N 42  
DC  "C4'"  C  N R 43  
DC  "O4'"  O  N N 44  
DC  "C3'"  C  N S 45  
DC  "O3'"  O  N N 46  
DC  "C2'"  C  N N 47  
DC  "C1'"  C  N R 48  
DC  N1     N  N N 49  
DC  C2     C  N N 50  
DC  O2     O  N N 51  
DC  N3     N  N N 52  
DC  C4     C  N N 53  
DC  N4     N  N N 54  
DC  C5     C  N N 55  
DC  C6     C  N N 56  
DC  HOP3   H  N N 57  
DC  HOP2   H  N N 58  
DC  "H5'"  H  N N 59  
DC  "H5''" H  N N 60  
DC  "H4'"  H  N N 61  
DC  "H3'"  H  N N 62  
DC  "HO3'" H  N N 63  
DC  "H2'"  H  N N 64  
DC  "H2''" H  N N 65  
DC  "H1'"  H  N N 66  
DC  H41    H  N N 67  
DC  H42    H  N N 68  
DC  H5     H  N N 69  
DC  H6     H  N N 70  
DG  OP3    O  N N 71  
DG  P      P  N N 72  
DG  OP1    O  N N 73  
DG  OP2    O  N N 74  
DG  "O5'"  O  N N 75  
DG  "C5'"  C  N N 76  
DG  "C4'"  C  N R 77  
DG  "O4'"  O  N N 78  
DG  "C3'"  C  N S 79  
DG  "O3'"  O  N N 80  
DG  "C2'"  C  N N 81  
DG  "C1'"  C  N R 82  
DG  N9     N  Y N 83  
DG  C8     C  Y N 84  
DG  N7     N  Y N 85  
DG  C5     C  Y N 86  
DG  C6     C  N N 87  
DG  O6     O  N N 88  
DG  N1     N  N N 89  
DG  C2     C  N N 90  
DG  N2     N  N N 91  
DG  N3     N  N N 92  
DG  C4     C  Y N 93  
DG  HOP3   H  N N 94  
DG  HOP2   H  N N 95  
DG  "H5'"  H  N N 96  
DG  "H5''" H  N N 97  
DG  "H4'"  H  N N 98  
DG  "H3'"  H  N N 99  
DG  "HO3'" H  N N 100 
DG  "H2'"  H  N N 101 
DG  "H2''" H  N N 102 
DG  "H1'"  H  N N 103 
DG  H8     H  N N 104 
DG  H1     H  N N 105 
DG  H21    H  N N 106 
DG  H22    H  N N 107 
DT  OP3    O  N N 108 
DT  P      P  N N 109 
DT  OP1    O  N N 110 
DT  OP2    O  N N 111 
DT  "O5'"  O  N N 112 
DT  "C5'"  C  N N 113 
DT  "C4'"  C  N R 114 
DT  "O4'"  O  N N 115 
DT  "C3'"  C  N S 116 
DT  "O3'"  O  N N 117 
DT  "C2'"  C  N N 118 
DT  "C1'"  C  N R 119 
DT  N1     N  N N 120 
DT  C2     C  N N 121 
DT  O2     O  N N 122 
DT  N3     N  N N 123 
DT  C4     C  N N 124 
DT  O4     O  N N 125 
DT  C5     C  N N 126 
DT  C7     C  N N 127 
DT  C6     C  N N 128 
DT  HOP3   H  N N 129 
DT  HOP2   H  N N 130 
DT  "H5'"  H  N N 131 
DT  "H5''" H  N N 132 
DT  "H4'"  H  N N 133 
DT  "H3'"  H  N N 134 
DT  "HO3'" H  N N 135 
DT  "H2'"  H  N N 136 
DT  "H2''" H  N N 137 
DT  "H1'"  H  N N 138 
DT  H3     H  N N 139 
DT  H71    H  N N 140 
DT  H72    H  N N 141 
DT  H73    H  N N 142 
DT  H6     H  N N 143 
HOH O      O  N N 144 
HOH H1     H  N N 145 
HOH H2     H  N N 146 
ZN  ZN     ZN N N 147 
# 
loop_
_chem_comp_bond.comp_id 
_chem_comp_bond.atom_id_1 
_chem_comp_bond.atom_id_2 
_chem_comp_bond.value_order 
_chem_comp_bond.pdbx_aromatic_flag 
_chem_comp_bond.pdbx_stereo_config 
_chem_comp_bond.pdbx_ordinal 
DA  OP3   P      sing N N 1   
DA  OP3   HOP3   sing N N 2   
DA  P     OP1    doub N N 3   
DA  P     OP2    sing N N 4   
DA  P     "O5'"  sing N N 5   
DA  OP2   HOP2   sing N N 6   
DA  "O5'" "C5'"  sing N N 7   
DA  "C5'" "C4'"  sing N N 8   
DA  "C5'" "H5'"  sing N N 9   
DA  "C5'" "H5''" sing N N 10  
DA  "C4'" "O4'"  sing N N 11  
DA  "C4'" "C3'"  sing N N 12  
DA  "C4'" "H4'"  sing N N 13  
DA  "O4'" "C1'"  sing N N 14  
DA  "C3'" "O3'"  sing N N 15  
DA  "C3'" "C2'"  sing N N 16  
DA  "C3'" "H3'"  sing N N 17  
DA  "O3'" "HO3'" sing N N 18  
DA  "C2'" "C1'"  sing N N 19  
DA  "C2'" "H2'"  sing N N 20  
DA  "C2'" "H2''" sing N N 21  
DA  "C1'" N9     sing N N 22  
DA  "C1'" "H1'"  sing N N 23  
DA  N9    C8     sing Y N 24  
DA  N9    C4     sing Y N 25  
DA  C8    N7     doub Y N 26  
DA  C8    H8     sing N N 27  
DA  N7    C5     sing Y N 28  
DA  C5    C6     sing Y N 29  
DA  C5    C4     doub Y N 30  
DA  C6    N6     sing N N 31  
DA  C6    N1     doub Y N 32  
DA  N6    H61    sing N N 33  
DA  N6    H62    sing N N 34  
DA  N1    C2     sing Y N 35  
DA  C2    N3     doub Y N 36  
DA  C2    H2     sing N N 37  
DA  N3    C4     sing Y N 38  
DC  OP3   P      sing N N 39  
DC  OP3   HOP3   sing N N 40  
DC  P     OP1    doub N N 41  
DC  P     OP2    sing N N 42  
DC  P     "O5'"  sing N N 43  
DC  OP2   HOP2   sing N N 44  
DC  "O5'" "C5'"  sing N N 45  
DC  "C5'" "C4'"  sing N N 46  
DC  "C5'" "H5'"  sing N N 47  
DC  "C5'" "H5''" sing N N 48  
DC  "C4'" "O4'"  sing N N 49  
DC  "C4'" "C3'"  sing N N 50  
DC  "C4'" "H4'"  sing N N 51  
DC  "O4'" "C1'"  sing N N 52  
DC  "C3'" "O3'"  sing N N 53  
DC  "C3'" "C2'"  sing N N 54  
DC  "C3'" "H3'"  sing N N 55  
DC  "O3'" "HO3'" sing N N 56  
DC  "C2'" "C1'"  sing N N 57  
DC  "C2'" "H2'"  sing N N 58  
DC  "C2'" "H2''" sing N N 59  
DC  "C1'" N1     sing N N 60  
DC  "C1'" "H1'"  sing N N 61  
DC  N1    C2     sing N N 62  
DC  N1    C6     sing N N 63  
DC  C2    O2     doub N N 64  
DC  C2    N3     sing N N 65  
DC  N3    C4     doub N N 66  
DC  C4    N4     sing N N 67  
DC  C4    C5     sing N N 68  
DC  N4    H41    sing N N 69  
DC  N4    H42    sing N N 70  
DC  C5    C6     doub N N 71  
DC  C5    H5     sing N N 72  
DC  C6    H6     sing N N 73  
DG  OP3   P      sing N N 74  
DG  OP3   HOP3   sing N N 75  
DG  P     OP1    doub N N 76  
DG  P     OP2    sing N N 77  
DG  P     "O5'"  sing N N 78  
DG  OP2   HOP2   sing N N 79  
DG  "O5'" "C5'"  sing N N 80  
DG  "C5'" "C4'"  sing N N 81  
DG  "C5'" "H5'"  sing N N 82  
DG  "C5'" "H5''" sing N N 83  
DG  "C4'" "O4'"  sing N N 84  
DG  "C4'" "C3'"  sing N N 85  
DG  "C4'" "H4'"  sing N N 86  
DG  "O4'" "C1'"  sing N N 87  
DG  "C3'" "O3'"  sing N N 88  
DG  "C3'" "C2'"  sing N N 89  
DG  "C3'" "H3'"  sing N N 90  
DG  "O3'" "HO3'" sing N N 91  
DG  "C2'" "C1'"  sing N N 92  
DG  "C2'" "H2'"  sing N N 93  
DG  "C2'" "H2''" sing N N 94  
DG  "C1'" N9     sing N N 95  
DG  "C1'" "H1'"  sing N N 96  
DG  N9    C8     sing Y N 97  
DG  N9    C4     sing Y N 98  
DG  C8    N7     doub Y N 99  
DG  C8    H8     sing N N 100 
DG  N7    C5     sing Y N 101 
DG  C5    C6     sing N N 102 
DG  C5    C4     doub Y N 103 
DG  C6    O6     doub N N 104 
DG  C6    N1     sing N N 105 
DG  N1    C2     sing N N 106 
DG  N1    H1     sing N N 107 
DG  C2    N2     sing N N 108 
DG  C2    N3     doub N N 109 
DG  N2    H21    sing N N 110 
DG  N2    H22    sing N N 111 
DG  N3    C4     sing N N 112 
DT  OP3   P      sing N N 113 
DT  OP3   HOP3   sing N N 114 
DT  P     OP1    doub N N 115 
DT  P     OP2    sing N N 116 
DT  P     "O5'"  sing N N 117 
DT  OP2   HOP2   sing N N 118 
DT  "O5'" "C5'"  sing N N 119 
DT  "C5'" "C4'"  sing N N 120 
DT  "C5'" "H5'"  sing N N 121 
DT  "C5'" "H5''" sing N N 122 
DT  "C4'" "O4'"  sing N N 123 
DT  "C4'" "C3'"  sing N N 124 
DT  "C4'" "H4'"  sing N N 125 
DT  "O4'" "C1'"  sing N N 126 
DT  "C3'" "O3'"  sing N N 127 
DT  "C3'" "C2'"  sing N N 128 
DT  "C3'" "H3'"  sing N N 129 
DT  "O3'" "HO3'" sing N N 130 
DT  "C2'" "C1'"  sing N N 131 
DT  "C2'" "H2'"  sing N N 132 
DT  "C2'" "H2''" sing N N 133 
DT  "C1'" N1     sing N N 134 
DT  "C1'" "H1'"  sing N N 135 
DT  N1    C2     sing N N 136 
DT  N1    C6     sing N N 137 
DT  C2    O2     doub N N 138 
DT  C2    N3     sing N N 139 
DT  N3    C4     sing N N 140 
DT  N3    H3     sing N N 141 
DT  C4    O4     doub N N 142 
DT  C4    C5     sing N N 143 
DT  C5    C7     sing N N 144 
DT  C5    C6     doub N N 145 
DT  C7    H71    sing N N 146 
DT  C7    H72    sing N N 147 
DT  C7    H73    sing N N 148 
DT  C6    H6     sing N N 149 
HOH O     H1     sing N N 150 
HOH O     H2     sing N N 151 
# 
_ndb_struct_conf_na.entry_id   5IYE 
_ndb_struct_conf_na.feature    'a-form double helix' 
# 
loop_
_ndb_struct_na_base_pair.model_number 
_ndb_struct_na_base_pair.i_label_asym_id 
_ndb_struct_na_base_pair.i_label_comp_id 
_ndb_struct_na_base_pair.i_label_seq_id 
_ndb_struct_na_base_pair.i_symmetry 
_ndb_struct_na_base_pair.j_label_asym_id 
_ndb_struct_na_base_pair.j_label_comp_id 
_ndb_struct_na_base_pair.j_label_seq_id 
_ndb_struct_na_base_pair.j_symmetry 
_ndb_struct_na_base_pair.shear 
_ndb_struct_na_base_pair.stretch 
_ndb_struct_na_base_pair.stagger 
_ndb_struct_na_base_pair.buckle 
_ndb_struct_na_base_pair.propeller 
_ndb_struct_na_base_pair.opening 
_ndb_struct_na_base_pair.pair_number 
_ndb_struct_na_base_pair.pair_name 
_ndb_struct_na_base_pair.i_auth_asym_id 
_ndb_struct_na_base_pair.i_auth_seq_id 
_ndb_struct_na_base_pair.i_PDB_ins_code 
_ndb_struct_na_base_pair.j_auth_asym_id 
_ndb_struct_na_base_pair.j_auth_seq_id 
_ndb_struct_na_base_pair.j_PDB_ins_code 
_ndb_struct_na_base_pair.hbond_type_28 
_ndb_struct_na_base_pair.hbond_type_12 
1 A DC 1  1_555 B DG 14 1_555 0.197  -0.105 -0.159 3.210  -0.225  -0.482 1  A_DC1:DG14_B A 1  ? B 14 ? 19 1 
1 A DC 2  1_555 B DG 13 1_555 0.246  -0.107 -0.016 4.685  -2.810  1.087  2  A_DC2:DG13_B A 2  ? B 13 ? 19 1 
1 A DC 3  1_555 B DG 12 1_555 0.132  0.013  -0.373 5.832  3.385   1.071  3  A_DC3:DG12_B A 3  ? B 12 ? 19 1 
1 A DG 4  1_555 B DC 11 1_555 -0.220 -0.103 0.172  3.217  -5.402  -0.975 4  A_DG4:DC11_B A 4  ? B 11 ? 19 1 
1 A DG 5  1_555 B DC 10 1_555 -0.318 -0.186 0.128  8.392  -10.558 -1.596 5  A_DG5:DC10_B A 5  ? B 10 ? 19 1 
1 A DG 6  1_555 B DC 9  1_555 -0.407 -0.141 -0.090 -5.949 -15.752 3.294  6  A_DG6:DC9_B  A 6  ? B 9  ? 19 1 
1 A DT 7  1_555 B DA 8  1_555 -0.132 -0.102 0.080  -0.746 -9.426  1.416  7  A_DT7:DA8_B  A 7  ? B 8  ? 20 1 
1 A DA 8  1_555 B DT 7  1_555 0.203  -0.112 0.068  2.654  -10.521 1.447  8  A_DA8:DT7_B  A 8  ? B 7  ? 20 1 
1 A DC 9  1_555 B DG 6  1_555 0.382  -0.122 -0.115 6.662  -16.005 4.441  9  A_DC9:DG6_B  A 9  ? B 6  ? 19 1 
1 A DC 10 1_555 B DG 5  1_555 0.254  -0.167 0.227  -9.025 -8.617  -1.147 10 A_DC10:DG5_B A 10 ? B 5  ? 19 1 
1 A DC 11 1_555 B DG 4  1_555 0.177  -0.089 0.244  -5.508 -2.967  -0.954 11 A_DC11:DG4_B A 11 ? B 4  ? 19 1 
1 A DG 12 1_555 B DC 3  1_555 -0.178 -0.139 -0.317 -3.999 3.711   0.382  12 A_DG12:DC3_B A 12 ? B 3  ? 19 1 
1 A DG 13 1_555 B DC 2  1_555 -0.266 -0.146 -0.138 -5.365 -3.617  0.434  13 A_DG13:DC2_B A 13 ? B 2  ? 19 1 
1 A DG 14 1_555 B DC 1  1_555 -0.300 -0.146 -0.036 -1.829 -0.949  -0.438 14 A_DG14:DC1_B A 14 ? B 1  ? 19 1 
# 
loop_
_ndb_struct_na_base_pair_step.model_number 
_ndb_struct_na_base_pair_step.i_label_asym_id_1 
_ndb_struct_na_base_pair_step.i_label_comp_id_1 
_ndb_struct_na_base_pair_step.i_label_seq_id_1 
_ndb_struct_na_base_pair_step.i_symmetry_1 
_ndb_struct_na_base_pair_step.j_label_asym_id_1 
_ndb_struct_na_base_pair_step.j_label_comp_id_1 
_ndb_struct_na_base_pair_step.j_label_seq_id_1 
_ndb_struct_na_base_pair_step.j_symmetry_1 
_ndb_struct_na_base_pair_step.i_label_asym_id_2 
_ndb_struct_na_base_pair_step.i_label_comp_id_2 
_ndb_struct_na_base_pair_step.i_label_seq_id_2 
_ndb_struct_na_base_pair_step.i_symmetry_2 
_ndb_struct_na_base_pair_step.j_label_asym_id_2 
_ndb_struct_na_base_pair_step.j_label_comp_id_2 
_ndb_struct_na_base_pair_step.j_label_seq_id_2 
_ndb_struct_na_base_pair_step.j_symmetry_2 
_ndb_struct_na_base_pair_step.shift 
_ndb_struct_na_base_pair_step.slide 
_ndb_struct_na_base_pair_step.rise 
_ndb_struct_na_base_pair_step.tilt 
_ndb_struct_na_base_pair_step.roll 
_ndb_struct_na_base_pair_step.twist 
_ndb_struct_na_base_pair_step.x_displacement 
_ndb_struct_na_base_pair_step.y_displacement 
_ndb_struct_na_base_pair_step.helical_rise 
_ndb_struct_na_base_pair_step.inclination 
_ndb_struct_na_base_pair_step.tip 
_ndb_struct_na_base_pair_step.helical_twist 
_ndb_struct_na_base_pair_step.step_number 
_ndb_struct_na_base_pair_step.step_name 
_ndb_struct_na_base_pair_step.i_auth_asym_id_1 
_ndb_struct_na_base_pair_step.i_auth_seq_id_1 
_ndb_struct_na_base_pair_step.i_PDB_ins_code_1 
_ndb_struct_na_base_pair_step.j_auth_asym_id_1 
_ndb_struct_na_base_pair_step.j_auth_seq_id_1 
_ndb_struct_na_base_pair_step.j_PDB_ins_code_1 
_ndb_struct_na_base_pair_step.i_auth_asym_id_2 
_ndb_struct_na_base_pair_step.i_auth_seq_id_2 
_ndb_struct_na_base_pair_step.i_PDB_ins_code_2 
_ndb_struct_na_base_pair_step.j_auth_asym_id_2 
_ndb_struct_na_base_pair_step.j_auth_seq_id_2 
_ndb_struct_na_base_pair_step.j_PDB_ins_code_2 
1 A DC 1  1_555 B DG 14 1_555 A DC 2  1_555 B DG 13 1_555 -0.635 -2.306 3.317 -3.226 0.364  28.241 -4.782 0.538  3.338 0.743  
6.584   28.423 1  AA_DC1DC2:DG13DG14_BB A 1  ? B 14 ? A 2  ? B 13 ? 
1 A DC 2  1_555 B DG 13 1_555 A DC 3  1_555 B DG 12 1_555 -0.147 -2.166 3.412 0.117  -1.589 27.098 -4.190 0.344  3.530 -3.388 
-0.250  27.144 2  AA_DC2DC3:DG12DG13_BB A 2  ? B 13 ? A 3  ? B 12 ? 
1 A DC 3  1_555 B DG 12 1_555 A DG 4  1_555 B DC 11 1_555 -0.829 -1.942 3.535 -5.155 -2.626 29.977 -3.102 0.420  3.774 -5.018 
9.851   30.518 3  AA_DC3DG4:DC11DG12_BB A 3  ? B 12 ? A 4  ? B 11 ? 
1 A DG 4  1_555 B DC 11 1_555 A DG 5  1_555 B DC 10 1_555 -1.125 -1.887 3.112 -3.958 6.746  26.188 -5.517 1.490  2.689 14.482 
8.498   27.312 4  AA_DG4DG5:DC10DC11_BB A 4  ? B 11 ? A 5  ? B 10 ? 
1 A DG 5  1_555 B DC 10 1_555 A DG 6  1_555 B DC 9  1_555 1.131  -1.412 3.580 3.790  13.490 34.349 -4.106 -1.252 2.943 21.754 
-6.112  37.017 5  AA_DG5DG6:DC9DC10_BB  A 5  ? B 10 ? A 6  ? B 9  ? 
1 A DG 6  1_555 B DC 9  1_555 A DT 7  1_555 B DA 8  1_555 -0.530 -1.440 3.230 -0.996 1.962  30.430 -3.119 0.813  3.148 3.732  
1.894   30.507 6  AA_DG6DT7:DA8DC9_BB   A 6  ? B 9  ? A 7  ? B 8  ? 
1 A DT 7  1_555 B DA 8  1_555 A DA 8  1_555 B DT 7  1_555 -0.011 -1.201 3.154 0.928  9.116  33.540 -3.292 0.149  2.742 15.442 
-1.571  34.734 7  AA_DT7DA8:DT7DA8_BB   A 7  ? B 8  ? A 8  ? B 7  ? 
1 A DA 8  1_555 B DT 7  1_555 A DC 9  1_555 B DG 6  1_555 0.563  -1.421 3.260 0.702  2.723  29.805 -3.302 -0.949 3.132 5.279  
-1.360  29.935 8  AA_DA8DC9:DG6DT7_BB   A 8  ? B 7  ? A 9  ? B 6  ? 
1 A DC 9  1_555 B DG 6  1_555 A DC 10 1_555 B DG 5  1_555 -1.127 -1.431 3.582 -5.165 14.025 33.890 -4.226 1.053  2.920 22.738 
8.374   36.950 9  AA_DC9DC10:DG5DG6_BB  A 9  ? B 6  ? A 10 ? B 5  ? 
1 A DC 10 1_555 B DG 5  1_555 A DC 11 1_555 B DG 4  1_555 1.080  -1.893 3.150 3.491  6.733  26.681 -5.439 -1.484 2.716 14.229 
-7.377  27.719 10 AA_DC10DC11:DG4DG5_BB A 10 ? B 5  ? A 11 ? B 4  ? 
1 A DC 11 1_555 B DG 4  1_555 A DG 12 1_555 B DC 3  1_555 0.794  -1.984 3.422 5.514  -4.697 30.054 -2.709 -0.298 3.764 -8.895 
-10.444 30.895 11 AA_DC11DG12:DC3DG4_BB A 11 ? B 4  ? A 12 ? B 3  ? 
1 A DG 12 1_555 B DC 3  1_555 A DG 13 1_555 B DC 2  1_555 0.130  -2.138 3.463 1.280  0.791  27.242 -4.740 0.059  3.403 1.679  
-2.716  27.283 12 AA_DG12DG13:DC2DC3_BB A 12 ? B 3  ? A 13 ? B 2  ? 
1 A DG 13 1_555 B DC 2  1_555 A DG 14 1_555 B DC 1  1_555 0.663  -2.320 3.275 0.893  -2.045 27.942 -4.292 -1.151 3.451 -4.226 
-1.845  28.029 13 AA_DG13DG14:DC1DC2_BB A 13 ? B 2  ? A 14 ? B 1  ? 
# 
loop_
_pdbx_entity_nonpoly.entity_id 
_pdbx_entity_nonpoly.name 
_pdbx_entity_nonpoly.comp_id 
2 'ZINC ION' ZN  
3 water      HOH 
# 
_pdbx_initial_refinement_model.id               1 
_pdbx_initial_refinement_model.entity_id_list   ? 
_pdbx_initial_refinement_model.type             'experimental model' 
_pdbx_initial_refinement_model.source_name      PDB 
_pdbx_initial_refinement_model.accession_code   3V9D 
_pdbx_initial_refinement_model.details          ? 
# 
_pdbx_related_exp_data_set.data_reference       10.5281/zenodo.2545595 
_pdbx_related_exp_data_set.data_set_type        'diffraction image data' 
_pdbx_related_exp_data_set.details              ? 
_pdbx_related_exp_data_set.metadata_reference   ? 
_pdbx_related_exp_data_set.ordinal              1 
# 
